data_5CMZ
# 
_entry.id   5CMZ 
# 
_audit_conform.dict_name       mmcif_pdbx.dic 
_audit_conform.dict_version    5.397 
_audit_conform.dict_location   http://mmcif.pdb.org/dictionaries/ascii/mmcif_pdbx.dic 
# 
loop_
_database_2.database_id 
_database_2.database_code 
_database_2.pdbx_database_accession 
_database_2.pdbx_DOI 
PDB   5CMZ         pdb_00005cmz 10.2210/pdb5cmz/pdb 
WWPDB D_1000211900 ?            ?                   
# 
loop_
_pdbx_audit_revision_history.ordinal 
_pdbx_audit_revision_history.data_content_type 
_pdbx_audit_revision_history.major_revision 
_pdbx_audit_revision_history.minor_revision 
_pdbx_audit_revision_history.revision_date 
1 'Structure model' 1 0 2015-09-16 
2 'Structure model' 1 1 2024-10-30 
# 
_pdbx_audit_revision_details.ordinal             1 
_pdbx_audit_revision_details.revision_ordinal    1 
_pdbx_audit_revision_details.data_content_type   'Structure model' 
_pdbx_audit_revision_details.provider            repository 
_pdbx_audit_revision_details.type                'Initial release' 
_pdbx_audit_revision_details.description         ? 
_pdbx_audit_revision_details.details             ? 
# 
loop_
_pdbx_audit_revision_group.ordinal 
_pdbx_audit_revision_group.revision_ordinal 
_pdbx_audit_revision_group.data_content_type 
_pdbx_audit_revision_group.group 
1 2 'Structure model' 'Data collection'      
2 2 'Structure model' 'Database references'  
3 2 'Structure model' 'Derived calculations' 
4 2 'Structure model' 'Structure summary'    
# 
loop_
_pdbx_audit_revision_category.ordinal 
_pdbx_audit_revision_category.revision_ordinal 
_pdbx_audit_revision_category.data_content_type 
_pdbx_audit_revision_category.category 
1 2 'Structure model' chem_comp_atom            
2 2 'Structure model' chem_comp_bond            
3 2 'Structure model' database_2                
4 2 'Structure model' pdbx_entry_details        
5 2 'Structure model' pdbx_modification_feature 
6 2 'Structure model' pdbx_struct_oper_list     
# 
loop_
_pdbx_audit_revision_item.ordinal 
_pdbx_audit_revision_item.revision_ordinal 
_pdbx_audit_revision_item.data_content_type 
_pdbx_audit_revision_item.item 
1 2 'Structure model' '_database_2.pdbx_DOI'                      
2 2 'Structure model' '_database_2.pdbx_database_accession'       
3 2 'Structure model' '_pdbx_struct_oper_list.symmetry_operation' 
# 
_pdbx_database_status.status_code                     REL 
_pdbx_database_status.status_code_sf                  REL 
_pdbx_database_status.status_code_mr                  ? 
_pdbx_database_status.entry_id                        5CMZ 
_pdbx_database_status.recvd_initial_deposition_date   2015-07-17 
_pdbx_database_status.SG_entry                        N 
_pdbx_database_status.deposit_site                    RCSB 
_pdbx_database_status.process_site                    PDBJ 
_pdbx_database_status.status_code_cs                  ? 
_pdbx_database_status.methods_development_category    ? 
_pdbx_database_status.pdb_format_compatible           Y 
_pdbx_database_status.status_code_nmr_data            ? 
# 
loop_
_pdbx_database_related.db_name 
_pdbx_database_related.details 
_pdbx_database_related.db_id 
_pdbx_database_related.content_type 
PDB . 5CMU unspecified 
PDB . 5CN0 unspecified 
# 
loop_
_audit_author.name 
_audit_author.pdbx_ordinal 
'Zhu, Y.'   1 
'Ye, S.'    2 
'Zhang, R.' 3 
# 
_citation.abstract                  ? 
_citation.abstract_id_CAS           ? 
_citation.book_id_ISBN              ? 
_citation.book_publisher            ? 
_citation.book_publisher_city       ? 
_citation.book_title                ? 
_citation.coordinate_linkage        ? 
_citation.country                   UK 
_citation.database_id_Medline       ? 
_citation.details                   ? 
_citation.id                        primary 
_citation.journal_abbrev            'Sci Rep' 
_citation.journal_id_ASTM           ? 
_citation.journal_id_CSD            ? 
_citation.journal_id_ISSN           2045-2322 
_citation.journal_full              ? 
_citation.journal_issue             ? 
_citation.journal_volume            5 
_citation.language                  ? 
_citation.page_first                13028 
_citation.page_last                 13028 
_citation.title                     
;Improved Pharmacological and Structural Properties of HIV Fusion Inhibitor AP3 over Enfuvirtide: Highlighting Advantages of Artificial Peptide Strategy.
;
_citation.year                      2015 
_citation.database_id_CSD           ? 
_citation.pdbx_database_id_DOI      10.1038/srep13028 
_citation.pdbx_database_id_PubMed   26286358 
_citation.unpublished_flag          ? 
# 
loop_
_citation_author.citation_id 
_citation_author.name 
_citation_author.ordinal 
_citation_author.identifier_ORCID 
primary 'Zhu, X.'   1  ? 
primary 'Zhu, Y.'   2  ? 
primary 'Ye, S.'    3  ? 
primary 'Wang, Q.'  4  ? 
primary 'Xu, W.'    5  ? 
primary 'Su, S.'    6  ? 
primary 'Sun, Z.'   7  ? 
primary 'Yu, F.'    8  ? 
primary 'Liu, Q.'   9  ? 
primary 'Wang, C.'  10 ? 
primary 'Zhang, T.' 11 ? 
primary 'Zhang, Z.' 12 ? 
primary 'Zhang, X.' 13 ? 
primary 'Xu, J.'    14 ? 
primary 'Du, L.'    15 ? 
primary 'Liu, K.'   16 ? 
primary 'Lu, L.'    17 ? 
primary 'Zhang, R.' 18 ? 
primary 'Jiang, S.' 19 ? 
# 
loop_
_entity.id 
_entity.type 
_entity.src_method 
_entity.pdbx_description 
_entity.formula_weight 
_entity.pdbx_number_of_molecules 
_entity.pdbx_ec 
_entity.pdbx_mutation 
_entity.pdbx_fragment 
_entity.details 
1 polymer     man 'Envelope glycoprotein'              5230.056 2  ? ? 'UNP RESIDUES 35-79' ? 
2 polymer     syn 'Artificial HIV entry inhibitor AP3' 4682.471 2  ? ? ?                    ? 
3 non-polymer syn 'SULFATE ION'                        96.063   1  ? ? ?                    ? 
4 non-polymer syn 1,2-ETHANEDIOL                       62.068   1  ? ? ?                    ? 
5 non-polymer nat '1-ETHOXY-2-(2-ETHOXYETHOXY)ETHANE'  162.227  1  ? ? ?                    ? 
6 water       nat water                                18.015   37 ? ? ?                    ? 
# 
_entity_name_com.entity_id   1 
_entity_name_com.name        go41 
# 
loop_
_entity_poly.entity_id 
_entity_poly.type 
_entity_poly.nstd_linkage 
_entity_poly.nstd_monomer 
_entity_poly.pdbx_seq_one_letter_code 
_entity_poly.pdbx_seq_one_letter_code_can 
_entity_poly.pdbx_strand_id 
_entity_poly.pdbx_target_identifier 
1 'polypeptide(L)' no yes 'SGIVQQQNNLLRAIEAQQHLLQLTVWGIKQLQARILAVERYLKDQ(NH2)' SGIVQQQNNLLRAIEAQQHLLQLTVWGIKQLQARILAVERYLKDQX A,C 
? 
2 'polypeptide(L)' no yes '(ACE)MTWEEWDKKIEELIKKSEELIKKIEEQIKKQEESIKK'         XMTWEEWDKKIEELIKKSEELIKKIEEQIKKQEESIKK         B,D 
? 
# 
loop_
_pdbx_entity_nonpoly.entity_id 
_pdbx_entity_nonpoly.name 
_pdbx_entity_nonpoly.comp_id 
3 'SULFATE ION'                       SO4 
4 1,2-ETHANEDIOL                      EDO 
5 '1-ETHOXY-2-(2-ETHOXYETHOXY)ETHANE' P4G 
6 water                               HOH 
# 
loop_
_entity_poly_seq.entity_id 
_entity_poly_seq.num 
_entity_poly_seq.mon_id 
_entity_poly_seq.hetero 
1 1  SER n 
1 2  GLY n 
1 3  ILE n 
1 4  VAL n 
1 5  GLN n 
1 6  GLN n 
1 7  GLN n 
1 8  ASN n 
1 9  ASN n 
1 10 LEU n 
1 11 LEU n 
1 12 ARG n 
1 13 ALA n 
1 14 ILE n 
1 15 GLU n 
1 16 ALA n 
1 17 GLN n 
1 18 GLN n 
1 19 HIS n 
1 20 LEU n 
1 21 LEU n 
1 22 GLN n 
1 23 LEU n 
1 24 THR n 
1 25 VAL n 
1 26 TRP n 
1 27 GLY n 
1 28 ILE n 
1 29 LYS n 
1 30 GLN n 
1 31 LEU n 
1 32 GLN n 
1 33 ALA n 
1 34 ARG n 
1 35 ILE n 
1 36 LEU n 
1 37 ALA n 
1 38 VAL n 
1 39 GLU n 
1 40 ARG n 
1 41 TYR n 
1 42 LEU n 
1 43 LYS n 
1 44 ASP n 
1 45 GLN n 
1 46 NH2 n 
2 1  ACE n 
2 2  MET n 
2 3  THR n 
2 4  TRP n 
2 5  GLU n 
2 6  GLU n 
2 7  TRP n 
2 8  ASP n 
2 9  LYS n 
2 10 LYS n 
2 11 ILE n 
2 12 GLU n 
2 13 GLU n 
2 14 LEU n 
2 15 ILE n 
2 16 LYS n 
2 17 LYS n 
2 18 SER n 
2 19 GLU n 
2 20 GLU n 
2 21 LEU n 
2 22 ILE n 
2 23 LYS n 
2 24 LYS n 
2 25 ILE n 
2 26 GLU n 
2 27 GLU n 
2 28 GLN n 
2 29 ILE n 
2 30 LYS n 
2 31 LYS n 
2 32 GLN n 
2 33 GLU n 
2 34 GLU n 
2 35 SER n 
2 36 ILE n 
2 37 LYS n 
2 38 LYS n 
# 
_entity_src_gen.entity_id                          1 
_entity_src_gen.pdbx_src_id                        1 
_entity_src_gen.pdbx_alt_source_flag               sample 
_entity_src_gen.pdbx_seq_type                      'Biological sequence' 
_entity_src_gen.pdbx_beg_seq_num                   1 
_entity_src_gen.pdbx_end_seq_num                   46 
_entity_src_gen.gene_src_common_name               HIV1 
_entity_src_gen.gene_src_genus                     ? 
_entity_src_gen.pdbx_gene_src_gene                 env 
_entity_src_gen.gene_src_species                   ? 
_entity_src_gen.gene_src_strain                    ? 
_entity_src_gen.gene_src_tissue                    ? 
_entity_src_gen.gene_src_tissue_fraction           ? 
_entity_src_gen.gene_src_details                   ? 
_entity_src_gen.pdbx_gene_src_fragment             ? 
_entity_src_gen.pdbx_gene_src_scientific_name      'Human immunodeficiency virus 1' 
_entity_src_gen.pdbx_gene_src_ncbi_taxonomy_id     11676 
_entity_src_gen.pdbx_gene_src_variant              ? 
_entity_src_gen.pdbx_gene_src_cell_line            ? 
_entity_src_gen.pdbx_gene_src_atcc                 ? 
_entity_src_gen.pdbx_gene_src_organ                ? 
_entity_src_gen.pdbx_gene_src_organelle            ? 
_entity_src_gen.pdbx_gene_src_cell                 ? 
_entity_src_gen.pdbx_gene_src_cellular_location    ? 
_entity_src_gen.host_org_common_name               ? 
_entity_src_gen.pdbx_host_org_scientific_name      'Escherichia coli' 
_entity_src_gen.pdbx_host_org_ncbi_taxonomy_id     562 
_entity_src_gen.host_org_genus                     ? 
_entity_src_gen.pdbx_host_org_gene                 ? 
_entity_src_gen.pdbx_host_org_organ                ? 
_entity_src_gen.host_org_species                   ? 
_entity_src_gen.pdbx_host_org_tissue               ? 
_entity_src_gen.pdbx_host_org_tissue_fraction      ? 
_entity_src_gen.pdbx_host_org_strain               ? 
_entity_src_gen.pdbx_host_org_variant              ? 
_entity_src_gen.pdbx_host_org_cell_line            ? 
_entity_src_gen.pdbx_host_org_atcc                 ? 
_entity_src_gen.pdbx_host_org_culture_collection   ? 
_entity_src_gen.pdbx_host_org_cell                 ? 
_entity_src_gen.pdbx_host_org_organelle            ? 
_entity_src_gen.pdbx_host_org_cellular_location    ? 
_entity_src_gen.pdbx_host_org_vector_type          ? 
_entity_src_gen.pdbx_host_org_vector               ? 
_entity_src_gen.host_org_details                   ? 
_entity_src_gen.expression_system_id               ? 
_entity_src_gen.plasmid_name                       ? 
_entity_src_gen.plasmid_details                    ? 
_entity_src_gen.pdbx_description                   ? 
# 
_pdbx_entity_src_syn.entity_id              2 
_pdbx_entity_src_syn.pdbx_src_id            1 
_pdbx_entity_src_syn.pdbx_alt_source_flag   sample 
_pdbx_entity_src_syn.pdbx_beg_seq_num       1 
_pdbx_entity_src_syn.pdbx_end_seq_num       38 
_pdbx_entity_src_syn.organism_scientific    'synthetic construct' 
_pdbx_entity_src_syn.organism_common_name   ? 
_pdbx_entity_src_syn.ncbi_taxonomy_id       32630 
_pdbx_entity_src_syn.details                ? 
# 
loop_
_chem_comp.id 
_chem_comp.type 
_chem_comp.mon_nstd_flag 
_chem_comp.name 
_chem_comp.pdbx_synonyms 
_chem_comp.formula 
_chem_comp.formula_weight 
ACE non-polymer         . 'ACETYL GROUP'                      ?                 'C2 H4 O'        44.053  
ALA 'L-peptide linking' y ALANINE                             ?                 'C3 H7 N O2'     89.093  
ARG 'L-peptide linking' y ARGININE                            ?                 'C6 H15 N4 O2 1' 175.209 
ASN 'L-peptide linking' y ASPARAGINE                          ?                 'C4 H8 N2 O3'    132.118 
ASP 'L-peptide linking' y 'ASPARTIC ACID'                     ?                 'C4 H7 N O4'     133.103 
EDO non-polymer         . 1,2-ETHANEDIOL                      'ETHYLENE GLYCOL' 'C2 H6 O2'       62.068  
GLN 'L-peptide linking' y GLUTAMINE                           ?                 'C5 H10 N2 O3'   146.144 
GLU 'L-peptide linking' y 'GLUTAMIC ACID'                     ?                 'C5 H9 N O4'     147.129 
GLY 'peptide linking'   y GLYCINE                             ?                 'C2 H5 N O2'     75.067  
HIS 'L-peptide linking' y HISTIDINE                           ?                 'C6 H10 N3 O2 1' 156.162 
HOH non-polymer         . WATER                               ?                 'H2 O'           18.015  
ILE 'L-peptide linking' y ISOLEUCINE                          ?                 'C6 H13 N O2'    131.173 
LEU 'L-peptide linking' y LEUCINE                             ?                 'C6 H13 N O2'    131.173 
LYS 'L-peptide linking' y LYSINE                              ?                 'C6 H15 N2 O2 1' 147.195 
MET 'L-peptide linking' y METHIONINE                          ?                 'C5 H11 N O2 S'  149.211 
NH2 non-polymer         . 'AMINO GROUP'                       ?                 'H2 N'           16.023  
P4G non-polymer         . '1-ETHOXY-2-(2-ETHOXYETHOXY)ETHANE' ?                 'C8 H18 O3'      162.227 
SER 'L-peptide linking' y SERINE                              ?                 'C3 H7 N O3'     105.093 
SO4 non-polymer         . 'SULFATE ION'                       ?                 'O4 S -2'        96.063  
THR 'L-peptide linking' y THREONINE                           ?                 'C4 H9 N O3'     119.119 
TRP 'L-peptide linking' y TRYPTOPHAN                          ?                 'C11 H12 N2 O2'  204.225 
TYR 'L-peptide linking' y TYROSINE                            ?                 'C9 H11 N O3'    181.189 
VAL 'L-peptide linking' y VALINE                              ?                 'C5 H11 N O2'    117.146 
# 
loop_
_pdbx_poly_seq_scheme.asym_id 
_pdbx_poly_seq_scheme.entity_id 
_pdbx_poly_seq_scheme.seq_id 
_pdbx_poly_seq_scheme.mon_id 
_pdbx_poly_seq_scheme.ndb_seq_num 
_pdbx_poly_seq_scheme.pdb_seq_num 
_pdbx_poly_seq_scheme.auth_seq_num 
_pdbx_poly_seq_scheme.pdb_mon_id 
_pdbx_poly_seq_scheme.auth_mon_id 
_pdbx_poly_seq_scheme.pdb_strand_id 
_pdbx_poly_seq_scheme.pdb_ins_code 
_pdbx_poly_seq_scheme.hetero 
A 1 1  SER 1  1   ?   ?   ?   A . n 
A 1 2  GLY 2  2   ?   ?   ?   A . n 
A 1 3  ILE 3  3   3   ILE ILE A . n 
A 1 4  VAL 4  4   4   VAL VAL A . n 
A 1 5  GLN 5  5   5   GLN GLN A . n 
A 1 6  GLN 6  6   6   GLN GLN A . n 
A 1 7  GLN 7  7   7   GLN GLN A . n 
A 1 8  ASN 8  8   8   ASN ASN A . n 
A 1 9  ASN 9  9   9   ASN ASN A . n 
A 1 10 LEU 10 10  10  LEU LEU A . n 
A 1 11 LEU 11 11  11  LEU LEU A . n 
A 1 12 ARG 12 12  12  ARG ARG A . n 
A 1 13 ALA 13 13  13  ALA ALA A . n 
A 1 14 ILE 14 14  14  ILE ILE A . n 
A 1 15 GLU 15 15  15  GLU GLU A . n 
A 1 16 ALA 16 16  16  ALA ALA A . n 
A 1 17 GLN 17 17  17  GLN GLN A . n 
A 1 18 GLN 18 18  18  GLN GLN A . n 
A 1 19 HIS 19 19  19  HIS HIS A . n 
A 1 20 LEU 20 20  20  LEU LEU A . n 
A 1 21 LEU 21 21  21  LEU LEU A . n 
A 1 22 GLN 22 22  22  GLN GLN A . n 
A 1 23 LEU 23 23  23  LEU LEU A . n 
A 1 24 THR 24 24  24  THR THR A . n 
A 1 25 VAL 25 25  25  VAL VAL A . n 
A 1 26 TRP 26 26  26  TRP TRP A . n 
A 1 27 GLY 27 27  27  GLY GLY A . n 
A 1 28 ILE 28 28  28  ILE ILE A . n 
A 1 29 LYS 29 29  29  LYS LYS A . n 
A 1 30 GLN 30 30  30  GLN GLN A . n 
A 1 31 LEU 31 31  31  LEU LEU A . n 
A 1 32 GLN 32 32  32  GLN GLN A . n 
A 1 33 ALA 33 33  33  ALA ALA A . n 
A 1 34 ARG 34 34  34  ARG ARG A . n 
A 1 35 ILE 35 35  35  ILE ILE A . n 
A 1 36 LEU 36 36  36  LEU LEU A . n 
A 1 37 ALA 37 37  37  ALA ALA A . n 
A 1 38 VAL 38 38  38  VAL VAL A . n 
A 1 39 GLU 39 39  39  GLU GLU A . n 
A 1 40 ARG 40 40  40  ARG ARG A . n 
A 1 41 TYR 41 41  41  TYR TYR A . n 
A 1 42 LEU 42 42  42  LEU LEU A . n 
A 1 43 LYS 43 43  43  LYS LYS A . n 
A 1 44 ASP 44 44  44  ASP ASP A . n 
A 1 45 GLN 45 45  45  GLN GLN A . n 
A 1 46 NH2 46 100 100 NH2 NH2 A . n 
B 2 1  ACE 1  40  40  ACE ACE B . n 
B 2 2  MET 2  41  41  MET MET B . n 
B 2 3  THR 3  42  42  THR THR B . n 
B 2 4  TRP 4  43  43  TRP TRP B . n 
B 2 5  GLU 5  44  44  GLU GLU B . n 
B 2 6  GLU 6  45  45  GLU GLU B . n 
B 2 7  TRP 7  46  46  TRP TRP B . n 
B 2 8  ASP 8  47  47  ASP ASP B . n 
B 2 9  LYS 9  48  48  LYS LYS B . n 
B 2 10 LYS 10 49  49  LYS LYS B . n 
B 2 11 ILE 11 50  50  ILE ILE B . n 
B 2 12 GLU 12 51  51  GLU GLU B . n 
B 2 13 GLU 13 52  52  GLU GLU B . n 
B 2 14 LEU 14 53  53  LEU LEU B . n 
B 2 15 ILE 15 54  54  ILE ILE B . n 
B 2 16 LYS 16 55  55  LYS LYS B . n 
B 2 17 LYS 17 56  56  LYS LYS B . n 
B 2 18 SER 18 57  57  SER SER B . n 
B 2 19 GLU 19 58  58  GLU GLU B . n 
B 2 20 GLU 20 59  59  GLU GLU B . n 
B 2 21 LEU 21 60  60  LEU LEU B . n 
B 2 22 ILE 22 61  61  ILE ILE B . n 
B 2 23 LYS 23 62  62  LYS LYS B . n 
B 2 24 LYS 24 63  63  LYS LYS B . n 
B 2 25 ILE 25 64  64  ILE ILE B . n 
B 2 26 GLU 26 65  65  GLU GLU B . n 
B 2 27 GLU 27 66  66  GLU GLU B . n 
B 2 28 GLN 28 67  67  GLN GLN B . n 
B 2 29 ILE 29 68  68  ILE ILE B . n 
B 2 30 LYS 30 69  69  LYS LYS B . n 
B 2 31 LYS 31 70  70  LYS LYS B . n 
B 2 32 GLN 32 71  71  GLN GLN B . n 
B 2 33 GLU 33 72  72  GLU GLU B . n 
B 2 34 GLU 34 73  ?   ?   ?   B . n 
B 2 35 SER 35 74  ?   ?   ?   B . n 
B 2 36 ILE 36 75  ?   ?   ?   B . n 
B 2 37 LYS 37 76  ?   ?   ?   B . n 
B 2 38 LYS 38 77  ?   ?   ?   B . n 
C 1 1  SER 1  1   1   SER SER C . n 
C 1 2  GLY 2  2   2   GLY GLY C . n 
C 1 3  ILE 3  3   3   ILE ILE C . n 
C 1 4  VAL 4  4   4   VAL VAL C . n 
C 1 5  GLN 5  5   5   GLN GLN C . n 
C 1 6  GLN 6  6   6   GLN GLN C . n 
C 1 7  GLN 7  7   7   GLN GLN C . n 
C 1 8  ASN 8  8   8   ASN ASN C . n 
C 1 9  ASN 9  9   9   ASN ASN C . n 
C 1 10 LEU 10 10  10  LEU LEU C . n 
C 1 11 LEU 11 11  11  LEU LEU C . n 
C 1 12 ARG 12 12  12  ARG ARG C . n 
C 1 13 ALA 13 13  13  ALA ALA C . n 
C 1 14 ILE 14 14  14  ILE ILE C . n 
C 1 15 GLU 15 15  15  GLU GLU C . n 
C 1 16 ALA 16 16  16  ALA ALA C . n 
C 1 17 GLN 17 17  17  GLN GLN C . n 
C 1 18 GLN 18 18  18  GLN GLN C . n 
C 1 19 HIS 19 19  19  HIS HIS C . n 
C 1 20 LEU 20 20  20  LEU LEU C . n 
C 1 21 LEU 21 21  21  LEU LEU C . n 
C 1 22 GLN 22 22  22  GLN GLN C . n 
C 1 23 LEU 23 23  23  LEU LEU C . n 
C 1 24 THR 24 24  24  THR THR C . n 
C 1 25 VAL 25 25  25  VAL VAL C . n 
C 1 26 TRP 26 26  26  TRP TRP C . n 
C 1 27 GLY 27 27  27  GLY GLY C . n 
C 1 28 ILE 28 28  28  ILE ILE C . n 
C 1 29 LYS 29 29  29  LYS LYS C . n 
C 1 30 GLN 30 30  30  GLN GLN C . n 
C 1 31 LEU 31 31  31  LEU LEU C . n 
C 1 32 GLN 32 32  32  GLN GLN C . n 
C 1 33 ALA 33 33  33  ALA ALA C . n 
C 1 34 ARG 34 34  34  ARG ARG C . n 
C 1 35 ILE 35 35  35  ILE ILE C . n 
C 1 36 LEU 36 36  36  LEU LEU C . n 
C 1 37 ALA 37 37  37  ALA ALA C . n 
C 1 38 VAL 38 38  38  VAL VAL C . n 
C 1 39 GLU 39 39  39  GLU GLU C . n 
C 1 40 ARG 40 40  40  ARG ARG C . n 
C 1 41 TYR 41 41  41  TYR TYR C . n 
C 1 42 LEU 42 42  42  LEU LEU C . n 
C 1 43 LYS 43 43  43  LYS LYS C . n 
C 1 44 ASP 44 44  44  ASP ASP C . n 
C 1 45 GLN 45 45  45  GLN GLN C . n 
C 1 46 NH2 46 100 100 NH2 NH2 C . n 
D 2 1  ACE 1  40  40  ACE ACE D . n 
D 2 2  MET 2  41  41  MET MET D . n 
D 2 3  THR 3  42  42  THR THR D . n 
D 2 4  TRP 4  43  43  TRP TRP D . n 
D 2 5  GLU 5  44  44  GLU GLU D . n 
D 2 6  GLU 6  45  45  GLU GLU D . n 
D 2 7  TRP 7  46  46  TRP TRP D . n 
D 2 8  ASP 8  47  47  ASP ASP D . n 
D 2 9  LYS 9  48  48  LYS LYS D . n 
D 2 10 LYS 10 49  49  LYS LYS D . n 
D 2 11 ILE 11 50  50  ILE ILE D . n 
D 2 12 GLU 12 51  51  GLU GLU D . n 
D 2 13 GLU 13 52  52  GLU GLU D . n 
D 2 14 LEU 14 53  53  LEU LEU D . n 
D 2 15 ILE 15 54  54  ILE ILE D . n 
D 2 16 LYS 16 55  55  LYS LYS D . n 
D 2 17 LYS 17 56  56  LYS LYS D . n 
D 2 18 SER 18 57  57  SER SER D . n 
D 2 19 GLU 19 58  58  GLU GLU D . n 
D 2 20 GLU 20 59  59  GLU GLU D . n 
D 2 21 LEU 21 60  60  LEU LEU D . n 
D 2 22 ILE 22 61  61  ILE ILE D . n 
D 2 23 LYS 23 62  62  LYS LYS D . n 
D 2 24 LYS 24 63  63  LYS LYS D . n 
D 2 25 ILE 25 64  64  ILE ILE D . n 
D 2 26 GLU 26 65  65  GLU GLU D . n 
D 2 27 GLU 27 66  66  GLU GLU D . n 
D 2 28 GLN 28 67  67  GLN GLN D . n 
D 2 29 ILE 29 68  68  ILE ILE D . n 
D 2 30 LYS 30 69  69  LYS LYS D . n 
D 2 31 LYS 31 70  70  LYS LYS D . n 
D 2 32 GLN 32 71  71  GLN GLN D . n 
D 2 33 GLU 33 72  72  GLU GLU D . n 
D 2 34 GLU 34 73  73  GLU GLU D . n 
D 2 35 SER 35 74  74  SER SER D . n 
D 2 36 ILE 36 75  ?   ?   ?   D . n 
D 2 37 LYS 37 76  ?   ?   ?   D . n 
D 2 38 LYS 38 77  ?   ?   ?   D . n 
# 
loop_
_pdbx_nonpoly_scheme.asym_id 
_pdbx_nonpoly_scheme.entity_id 
_pdbx_nonpoly_scheme.mon_id 
_pdbx_nonpoly_scheme.ndb_seq_num 
_pdbx_nonpoly_scheme.pdb_seq_num 
_pdbx_nonpoly_scheme.auth_seq_num 
_pdbx_nonpoly_scheme.pdb_mon_id 
_pdbx_nonpoly_scheme.auth_mon_id 
_pdbx_nonpoly_scheme.pdb_strand_id 
_pdbx_nonpoly_scheme.pdb_ins_code 
E 3 SO4 1  201 61 SO4 SO4 A . 
F 4 EDO 1  202 62 EDO EDO A . 
G 5 P4G 1  203 63 P4G P4G A . 
H 6 HOH 1  301 26 HOH HOH A . 
H 6 HOH 2  302 28 HOH HOH A . 
H 6 HOH 3  303 16 HOH HOH A . 
H 6 HOH 4  304 19 HOH HOH A . 
H 6 HOH 5  305 24 HOH HOH A . 
H 6 HOH 6  306 20 HOH HOH A . 
H 6 HOH 7  307 3  HOH HOH A . 
H 6 HOH 8  308 32 HOH HOH A . 
H 6 HOH 9  309 1  HOH HOH A . 
H 6 HOH 10 310 18 HOH HOH A . 
H 6 HOH 11 311 11 HOH HOH A . 
H 6 HOH 12 312 2  HOH HOH A . 
H 6 HOH 13 313 17 HOH HOH A . 
H 6 HOH 14 314 33 HOH HOH A . 
H 6 HOH 15 315 8  HOH HOH A . 
H 6 HOH 16 316 34 HOH HOH A . 
H 6 HOH 17 317 37 HOH HOH A . 
H 6 HOH 18 318 14 HOH HOH A . 
H 6 HOH 19 319 22 HOH HOH A . 
I 6 HOH 1  101 23 HOH HOH B . 
I 6 HOH 2  102 21 HOH HOH B . 
J 6 HOH 1  201 12 HOH HOH C . 
J 6 HOH 2  202 35 HOH HOH C . 
J 6 HOH 3  203 29 HOH HOH C . 
J 6 HOH 4  204 7  HOH HOH C . 
J 6 HOH 5  205 31 HOH HOH C . 
J 6 HOH 6  206 6  HOH HOH C . 
J 6 HOH 7  207 4  HOH HOH C . 
J 6 HOH 8  208 5  HOH HOH C . 
J 6 HOH 9  209 13 HOH HOH C . 
J 6 HOH 10 210 36 HOH HOH C . 
J 6 HOH 11 211 10 HOH HOH C . 
J 6 HOH 12 212 9  HOH HOH C . 
J 6 HOH 13 213 15 HOH HOH C . 
J 6 HOH 14 214 30 HOH HOH C . 
J 6 HOH 15 215 27 HOH HOH C . 
K 6 HOH 1  101 25 HOH HOH D . 
# 
loop_
_software.citation_id 
_software.classification 
_software.compiler_name 
_software.compiler_version 
_software.contact_author 
_software.contact_author_email 
_software.date 
_software.description 
_software.dependencies 
_software.hardware 
_software.language 
_software.location 
_software.mods 
_software.name 
_software.os 
_software.os_version 
_software.type 
_software.version 
_software.pdbx_ordinal 
? refinement       ? ? ? ? ? ? ? ? ? ? ? PHENIX   ? ? ? 1.8.1_1168 1 
? 'data reduction' ? ? ? ? ? ? ? ? ? ? ? HKL-2000 ? ? ? .          2 
? 'data scaling'   ? ? ? ? ? ? ? ? ? ? ? HKL-2000 ? ? ? .          3 
? phasing          ? ? ? ? ? ? ? ? ? ? ? PHASER   ? ? ? .          4 
# 
_cell.angle_alpha                  90.00 
_cell.angle_alpha_esd              ? 
_cell.angle_beta                   90.00 
_cell.angle_beta_esd               ? 
_cell.angle_gamma                  120.00 
_cell.angle_gamma_esd              ? 
_cell.entry_id                     5CMZ 
_cell.details                      ? 
_cell.formula_units_Z              ? 
_cell.length_a                     44.403 
_cell.length_a_esd                 ? 
_cell.length_b                     44.403 
_cell.length_b_esd                 ? 
_cell.length_c                     227.897 
_cell.length_c_esd                 ? 
_cell.volume                       ? 
_cell.volume_esd                   ? 
_cell.Z_PDB                        12 
_cell.reciprocal_angle_alpha       ? 
_cell.reciprocal_angle_beta        ? 
_cell.reciprocal_angle_gamma       ? 
_cell.reciprocal_angle_alpha_esd   ? 
_cell.reciprocal_angle_beta_esd    ? 
_cell.reciprocal_angle_gamma_esd   ? 
_cell.reciprocal_length_a          ? 
_cell.reciprocal_length_b          ? 
_cell.reciprocal_length_c          ? 
_cell.reciprocal_length_a_esd      ? 
_cell.reciprocal_length_b_esd      ? 
_cell.reciprocal_length_c_esd      ? 
_cell.pdbx_unique_axis             ? 
# 
_symmetry.entry_id                         5CMZ 
_symmetry.cell_setting                     ? 
_symmetry.Int_Tables_number                173 
_symmetry.space_group_name_Hall            ? 
_symmetry.space_group_name_H-M             'P 63' 
_symmetry.pdbx_full_space_group_name_H-M   ? 
# 
_exptl.absorpt_coefficient_mu     ? 
_exptl.absorpt_correction_T_max   ? 
_exptl.absorpt_correction_T_min   ? 
_exptl.absorpt_correction_type    ? 
_exptl.absorpt_process_details    ? 
_exptl.entry_id                   5CMZ 
_exptl.crystals_number            ? 
_exptl.details                    ? 
_exptl.method                     'X-RAY DIFFRACTION' 
_exptl.method_details             ? 
# 
_exptl_crystal.colour                      ? 
_exptl_crystal.density_diffrn              ? 
_exptl_crystal.density_Matthews            3.33 
_exptl_crystal.density_method              ? 
_exptl_crystal.density_percent_sol         63.06 
_exptl_crystal.description                 ? 
_exptl_crystal.F_000                       ? 
_exptl_crystal.id                          1 
_exptl_crystal.preparation                 ? 
_exptl_crystal.size_max                    ? 
_exptl_crystal.size_mid                    ? 
_exptl_crystal.size_min                    ? 
_exptl_crystal.size_rad                    ? 
_exptl_crystal.colour_lustre               ? 
_exptl_crystal.colour_modifier             ? 
_exptl_crystal.colour_primary              ? 
_exptl_crystal.density_meas                ? 
_exptl_crystal.density_meas_esd            ? 
_exptl_crystal.density_meas_gt             ? 
_exptl_crystal.density_meas_lt             ? 
_exptl_crystal.density_meas_temp           ? 
_exptl_crystal.density_meas_temp_esd       ? 
_exptl_crystal.density_meas_temp_gt        ? 
_exptl_crystal.density_meas_temp_lt        ? 
_exptl_crystal.pdbx_crystal_image_url      ? 
_exptl_crystal.pdbx_crystal_image_format   ? 
_exptl_crystal.pdbx_mosaicity              ? 
_exptl_crystal.pdbx_mosaicity_esd          ? 
# 
_exptl_crystal_grow.apparatus       ? 
_exptl_crystal_grow.atmosphere      ? 
_exptl_crystal_grow.crystal_id      1 
_exptl_crystal_grow.details         ? 
_exptl_crystal_grow.method          'VAPOR DIFFUSION, HANGING DROP' 
_exptl_crystal_grow.method_ref      ? 
_exptl_crystal_grow.pH              6.5 
_exptl_crystal_grow.pressure        ? 
_exptl_crystal_grow.pressure_esd    ? 
_exptl_crystal_grow.seeding         ? 
_exptl_crystal_grow.seeding_ref     ? 
_exptl_crystal_grow.temp            289 
_exptl_crystal_grow.temp_details    ? 
_exptl_crystal_grow.temp_esd        ? 
_exptl_crystal_grow.time            ? 
_exptl_crystal_grow.pdbx_details    '0.2M Ammonium Sulfate, 0.1M Bis-Tris pH 6.5, 25% w/v PEG 3350' 
_exptl_crystal_grow.pdbx_pH_range   ? 
# 
_diffrn.ambient_environment    ? 
_diffrn.ambient_temp           100 
_diffrn.ambient_temp_details   ? 
_diffrn.ambient_temp_esd       ? 
_diffrn.crystal_id             1 
_diffrn.crystal_support        ? 
_diffrn.crystal_treatment      ? 
_diffrn.details                ? 
_diffrn.id                     1 
_diffrn.ambient_pressure       ? 
_diffrn.ambient_pressure_esd   ? 
_diffrn.ambient_pressure_gt    ? 
_diffrn.ambient_pressure_lt    ? 
_diffrn.ambient_temp_gt        ? 
_diffrn.ambient_temp_lt        ? 
# 
_diffrn_detector.details                      ? 
_diffrn_detector.detector                     PIXEL 
_diffrn_detector.diffrn_id                    1 
_diffrn_detector.type                         'PSI PILATUS 6M' 
_diffrn_detector.area_resol_mean              ? 
_diffrn_detector.dtime                        ? 
_diffrn_detector.pdbx_frames_total            ? 
_diffrn_detector.pdbx_collection_time_total   ? 
_diffrn_detector.pdbx_collection_date         2014-09-26 
# 
_diffrn_radiation.collimation                      ? 
_diffrn_radiation.diffrn_id                        1 
_diffrn_radiation.filter_edge                      ? 
_diffrn_radiation.inhomogeneity                    ? 
_diffrn_radiation.monochromator                    ? 
_diffrn_radiation.polarisn_norm                    ? 
_diffrn_radiation.polarisn_ratio                   ? 
_diffrn_radiation.probe                            ? 
_diffrn_radiation.type                             ? 
_diffrn_radiation.xray_symbol                      ? 
_diffrn_radiation.wavelength_id                    1 
_diffrn_radiation.pdbx_monochromatic_or_laue_m_l   M 
_diffrn_radiation.pdbx_wavelength_list             ? 
_diffrn_radiation.pdbx_wavelength                  ? 
_diffrn_radiation.pdbx_diffrn_protocol             'SINGLE WAVELENGTH' 
_diffrn_radiation.pdbx_analyzer                    ? 
_diffrn_radiation.pdbx_scattering_type             x-ray 
# 
_diffrn_radiation_wavelength.id           1 
_diffrn_radiation_wavelength.wavelength   1.03317 
_diffrn_radiation_wavelength.wt           1.0 
# 
_diffrn_source.current                     ? 
_diffrn_source.details                     ? 
_diffrn_source.diffrn_id                   1 
_diffrn_source.power                       ? 
_diffrn_source.size                        ? 
_diffrn_source.source                      SYNCHROTRON 
_diffrn_source.target                      ? 
_diffrn_source.type                        'SSRF BEAMLINE BL17U' 
_diffrn_source.voltage                     ? 
_diffrn_source.take-off_angle              ? 
_diffrn_source.pdbx_wavelength_list        1.03317 
_diffrn_source.pdbx_wavelength             ? 
_diffrn_source.pdbx_synchrotron_beamline   BL17U 
_diffrn_source.pdbx_synchrotron_site       SSRF 
# 
_reflns.B_iso_Wilson_estimate            ? 
_reflns.entry_id                         5CMZ 
_reflns.data_reduction_details           ? 
_reflns.data_reduction_method            ? 
_reflns.d_resolution_high                2.57 
_reflns.d_resolution_low                 38 
_reflns.details                          ? 
_reflns.limit_h_max                      ? 
_reflns.limit_h_min                      ? 
_reflns.limit_k_max                      ? 
_reflns.limit_k_min                      ? 
_reflns.limit_l_max                      ? 
_reflns.limit_l_min                      ? 
_reflns.number_all                       ? 
_reflns.number_obs                       61523 
_reflns.observed_criterion               ? 
_reflns.observed_criterion_F_max         ? 
_reflns.observed_criterion_F_min         ? 
_reflns.observed_criterion_I_max         ? 
_reflns.observed_criterion_I_min         ? 
_reflns.observed_criterion_sigma_F       ? 
_reflns.observed_criterion_sigma_I       ? 
_reflns.percent_possible_obs             99.9 
_reflns.R_free_details                   ? 
_reflns.Rmerge_F_all                     ? 
_reflns.Rmerge_F_obs                     ? 
_reflns.Friedel_coverage                 ? 
_reflns.number_gt                        ? 
_reflns.threshold_expression             ? 
_reflns.pdbx_redundancy                  7.7 
_reflns.pdbx_Rmerge_I_obs                ? 
_reflns.pdbx_Rmerge_I_all                ? 
_reflns.pdbx_Rsym_value                  ? 
_reflns.pdbx_netI_over_av_sigmaI         ? 
_reflns.pdbx_netI_over_sigmaI            27.2 
_reflns.pdbx_res_netI_over_av_sigmaI_2   ? 
_reflns.pdbx_res_netI_over_sigmaI_2      ? 
_reflns.pdbx_chi_squared                 ? 
_reflns.pdbx_scaling_rejects             ? 
_reflns.pdbx_d_res_high_opt              ? 
_reflns.pdbx_d_res_low_opt               ? 
_reflns.pdbx_d_res_opt_method            ? 
_reflns.phase_calculation_details        ? 
_reflns.pdbx_Rrim_I_all                  ? 
_reflns.pdbx_Rpim_I_all                  ? 
_reflns.pdbx_d_opt                       ? 
_reflns.pdbx_number_measured_all         ? 
_reflns.pdbx_diffrn_id                   1 
_reflns.pdbx_ordinal                     1 
_reflns.pdbx_CC_half                     ? 
_reflns.pdbx_R_split                     ? 
# 
_refine.aniso_B[1][1]                            ? 
_refine.aniso_B[1][2]                            ? 
_refine.aniso_B[1][3]                            ? 
_refine.aniso_B[2][2]                            ? 
_refine.aniso_B[2][3]                            ? 
_refine.aniso_B[3][3]                            ? 
_refine.B_iso_max                                ? 
_refine.B_iso_mean                               ? 
_refine.B_iso_min                                ? 
_refine.correlation_coeff_Fo_to_Fc               ? 
_refine.correlation_coeff_Fo_to_Fc_free          ? 
_refine.details                                  ? 
_refine.diff_density_max                         ? 
_refine.diff_density_max_esd                     ? 
_refine.diff_density_min                         ? 
_refine.diff_density_min_esd                     ? 
_refine.diff_density_rms                         ? 
_refine.diff_density_rms_esd                     ? 
_refine.entry_id                                 5CMZ 
_refine.pdbx_refine_id                           'X-RAY DIFFRACTION' 
_refine.ls_abs_structure_details                 ? 
_refine.ls_abs_structure_Flack                   ? 
_refine.ls_abs_structure_Flack_esd               ? 
_refine.ls_abs_structure_Rogers                  ? 
_refine.ls_abs_structure_Rogers_esd              ? 
_refine.ls_d_res_high                            2.574 
_refine.ls_d_res_low                             37.983 
_refine.ls_extinction_coef                       ? 
_refine.ls_extinction_coef_esd                   ? 
_refine.ls_extinction_expression                 ? 
_refine.ls_extinction_method                     ? 
_refine.ls_goodness_of_fit_all                   ? 
_refine.ls_goodness_of_fit_all_esd               ? 
_refine.ls_goodness_of_fit_obs                   ? 
_refine.ls_goodness_of_fit_obs_esd               ? 
_refine.ls_hydrogen_treatment                    ? 
_refine.ls_matrix_type                           ? 
_refine.ls_number_constraints                    ? 
_refine.ls_number_parameters                     ? 
_refine.ls_number_reflns_all                     ? 
_refine.ls_number_reflns_obs                     7574 
_refine.ls_number_reflns_R_free                  340 
_refine.ls_number_reflns_R_work                  ? 
_refine.ls_number_restraints                     ? 
_refine.ls_percent_reflns_obs                    93.98 
_refine.ls_percent_reflns_R_free                 4.49 
_refine.ls_R_factor_all                          ? 
_refine.ls_R_factor_obs                          0.2458 
_refine.ls_R_factor_R_free                       0.2642 
_refine.ls_R_factor_R_free_error                 ? 
_refine.ls_R_factor_R_free_error_details         ? 
_refine.ls_R_factor_R_work                       0.2448 
_refine.ls_R_Fsqd_factor_obs                     ? 
_refine.ls_R_I_factor_obs                        ? 
_refine.ls_redundancy_reflns_all                 ? 
_refine.ls_redundancy_reflns_obs                 ? 
_refine.ls_restrained_S_all                      ? 
_refine.ls_restrained_S_obs                      ? 
_refine.ls_shift_over_esd_max                    ? 
_refine.ls_shift_over_esd_mean                   ? 
_refine.ls_structure_factor_coef                 ? 
_refine.ls_weighting_details                     ? 
_refine.ls_weighting_scheme                      ? 
_refine.ls_wR_factor_all                         ? 
_refine.ls_wR_factor_obs                         ? 
_refine.ls_wR_factor_R_free                      ? 
_refine.ls_wR_factor_R_work                      ? 
_refine.occupancy_max                            ? 
_refine.occupancy_min                            ? 
_refine.solvent_model_details                    'FLAT BULK SOLVENT MODEL' 
_refine.solvent_model_param_bsol                 ? 
_refine.solvent_model_param_ksol                 ? 
_refine.ls_R_factor_gt                           ? 
_refine.ls_goodness_of_fit_gt                    ? 
_refine.ls_goodness_of_fit_ref                   ? 
_refine.ls_shift_over_su_max                     ? 
_refine.ls_shift_over_su_max_lt                  ? 
_refine.ls_shift_over_su_mean                    ? 
_refine.ls_shift_over_su_mean_lt                 ? 
_refine.pdbx_ls_sigma_I                          ? 
_refine.pdbx_ls_sigma_F                          1.40 
_refine.pdbx_ls_sigma_Fsqd                       ? 
_refine.pdbx_data_cutoff_high_absF               ? 
_refine.pdbx_data_cutoff_high_rms_absF           ? 
_refine.pdbx_data_cutoff_low_absF                ? 
_refine.pdbx_isotropic_thermal_model             ? 
_refine.pdbx_ls_cross_valid_method               'FREE R-VALUE' 
_refine.pdbx_method_to_determine_struct          ? 
_refine.pdbx_starting_model                      ? 
_refine.pdbx_stereochemistry_target_values       ML 
_refine.pdbx_R_Free_selection_details            ? 
_refine.pdbx_stereochem_target_val_spec_case     ? 
_refine.pdbx_overall_ESU_R                       ? 
_refine.pdbx_overall_ESU_R_Free                  ? 
_refine.pdbx_solvent_vdw_probe_radii             1.11 
_refine.pdbx_solvent_ion_probe_radii             ? 
_refine.pdbx_solvent_shrinkage_radii             0.90 
_refine.pdbx_real_space_R                        ? 
_refine.pdbx_density_correlation                 ? 
_refine.pdbx_pd_number_of_powder_patterns        ? 
_refine.pdbx_pd_number_of_points                 ? 
_refine.pdbx_pd_meas_number_of_points            ? 
_refine.pdbx_pd_proc_ls_prof_R_factor            ? 
_refine.pdbx_pd_proc_ls_prof_wR_factor           ? 
_refine.pdbx_pd_Marquardt_correlation_coeff      ? 
_refine.pdbx_pd_Fsqrd_R_factor                   ? 
_refine.pdbx_pd_ls_matrix_band_width             ? 
_refine.pdbx_overall_phase_error                 29.98 
_refine.pdbx_overall_SU_R_free_Cruickshank_DPI   ? 
_refine.pdbx_overall_SU_R_free_Blow_DPI          ? 
_refine.pdbx_overall_SU_R_Blow_DPI               ? 
_refine.pdbx_TLS_residual_ADP_flag               ? 
_refine.pdbx_diffrn_id                           1 
_refine.overall_SU_B                             ? 
_refine.overall_SU_ML                            0.21 
_refine.overall_SU_R_Cruickshank_DPI             ? 
_refine.overall_SU_R_free                        ? 
_refine.overall_FOM_free_R_set                   ? 
_refine.overall_FOM_work_R_set                   ? 
_refine.pdbx_average_fsc_overall                 ? 
_refine.pdbx_average_fsc_work                    ? 
_refine.pdbx_average_fsc_free                    ? 
# 
_refine_hist.pdbx_refine_id                   'X-RAY DIFFRACTION' 
_refine_hist.cycle_id                         LAST 
_refine_hist.pdbx_number_atoms_protein        1317 
_refine_hist.pdbx_number_atoms_nucleic_acid   0 
_refine_hist.pdbx_number_atoms_ligand         20 
_refine_hist.number_atoms_solvent             37 
_refine_hist.number_atoms_total               1374 
_refine_hist.d_res_high                       2.574 
_refine_hist.d_res_low                        37.983 
# 
loop_
_refine_ls_restr.pdbx_refine_id 
_refine_ls_restr.criterion 
_refine_ls_restr.dev_ideal 
_refine_ls_restr.dev_ideal_target 
_refine_ls_restr.number 
_refine_ls_restr.rejects 
_refine_ls_restr.type 
_refine_ls_restr.weight 
_refine_ls_restr.pdbx_restraint_function 
'X-RAY DIFFRACTION' ? 0.004  ? 1367 ? f_bond_d           ? ? 
'X-RAY DIFFRACTION' ? 0.471  ? 1820 ? f_angle_d          ? ? 
'X-RAY DIFFRACTION' ? 16.319 ? 547  ? f_dihedral_angle_d ? ? 
'X-RAY DIFFRACTION' ? 0.034  ? 203  ? f_chiral_restr     ? ? 
'X-RAY DIFFRACTION' ? 0.001  ? 226  ? f_plane_restr      ? ? 
# 
loop_
_refine_ls_shell.pdbx_refine_id 
_refine_ls_shell.d_res_high 
_refine_ls_shell.d_res_low 
_refine_ls_shell.number_reflns_all 
_refine_ls_shell.number_reflns_obs 
_refine_ls_shell.number_reflns_R_free 
_refine_ls_shell.number_reflns_R_work 
_refine_ls_shell.percent_reflns_obs 
_refine_ls_shell.percent_reflns_R_free 
_refine_ls_shell.R_factor_all 
_refine_ls_shell.R_factor_obs 
_refine_ls_shell.R_factor_R_free 
_refine_ls_shell.R_factor_R_free_error 
_refine_ls_shell.R_factor_R_work 
_refine_ls_shell.redundancy_reflns_all 
_refine_ls_shell.redundancy_reflns_obs 
_refine_ls_shell.wR_factor_all 
_refine_ls_shell.wR_factor_obs 
_refine_ls_shell.wR_factor_R_free 
_refine_ls_shell.wR_factor_R_work 
_refine_ls_shell.pdbx_total_number_of_bins_used 
_refine_ls_shell.pdbx_phase_error 
_refine_ls_shell.pdbx_fsc_work 
_refine_ls_shell.pdbx_fsc_free 
'X-RAY DIFFRACTION' 2.5743 3.2430 . . 166 3393 89.00 . . . 0.2908 . 0.2606 . . . . . . . . . . 
'X-RAY DIFFRACTION' 3.2430 10     . . 174 3841 99.00 . . . 0.2520 . 0.2382 . . . . . . . . . . 
# 
_struct.entry_id                     5CMZ 
_struct.title                        'Artificial HIV fusion inhibitor AP3 fused to the C-terminus of gp41 NHR' 
_struct.pdbx_model_details           ? 
_struct.pdbx_formula_weight          ? 
_struct.pdbx_formula_weight_method   ? 
_struct.pdbx_model_type_details      ? 
_struct.pdbx_CASP_flag               ? 
# 
_struct_keywords.entry_id        5CMZ 
_struct_keywords.text            'Enfuvirtide, HIV fusion inhibitor, AP3, gp41, 6-HB, VIRAL PROTEIN-INHIBITOR complex' 
_struct_keywords.pdbx_keywords   'VIRAL PROTEIN/INHIBITOR' 
# 
loop_
_struct_asym.id 
_struct_asym.pdbx_blank_PDB_chainid_flag 
_struct_asym.pdbx_modified 
_struct_asym.entity_id 
_struct_asym.details 
A N N 1 ? 
B N N 2 ? 
C N N 1 ? 
D N N 2 ? 
E N N 3 ? 
F N N 4 ? 
G N N 5 ? 
H N N 6 ? 
I N N 6 ? 
J N N 6 ? 
K N N 6 ? 
# 
loop_
_struct_ref.id 
_struct_ref.db_name 
_struct_ref.db_code 
_struct_ref.pdbx_db_accession 
_struct_ref.pdbx_db_isoform 
_struct_ref.entity_id 
_struct_ref.pdbx_seq_one_letter_code 
_struct_ref.pdbx_align_begin 
1 UNP Q1HMR5_9HIV1 Q1HMR5 ? 1 SGIVQQQNNLLRAIEAQQHLLQLTVWGIKQLQARILAVERYLKDQ 35 
2 PDB 5CMZ         5CMZ   ? 2 ?                                             1  
# 
loop_
_struct_ref_seq.align_id 
_struct_ref_seq.ref_id 
_struct_ref_seq.pdbx_PDB_id_code 
_struct_ref_seq.pdbx_strand_id 
_struct_ref_seq.seq_align_beg 
_struct_ref_seq.pdbx_seq_align_beg_ins_code 
_struct_ref_seq.seq_align_end 
_struct_ref_seq.pdbx_seq_align_end_ins_code 
_struct_ref_seq.pdbx_db_accession 
_struct_ref_seq.db_align_beg 
_struct_ref_seq.pdbx_db_align_beg_ins_code 
_struct_ref_seq.db_align_end 
_struct_ref_seq.pdbx_db_align_end_ins_code 
_struct_ref_seq.pdbx_auth_seq_align_beg 
_struct_ref_seq.pdbx_auth_seq_align_end 
1 1 5CMZ A 1 ? 45 ? Q1HMR5 35 ? 79 ? 1  45 
2 2 5CMZ B 1 ? 38 ? 5CMZ   40 ? 77 ? 40 77 
3 1 5CMZ C 1 ? 45 ? Q1HMR5 35 ? 79 ? 1  45 
4 2 5CMZ D 1 ? 38 ? 5CMZ   40 ? 77 ? 40 77 
# 
loop_
_struct_ref_seq_dif.align_id 
_struct_ref_seq_dif.pdbx_pdb_id_code 
_struct_ref_seq_dif.mon_id 
_struct_ref_seq_dif.pdbx_pdb_strand_id 
_struct_ref_seq_dif.seq_num 
_struct_ref_seq_dif.pdbx_pdb_ins_code 
_struct_ref_seq_dif.pdbx_seq_db_name 
_struct_ref_seq_dif.pdbx_seq_db_accession_code 
_struct_ref_seq_dif.db_mon_id 
_struct_ref_seq_dif.pdbx_seq_db_seq_num 
_struct_ref_seq_dif.details 
_struct_ref_seq_dif.pdbx_auth_seq_num 
_struct_ref_seq_dif.pdbx_ordinal 
1 5CMZ NH2 A 46 ? UNP Q1HMR5 ? ? amidation 100 1 
3 5CMZ NH2 C 46 ? UNP Q1HMR5 ? ? amidation 100 2 
# 
loop_
_pdbx_struct_assembly.id 
_pdbx_struct_assembly.details 
_pdbx_struct_assembly.method_details 
_pdbx_struct_assembly.oligomeric_details 
_pdbx_struct_assembly.oligomeric_count 
1 author_and_software_defined_assembly PISA hexameric 6 
2 author_and_software_defined_assembly PISA hexameric 6 
# 
loop_
_pdbx_struct_assembly_prop.biol_id 
_pdbx_struct_assembly_prop.type 
_pdbx_struct_assembly_prop.value 
_pdbx_struct_assembly_prop.details 
1 'ABSA (A^2)' 12980 ? 
1 MORE         -130  ? 
1 'SSA (A^2)'  12740 ? 
2 'ABSA (A^2)' 12690 ? 
2 MORE         -100  ? 
2 'SSA (A^2)'  14670 ? 
# 
loop_
_pdbx_struct_assembly_gen.assembly_id 
_pdbx_struct_assembly_gen.oper_expression 
_pdbx_struct_assembly_gen.asym_id_list 
1 1,2,4 A,B,E,F,G,H,I 
2 1,3,5 C,D,J,K       
# 
loop_
_pdbx_struct_oper_list.id 
_pdbx_struct_oper_list.type 
_pdbx_struct_oper_list.name 
_pdbx_struct_oper_list.symmetry_operation 
_pdbx_struct_oper_list.matrix[1][1] 
_pdbx_struct_oper_list.matrix[1][2] 
_pdbx_struct_oper_list.matrix[1][3] 
_pdbx_struct_oper_list.vector[1] 
_pdbx_struct_oper_list.matrix[2][1] 
_pdbx_struct_oper_list.matrix[2][2] 
_pdbx_struct_oper_list.matrix[2][3] 
_pdbx_struct_oper_list.vector[2] 
_pdbx_struct_oper_list.matrix[3][1] 
_pdbx_struct_oper_list.matrix[3][2] 
_pdbx_struct_oper_list.matrix[3][3] 
_pdbx_struct_oper_list.vector[3] 
1 'identity operation'         1_555 x,y,z         1.0000000000 0.0000000000  0.0000000000  0.0000000000  0.0000000000  1.0000000000  0.0000000000  0.0000000000   0.0000000000  0.0000000000  1.0000000000  0.0000000000   
2 'crystal symmetry operation' 2_565 -y,x-y+1,z    0.5534792631 -0.8328613258 -0.0016484087 5.6403478952  -0.2951946371 -0.1980219972 0.9346910799  18.5735065905  -0.7787944732 -0.5168455287 -0.3554572659 -11.6190127188 
3 'crystal symmetry operation' 2_455 -y-1,x-y,z    0.5534792631 -0.8328613258 -0.0016484087 -7.3212135732 -0.2951946371 -0.1980219972 0.9346910799  -19.1424567383 -0.7787944732 -0.5168455287 -0.3554572659 7.9035497020   
4 'crystal symmetry operation' 3_455 -x+y-1,-x,z   0.5534792631 -0.2951946371 -0.7787944732 -6.6878389500 -0.8328613258 -0.1980219972 -0.5168455287 2.3703557246   -0.0016484087 0.9346910799  -0.3554572659 -21.4812558281 
5 'crystal symmetry operation' 3_445 -x+y-1,-x-1,z 0.5534792631 -0.2951946371 -0.7787944732 4.5566301511  -0.8328613258 -0.1980219972 -0.5168455287 -5.8032688335  -0.0016484087 0.9346910799  -0.3554572659 20.6895893759 
# 
loop_
_struct_conf.conf_type_id 
_struct_conf.id 
_struct_conf.pdbx_PDB_helix_id 
_struct_conf.beg_label_comp_id 
_struct_conf.beg_label_asym_id 
_struct_conf.beg_label_seq_id 
_struct_conf.pdbx_beg_PDB_ins_code 
_struct_conf.end_label_comp_id 
_struct_conf.end_label_asym_id 
_struct_conf.end_label_seq_id 
_struct_conf.pdbx_end_PDB_ins_code 
_struct_conf.beg_auth_comp_id 
_struct_conf.beg_auth_asym_id 
_struct_conf.beg_auth_seq_id 
_struct_conf.end_auth_comp_id 
_struct_conf.end_auth_asym_id 
_struct_conf.end_auth_seq_id 
_struct_conf.pdbx_PDB_helix_class 
_struct_conf.details 
_struct_conf.pdbx_PDB_helix_length 
HELX_P HELX_P1 AA1 ILE A 3 ? GLN A 45 ? ILE A 3  GLN A 45 1 ? 43 
HELX_P HELX_P2 AA2 THR B 3 ? LYS B 31 ? THR B 42 LYS B 70 1 ? 29 
HELX_P HELX_P3 AA3 ILE C 3 ? GLN C 45 ? ILE C 3  GLN C 45 1 ? 43 
HELX_P HELX_P4 AA4 THR D 3 ? GLN D 32 ? THR D 42 GLN D 71 1 ? 30 
# 
_struct_conf_type.id          HELX_P 
_struct_conf_type.criteria    ? 
_struct_conf_type.reference   ? 
# 
loop_
_struct_conn.id 
_struct_conn.conn_type_id 
_struct_conn.pdbx_leaving_atom_flag 
_struct_conn.pdbx_PDB_id 
_struct_conn.ptnr1_label_asym_id 
_struct_conn.ptnr1_label_comp_id 
_struct_conn.ptnr1_label_seq_id 
_struct_conn.ptnr1_label_atom_id 
_struct_conn.pdbx_ptnr1_label_alt_id 
_struct_conn.pdbx_ptnr1_PDB_ins_code 
_struct_conn.pdbx_ptnr1_standard_comp_id 
_struct_conn.ptnr1_symmetry 
_struct_conn.ptnr2_label_asym_id 
_struct_conn.ptnr2_label_comp_id 
_struct_conn.ptnr2_label_seq_id 
_struct_conn.ptnr2_label_atom_id 
_struct_conn.pdbx_ptnr2_label_alt_id 
_struct_conn.pdbx_ptnr2_PDB_ins_code 
_struct_conn.ptnr1_auth_asym_id 
_struct_conn.ptnr1_auth_comp_id 
_struct_conn.ptnr1_auth_seq_id 
_struct_conn.ptnr2_auth_asym_id 
_struct_conn.ptnr2_auth_comp_id 
_struct_conn.ptnr2_auth_seq_id 
_struct_conn.ptnr2_symmetry 
_struct_conn.pdbx_ptnr3_label_atom_id 
_struct_conn.pdbx_ptnr3_label_seq_id 
_struct_conn.pdbx_ptnr3_label_comp_id 
_struct_conn.pdbx_ptnr3_label_asym_id 
_struct_conn.pdbx_ptnr3_label_alt_id 
_struct_conn.pdbx_ptnr3_PDB_ins_code 
_struct_conn.details 
_struct_conn.pdbx_dist_value 
_struct_conn.pdbx_value_order 
_struct_conn.pdbx_role 
covale1 covale both ? A GLN 45 C ? ? ? 1_555 A NH2 46 N ? ? A GLN 45 A NH2 100 1_555 ? ? ? ? ? ? ? 1.210 ? ? 
covale2 covale both ? B ACE 1  C ? ? ? 1_555 B MET 2  N ? ? B ACE 40 B MET 41  1_555 ? ? ? ? ? ? ? 1.330 ? ? 
covale3 covale both ? C GLN 45 C ? ? ? 1_555 C NH2 46 N ? ? C GLN 45 C NH2 100 1_555 ? ? ? ? ? ? ? 1.328 ? ? 
covale4 covale both ? D ACE 1  C ? ? ? 1_555 D MET 2  N ? ? D ACE 40 D MET 41  1_555 ? ? ? ? ? ? ? 1.303 ? ? 
# 
_struct_conn_type.id          covale 
_struct_conn_type.criteria    ? 
_struct_conn_type.reference   ? 
# 
loop_
_pdbx_modification_feature.ordinal 
_pdbx_modification_feature.label_comp_id 
_pdbx_modification_feature.label_asym_id 
_pdbx_modification_feature.label_seq_id 
_pdbx_modification_feature.label_alt_id 
_pdbx_modification_feature.modified_residue_label_comp_id 
_pdbx_modification_feature.modified_residue_label_asym_id 
_pdbx_modification_feature.modified_residue_label_seq_id 
_pdbx_modification_feature.modified_residue_label_alt_id 
_pdbx_modification_feature.auth_comp_id 
_pdbx_modification_feature.auth_asym_id 
_pdbx_modification_feature.auth_seq_id 
_pdbx_modification_feature.PDB_ins_code 
_pdbx_modification_feature.symmetry 
_pdbx_modification_feature.modified_residue_auth_comp_id 
_pdbx_modification_feature.modified_residue_auth_asym_id 
_pdbx_modification_feature.modified_residue_auth_seq_id 
_pdbx_modification_feature.modified_residue_PDB_ins_code 
_pdbx_modification_feature.modified_residue_symmetry 
_pdbx_modification_feature.comp_id_linking_atom 
_pdbx_modification_feature.modified_residue_id_linking_atom 
_pdbx_modification_feature.modified_residue_id 
_pdbx_modification_feature.ref_pcm_id 
_pdbx_modification_feature.ref_comp_id 
_pdbx_modification_feature.type 
_pdbx_modification_feature.category 
1 ACE B 1  ? MET B 2  ? ACE B 40  ? 1_555 MET B 41 ? 1_555 . . MET 4  ACE None 'Terminal acetylation' 
2 ACE D 1  ? MET D 2  ? ACE D 40  ? 1_555 MET D 41 ? 1_555 . . MET 4  ACE None 'Terminal acetylation' 
3 NH2 A 46 ? GLN A 45 ? NH2 A 100 ? 1_555 GLN A 45 ? 1_555 . . GLN 18 NH2 None 'Terminal amidation'   
4 NH2 C 46 ? GLN C 45 ? NH2 C 100 ? 1_555 GLN C 45 ? 1_555 . . GLN 18 NH2 None 'Terminal amidation'   
# 
loop_
_struct_site.id 
_struct_site.pdbx_evidence_code 
_struct_site.pdbx_auth_asym_id 
_struct_site.pdbx_auth_comp_id 
_struct_site.pdbx_auth_seq_id 
_struct_site.pdbx_auth_ins_code 
_struct_site.pdbx_num_residues 
_struct_site.details 
AC1 Software A SO4 201 ? 6 'binding site for residue SO4 A 201'                 
AC2 Software A EDO 202 ? 3 'binding site for residue EDO A 202'                 
AC3 Software C GLN 45  ? 4 'binding site for Di-peptide GLN C 45 and NH2 C 100' 
AC4 Software D ACE 40  ? 5 'binding site for Di-peptide ACE D 40 and MET D 41'  
# 
loop_
_struct_site_gen.id 
_struct_site_gen.site_id 
_struct_site_gen.pdbx_num_res 
_struct_site_gen.label_comp_id 
_struct_site_gen.label_asym_id 
_struct_site_gen.label_seq_id 
_struct_site_gen.pdbx_auth_ins_code 
_struct_site_gen.auth_comp_id 
_struct_site_gen.auth_asym_id 
_struct_site_gen.auth_seq_id 
_struct_site_gen.label_atom_id 
_struct_site_gen.label_alt_id 
_struct_site_gen.symmetry 
_struct_site_gen.details 
1  AC1 6 ARG A 40 ? ARG A 40  . ? 1_555 ? 
2  AC1 6 LYS A 43 ? LYS A 43  . ? 1_555 ? 
3  AC1 6 HOH H .  ? HOH A 301 . ? 1_555 ? 
4  AC1 6 HOH H .  ? HOH A 304 . ? 1_555 ? 
5  AC1 6 ARG C 40 ? ARG C 40  . ? 1_555 ? 
6  AC1 6 LYS C 43 ? LYS C 43  . ? 1_555 ? 
7  AC2 3 ALA A 37 ? ALA A 37  . ? 1_555 ? 
8  AC2 3 ASP A 44 ? ASP A 44  . ? 1_555 ? 
9  AC2 3 HOH H .  ? HOH A 310 . ? 1_555 ? 
10 AC3 4 TYR C 41 ? TYR C 41  . ? 1_555 ? 
11 AC3 4 LEU C 42 ? LEU C 42  . ? 1_555 ? 
12 AC3 4 LYS C 43 ? LYS C 43  . ? 1_555 ? 
13 AC3 4 ASP C 44 ? ASP C 44  . ? 1_555 ? 
14 AC4 5 TRP C 26 ? TRP C 26  . ? 2_455 ? 
15 AC4 5 THR D 3  ? THR D 42  . ? 1_555 ? 
16 AC4 5 GLU D 6  ? GLU D 45  . ? 1_555 ? 
17 AC4 5 TRP D 7  ? TRP D 46  . ? 1_555 ? 
18 AC4 5 LYS D 10 ? LYS D 49  . ? 1_555 ? 
# 
_pdbx_entry_details.entry_id                   5CMZ 
_pdbx_entry_details.compound_details           ? 
_pdbx_entry_details.source_details             ? 
_pdbx_entry_details.nonpolymer_details         ? 
_pdbx_entry_details.sequence_details           ? 
_pdbx_entry_details.has_ligand_of_interest     ? 
_pdbx_entry_details.has_protein_modification   Y 
# 
loop_
_pdbx_validate_close_contact.id 
_pdbx_validate_close_contact.PDB_model_num 
_pdbx_validate_close_contact.auth_atom_id_1 
_pdbx_validate_close_contact.auth_asym_id_1 
_pdbx_validate_close_contact.auth_comp_id_1 
_pdbx_validate_close_contact.auth_seq_id_1 
_pdbx_validate_close_contact.PDB_ins_code_1 
_pdbx_validate_close_contact.label_alt_id_1 
_pdbx_validate_close_contact.auth_atom_id_2 
_pdbx_validate_close_contact.auth_asym_id_2 
_pdbx_validate_close_contact.auth_comp_id_2 
_pdbx_validate_close_contact.auth_seq_id_2 
_pdbx_validate_close_contact.PDB_ins_code_2 
_pdbx_validate_close_contact.label_alt_id_2 
_pdbx_validate_close_contact.dist 
1 1 CH3 D ACE 40  ? ? N D MET 41  ? ? 1.65 
2 1 O   A HOH 313 ? ? O C HOH 212 ? ? 1.85 
3 1 O   C HOH 202 ? ? O C HOH 214 ? ? 2.11 
4 1 OD1 C ASP 44  ? ? O C HOH 201 ? ? 2.12 
# 
_pdbx_validate_symm_contact.id                1 
_pdbx_validate_symm_contact.PDB_model_num     1 
_pdbx_validate_symm_contact.auth_atom_id_1    O 
_pdbx_validate_symm_contact.auth_asym_id_1    A 
_pdbx_validate_symm_contact.auth_comp_id_1    HOH 
_pdbx_validate_symm_contact.auth_seq_id_1     302 
_pdbx_validate_symm_contact.PDB_ins_code_1    ? 
_pdbx_validate_symm_contact.label_alt_id_1    ? 
_pdbx_validate_symm_contact.site_symmetry_1   1_555 
_pdbx_validate_symm_contact.auth_atom_id_2    O 
_pdbx_validate_symm_contact.auth_asym_id_2    B 
_pdbx_validate_symm_contact.auth_comp_id_2    HOH 
_pdbx_validate_symm_contact.auth_seq_id_2     101 
_pdbx_validate_symm_contact.PDB_ins_code_2    ? 
_pdbx_validate_symm_contact.label_alt_id_2    ? 
_pdbx_validate_symm_contact.site_symmetry_2   2_565 
_pdbx_validate_symm_contact.dist              2.17 
# 
loop_
_pdbx_validate_rmsd_angle.id 
_pdbx_validate_rmsd_angle.PDB_model_num 
_pdbx_validate_rmsd_angle.auth_atom_id_1 
_pdbx_validate_rmsd_angle.auth_asym_id_1 
_pdbx_validate_rmsd_angle.auth_comp_id_1 
_pdbx_validate_rmsd_angle.auth_seq_id_1 
_pdbx_validate_rmsd_angle.PDB_ins_code_1 
_pdbx_validate_rmsd_angle.label_alt_id_1 
_pdbx_validate_rmsd_angle.auth_atom_id_2 
_pdbx_validate_rmsd_angle.auth_asym_id_2 
_pdbx_validate_rmsd_angle.auth_comp_id_2 
_pdbx_validate_rmsd_angle.auth_seq_id_2 
_pdbx_validate_rmsd_angle.PDB_ins_code_2 
_pdbx_validate_rmsd_angle.label_alt_id_2 
_pdbx_validate_rmsd_angle.auth_atom_id_3 
_pdbx_validate_rmsd_angle.auth_asym_id_3 
_pdbx_validate_rmsd_angle.auth_comp_id_3 
_pdbx_validate_rmsd_angle.auth_seq_id_3 
_pdbx_validate_rmsd_angle.PDB_ins_code_3 
_pdbx_validate_rmsd_angle.label_alt_id_3 
_pdbx_validate_rmsd_angle.angle_value 
_pdbx_validate_rmsd_angle.angle_target_value 
_pdbx_validate_rmsd_angle.angle_deviation 
_pdbx_validate_rmsd_angle.angle_standard_deviation 
_pdbx_validate_rmsd_angle.linker_flag 
1 1 O B ACE 40 ? ? C B ACE 40 ? ? N B MET 41 ? ? 105.85 122.70 -16.85 1.60 Y 
2 1 O D ACE 40 ? ? C D ACE 40 ? ? N D MET 41 ? ? 96.45  122.70 -26.25 1.60 Y 
# 
loop_
_pdbx_validate_torsion.id 
_pdbx_validate_torsion.PDB_model_num 
_pdbx_validate_torsion.auth_comp_id 
_pdbx_validate_torsion.auth_asym_id 
_pdbx_validate_torsion.auth_seq_id 
_pdbx_validate_torsion.PDB_ins_code 
_pdbx_validate_torsion.label_alt_id 
_pdbx_validate_torsion.phi 
_pdbx_validate_torsion.psi 
1 1 GLN B 71 ? ? -120.40 -68.95 
2 1 GLN D 71 ? ? -73.03  44.98  
3 1 GLU D 73 ? ? -73.98  35.90  
# 
loop_
_pdbx_struct_special_symmetry.id 
_pdbx_struct_special_symmetry.PDB_model_num 
_pdbx_struct_special_symmetry.auth_asym_id 
_pdbx_struct_special_symmetry.auth_comp_id 
_pdbx_struct_special_symmetry.auth_seq_id 
_pdbx_struct_special_symmetry.PDB_ins_code 
_pdbx_struct_special_symmetry.label_asym_id 
_pdbx_struct_special_symmetry.label_comp_id 
_pdbx_struct_special_symmetry.label_seq_id 
1 1 A HOH 305 ? H HOH . 
2 1 A HOH 306 ? H HOH . 
# 
loop_
_pdbx_unobs_or_zero_occ_residues.id 
_pdbx_unobs_or_zero_occ_residues.PDB_model_num 
_pdbx_unobs_or_zero_occ_residues.polymer_flag 
_pdbx_unobs_or_zero_occ_residues.occupancy_flag 
_pdbx_unobs_or_zero_occ_residues.auth_asym_id 
_pdbx_unobs_or_zero_occ_residues.auth_comp_id 
_pdbx_unobs_or_zero_occ_residues.auth_seq_id 
_pdbx_unobs_or_zero_occ_residues.PDB_ins_code 
_pdbx_unobs_or_zero_occ_residues.label_asym_id 
_pdbx_unobs_or_zero_occ_residues.label_comp_id 
_pdbx_unobs_or_zero_occ_residues.label_seq_id 
1  1 Y 1 A SER 1  ? A SER 1  
2  1 Y 1 A GLY 2  ? A GLY 2  
3  1 Y 1 B GLU 73 ? B GLU 34 
4  1 Y 1 B SER 74 ? B SER 35 
5  1 Y 1 B ILE 75 ? B ILE 36 
6  1 Y 1 B LYS 76 ? B LYS 37 
7  1 Y 1 B LYS 77 ? B LYS 38 
8  1 Y 1 D ILE 75 ? D ILE 36 
9  1 Y 1 D LYS 76 ? D LYS 37 
10 1 Y 1 D LYS 77 ? D LYS 38 
# 
loop_
_chem_comp_atom.comp_id 
_chem_comp_atom.atom_id 
_chem_comp_atom.type_symbol 
_chem_comp_atom.pdbx_aromatic_flag 
_chem_comp_atom.pdbx_stereo_config 
_chem_comp_atom.pdbx_ordinal 
ACE C    C N N 1   
ACE O    O N N 2   
ACE CH3  C N N 3   
ACE H    H N N 4   
ACE H1   H N N 5   
ACE H2   H N N 6   
ACE H3   H N N 7   
ALA N    N N N 8   
ALA CA   C N S 9   
ALA C    C N N 10  
ALA O    O N N 11  
ALA CB   C N N 12  
ALA OXT  O N N 13  
ALA H    H N N 14  
ALA H2   H N N 15  
ALA HA   H N N 16  
ALA HB1  H N N 17  
ALA HB2  H N N 18  
ALA HB3  H N N 19  
ALA HXT  H N N 20  
ARG N    N N N 21  
ARG CA   C N S 22  
ARG C    C N N 23  
ARG O    O N N 24  
ARG CB   C N N 25  
ARG CG   C N N 26  
ARG CD   C N N 27  
ARG NE   N N N 28  
ARG CZ   C N N 29  
ARG NH1  N N N 30  
ARG NH2  N N N 31  
ARG OXT  O N N 32  
ARG H    H N N 33  
ARG H2   H N N 34  
ARG HA   H N N 35  
ARG HB2  H N N 36  
ARG HB3  H N N 37  
ARG HG2  H N N 38  
ARG HG3  H N N 39  
ARG HD2  H N N 40  
ARG HD3  H N N 41  
ARG HE   H N N 42  
ARG HH11 H N N 43  
ARG HH12 H N N 44  
ARG HH21 H N N 45  
ARG HH22 H N N 46  
ARG HXT  H N N 47  
ASN N    N N N 48  
ASN CA   C N S 49  
ASN C    C N N 50  
ASN O    O N N 51  
ASN CB   C N N 52  
ASN CG   C N N 53  
ASN OD1  O N N 54  
ASN ND2  N N N 55  
ASN OXT  O N N 56  
ASN H    H N N 57  
ASN H2   H N N 58  
ASN HA   H N N 59  
ASN HB2  H N N 60  
ASN HB3  H N N 61  
ASN HD21 H N N 62  
ASN HD22 H N N 63  
ASN HXT  H N N 64  
ASP N    N N N 65  
ASP CA   C N S 66  
ASP C    C N N 67  
ASP O    O N N 68  
ASP CB   C N N 69  
ASP CG   C N N 70  
ASP OD1  O N N 71  
ASP OD2  O N N 72  
ASP OXT  O N N 73  
ASP H    H N N 74  
ASP H2   H N N 75  
ASP HA   H N N 76  
ASP HB2  H N N 77  
ASP HB3  H N N 78  
ASP HD2  H N N 79  
ASP HXT  H N N 80  
EDO C1   C N N 81  
EDO O1   O N N 82  
EDO C2   C N N 83  
EDO O2   O N N 84  
EDO H11  H N N 85  
EDO H12  H N N 86  
EDO HO1  H N N 87  
EDO H21  H N N 88  
EDO H22  H N N 89  
EDO HO2  H N N 90  
GLN N    N N N 91  
GLN CA   C N S 92  
GLN C    C N N 93  
GLN O    O N N 94  
GLN CB   C N N 95  
GLN CG   C N N 96  
GLN CD   C N N 97  
GLN OE1  O N N 98  
GLN NE2  N N N 99  
GLN OXT  O N N 100 
GLN H    H N N 101 
GLN H2   H N N 102 
GLN HA   H N N 103 
GLN HB2  H N N 104 
GLN HB3  H N N 105 
GLN HG2  H N N 106 
GLN HG3  H N N 107 
GLN HE21 H N N 108 
GLN HE22 H N N 109 
GLN HXT  H N N 110 
GLU N    N N N 111 
GLU CA   C N S 112 
GLU C    C N N 113 
GLU O    O N N 114 
GLU CB   C N N 115 
GLU CG   C N N 116 
GLU CD   C N N 117 
GLU OE1  O N N 118 
GLU OE2  O N N 119 
GLU OXT  O N N 120 
GLU H    H N N 121 
GLU H2   H N N 122 
GLU HA   H N N 123 
GLU HB2  H N N 124 
GLU HB3  H N N 125 
GLU HG2  H N N 126 
GLU HG3  H N N 127 
GLU HE2  H N N 128 
GLU HXT  H N N 129 
GLY N    N N N 130 
GLY CA   C N N 131 
GLY C    C N N 132 
GLY O    O N N 133 
GLY OXT  O N N 134 
GLY H    H N N 135 
GLY H2   H N N 136 
GLY HA2  H N N 137 
GLY HA3  H N N 138 
GLY HXT  H N N 139 
HIS N    N N N 140 
HIS CA   C N S 141 
HIS C    C N N 142 
HIS O    O N N 143 
HIS CB   C N N 144 
HIS CG   C Y N 145 
HIS ND1  N Y N 146 
HIS CD2  C Y N 147 
HIS CE1  C Y N 148 
HIS NE2  N Y N 149 
HIS OXT  O N N 150 
HIS H    H N N 151 
HIS H2   H N N 152 
HIS HA   H N N 153 
HIS HB2  H N N 154 
HIS HB3  H N N 155 
HIS HD1  H N N 156 
HIS HD2  H N N 157 
HIS HE1  H N N 158 
HIS HE2  H N N 159 
HIS HXT  H N N 160 
HOH O    O N N 161 
HOH H1   H N N 162 
HOH H2   H N N 163 
ILE N    N N N 164 
ILE CA   C N S 165 
ILE C    C N N 166 
ILE O    O N N 167 
ILE CB   C N S 168 
ILE CG1  C N N 169 
ILE CG2  C N N 170 
ILE CD1  C N N 171 
ILE OXT  O N N 172 
ILE H    H N N 173 
ILE H2   H N N 174 
ILE HA   H N N 175 
ILE HB   H N N 176 
ILE HG12 H N N 177 
ILE HG13 H N N 178 
ILE HG21 H N N 179 
ILE HG22 H N N 180 
ILE HG23 H N N 181 
ILE HD11 H N N 182 
ILE HD12 H N N 183 
ILE HD13 H N N 184 
ILE HXT  H N N 185 
LEU N    N N N 186 
LEU CA   C N S 187 
LEU C    C N N 188 
LEU O    O N N 189 
LEU CB   C N N 190 
LEU CG   C N N 191 
LEU CD1  C N N 192 
LEU CD2  C N N 193 
LEU OXT  O N N 194 
LEU H    H N N 195 
LEU H2   H N N 196 
LEU HA   H N N 197 
LEU HB2  H N N 198 
LEU HB3  H N N 199 
LEU HG   H N N 200 
LEU HD11 H N N 201 
LEU HD12 H N N 202 
LEU HD13 H N N 203 
LEU HD21 H N N 204 
LEU HD22 H N N 205 
LEU HD23 H N N 206 
LEU HXT  H N N 207 
LYS N    N N N 208 
LYS CA   C N S 209 
LYS C    C N N 210 
LYS O    O N N 211 
LYS CB   C N N 212 
LYS CG   C N N 213 
LYS CD   C N N 214 
LYS CE   C N N 215 
LYS NZ   N N N 216 
LYS OXT  O N N 217 
LYS H    H N N 218 
LYS H2   H N N 219 
LYS HA   H N N 220 
LYS HB2  H N N 221 
LYS HB3  H N N 222 
LYS HG2  H N N 223 
LYS HG3  H N N 224 
LYS HD2  H N N 225 
LYS HD3  H N N 226 
LYS HE2  H N N 227 
LYS HE3  H N N 228 
LYS HZ1  H N N 229 
LYS HZ2  H N N 230 
LYS HZ3  H N N 231 
LYS HXT  H N N 232 
MET N    N N N 233 
MET CA   C N S 234 
MET C    C N N 235 
MET O    O N N 236 
MET CB   C N N 237 
MET CG   C N N 238 
MET SD   S N N 239 
MET CE   C N N 240 
MET OXT  O N N 241 
MET H    H N N 242 
MET H2   H N N 243 
MET HA   H N N 244 
MET HB2  H N N 245 
MET HB3  H N N 246 
MET HG2  H N N 247 
MET HG3  H N N 248 
MET HE1  H N N 249 
MET HE2  H N N 250 
MET HE3  H N N 251 
MET HXT  H N N 252 
NH2 N    N N N 253 
NH2 HN1  H N N 254 
NH2 HN2  H N N 255 
P4G C8   C N N 256 
P4G C7   C N N 257 
P4G O4   O N N 258 
P4G C6   C N N 259 
P4G C5   C N N 260 
P4G O3   O N N 261 
P4G C4   C N N 262 
P4G C3   C N N 263 
P4G O2   O N N 264 
P4G C2   C N N 265 
P4G C1   C N N 266 
P4G H81  H N N 267 
P4G H82  H N N 268 
P4G H83  H N N 269 
P4G H71  H N N 270 
P4G H72  H N N 271 
P4G H61  H N N 272 
P4G H62  H N N 273 
P4G H51  H N N 274 
P4G H52  H N N 275 
P4G H41  H N N 276 
P4G H42  H N N 277 
P4G H31  H N N 278 
P4G H32  H N N 279 
P4G H21  H N N 280 
P4G H22  H N N 281 
P4G H11  H N N 282 
P4G H12  H N N 283 
P4G H13  H N N 284 
SER N    N N N 285 
SER CA   C N S 286 
SER C    C N N 287 
SER O    O N N 288 
SER CB   C N N 289 
SER OG   O N N 290 
SER OXT  O N N 291 
SER H    H N N 292 
SER H2   H N N 293 
SER HA   H N N 294 
SER HB2  H N N 295 
SER HB3  H N N 296 
SER HG   H N N 297 
SER HXT  H N N 298 
SO4 S    S N N 299 
SO4 O1   O N N 300 
SO4 O2   O N N 301 
SO4 O3   O N N 302 
SO4 O4   O N N 303 
THR N    N N N 304 
THR CA   C N S 305 
THR C    C N N 306 
THR O    O N N 307 
THR CB   C N R 308 
THR OG1  O N N 309 
THR CG2  C N N 310 
THR OXT  O N N 311 
THR H    H N N 312 
THR H2   H N N 313 
THR HA   H N N 314 
THR HB   H N N 315 
THR HG1  H N N 316 
THR HG21 H N N 317 
THR HG22 H N N 318 
THR HG23 H N N 319 
THR HXT  H N N 320 
TRP N    N N N 321 
TRP CA   C N S 322 
TRP C    C N N 323 
TRP O    O N N 324 
TRP CB   C N N 325 
TRP CG   C Y N 326 
TRP CD1  C Y N 327 
TRP CD2  C Y N 328 
TRP NE1  N Y N 329 
TRP CE2  C Y N 330 
TRP CE3  C Y N 331 
TRP CZ2  C Y N 332 
TRP CZ3  C Y N 333 
TRP CH2  C Y N 334 
TRP OXT  O N N 335 
TRP H    H N N 336 
TRP H2   H N N 337 
TRP HA   H N N 338 
TRP HB2  H N N 339 
TRP HB3  H N N 340 
TRP HD1  H N N 341 
TRP HE1  H N N 342 
TRP HE3  H N N 343 
TRP HZ2  H N N 344 
TRP HZ3  H N N 345 
TRP HH2  H N N 346 
TRP HXT  H N N 347 
TYR N    N N N 348 
TYR CA   C N S 349 
TYR C    C N N 350 
TYR O    O N N 351 
TYR CB   C N N 352 
TYR CG   C Y N 353 
TYR CD1  C Y N 354 
TYR CD2  C Y N 355 
TYR CE1  C Y N 356 
TYR CE2  C Y N 357 
TYR CZ   C Y N 358 
TYR OH   O N N 359 
TYR OXT  O N N 360 
TYR H    H N N 361 
TYR H2   H N N 362 
TYR HA   H N N 363 
TYR HB2  H N N 364 
TYR HB3  H N N 365 
TYR HD1  H N N 366 
TYR HD2  H N N 367 
TYR HE1  H N N 368 
TYR HE2  H N N 369 
TYR HH   H N N 370 
TYR HXT  H N N 371 
VAL N    N N N 372 
VAL CA   C N S 373 
VAL C    C N N 374 
VAL O    O N N 375 
VAL CB   C N N 376 
VAL CG1  C N N 377 
VAL CG2  C N N 378 
VAL OXT  O N N 379 
VAL H    H N N 380 
VAL H2   H N N 381 
VAL HA   H N N 382 
VAL HB   H N N 383 
VAL HG11 H N N 384 
VAL HG12 H N N 385 
VAL HG13 H N N 386 
VAL HG21 H N N 387 
VAL HG22 H N N 388 
VAL HG23 H N N 389 
VAL HXT  H N N 390 
# 
loop_
_chem_comp_bond.comp_id 
_chem_comp_bond.atom_id_1 
_chem_comp_bond.atom_id_2 
_chem_comp_bond.value_order 
_chem_comp_bond.pdbx_aromatic_flag 
_chem_comp_bond.pdbx_stereo_config 
_chem_comp_bond.pdbx_ordinal 
ACE C   O    doub N N 1   
ACE C   CH3  sing N N 2   
ACE C   H    sing N N 3   
ACE CH3 H1   sing N N 4   
ACE CH3 H2   sing N N 5   
ACE CH3 H3   sing N N 6   
ALA N   CA   sing N N 7   
ALA N   H    sing N N 8   
ALA N   H2   sing N N 9   
ALA CA  C    sing N N 10  
ALA CA  CB   sing N N 11  
ALA CA  HA   sing N N 12  
ALA C   O    doub N N 13  
ALA C   OXT  sing N N 14  
ALA CB  HB1  sing N N 15  
ALA CB  HB2  sing N N 16  
ALA CB  HB3  sing N N 17  
ALA OXT HXT  sing N N 18  
ARG N   CA   sing N N 19  
ARG N   H    sing N N 20  
ARG N   H2   sing N N 21  
ARG CA  C    sing N N 22  
ARG CA  CB   sing N N 23  
ARG CA  HA   sing N N 24  
ARG C   O    doub N N 25  
ARG C   OXT  sing N N 26  
ARG CB  CG   sing N N 27  
ARG CB  HB2  sing N N 28  
ARG CB  HB3  sing N N 29  
ARG CG  CD   sing N N 30  
ARG CG  HG2  sing N N 31  
ARG CG  HG3  sing N N 32  
ARG CD  NE   sing N N 33  
ARG CD  HD2  sing N N 34  
ARG CD  HD3  sing N N 35  
ARG NE  CZ   sing N N 36  
ARG NE  HE   sing N N 37  
ARG CZ  NH1  sing N N 38  
ARG CZ  NH2  doub N N 39  
ARG NH1 HH11 sing N N 40  
ARG NH1 HH12 sing N N 41  
ARG NH2 HH21 sing N N 42  
ARG NH2 HH22 sing N N 43  
ARG OXT HXT  sing N N 44  
ASN N   CA   sing N N 45  
ASN N   H    sing N N 46  
ASN N   H2   sing N N 47  
ASN CA  C    sing N N 48  
ASN CA  CB   sing N N 49  
ASN CA  HA   sing N N 50  
ASN C   O    doub N N 51  
ASN C   OXT  sing N N 52  
ASN CB  CG   sing N N 53  
ASN CB  HB2  sing N N 54  
ASN CB  HB3  sing N N 55  
ASN CG  OD1  doub N N 56  
ASN CG  ND2  sing N N 57  
ASN ND2 HD21 sing N N 58  
ASN ND2 HD22 sing N N 59  
ASN OXT HXT  sing N N 60  
ASP N   CA   sing N N 61  
ASP N   H    sing N N 62  
ASP N   H2   sing N N 63  
ASP CA  C    sing N N 64  
ASP CA  CB   sing N N 65  
ASP CA  HA   sing N N 66  
ASP C   O    doub N N 67  
ASP C   OXT  sing N N 68  
ASP CB  CG   sing N N 69  
ASP CB  HB2  sing N N 70  
ASP CB  HB3  sing N N 71  
ASP CG  OD1  doub N N 72  
ASP CG  OD2  sing N N 73  
ASP OD2 HD2  sing N N 74  
ASP OXT HXT  sing N N 75  
EDO C1  O1   sing N N 76  
EDO C1  C2   sing N N 77  
EDO C1  H11  sing N N 78  
EDO C1  H12  sing N N 79  
EDO O1  HO1  sing N N 80  
EDO C2  O2   sing N N 81  
EDO C2  H21  sing N N 82  
EDO C2  H22  sing N N 83  
EDO O2  HO2  sing N N 84  
GLN N   CA   sing N N 85  
GLN N   H    sing N N 86  
GLN N   H2   sing N N 87  
GLN CA  C    sing N N 88  
GLN CA  CB   sing N N 89  
GLN CA  HA   sing N N 90  
GLN C   O    doub N N 91  
GLN C   OXT  sing N N 92  
GLN CB  CG   sing N N 93  
GLN CB  HB2  sing N N 94  
GLN CB  HB3  sing N N 95  
GLN CG  CD   sing N N 96  
GLN CG  HG2  sing N N 97  
GLN CG  HG3  sing N N 98  
GLN CD  OE1  doub N N 99  
GLN CD  NE2  sing N N 100 
GLN NE2 HE21 sing N N 101 
GLN NE2 HE22 sing N N 102 
GLN OXT HXT  sing N N 103 
GLU N   CA   sing N N 104 
GLU N   H    sing N N 105 
GLU N   H2   sing N N 106 
GLU CA  C    sing N N 107 
GLU CA  CB   sing N N 108 
GLU CA  HA   sing N N 109 
GLU C   O    doub N N 110 
GLU C   OXT  sing N N 111 
GLU CB  CG   sing N N 112 
GLU CB  HB2  sing N N 113 
GLU CB  HB3  sing N N 114 
GLU CG  CD   sing N N 115 
GLU CG  HG2  sing N N 116 
GLU CG  HG3  sing N N 117 
GLU CD  OE1  doub N N 118 
GLU CD  OE2  sing N N 119 
GLU OE2 HE2  sing N N 120 
GLU OXT HXT  sing N N 121 
GLY N   CA   sing N N 122 
GLY N   H    sing N N 123 
GLY N   H2   sing N N 124 
GLY CA  C    sing N N 125 
GLY CA  HA2  sing N N 126 
GLY CA  HA3  sing N N 127 
GLY C   O    doub N N 128 
GLY C   OXT  sing N N 129 
GLY OXT HXT  sing N N 130 
HIS N   CA   sing N N 131 
HIS N   H    sing N N 132 
HIS N   H2   sing N N 133 
HIS CA  C    sing N N 134 
HIS CA  CB   sing N N 135 
HIS CA  HA   sing N N 136 
HIS C   O    doub N N 137 
HIS C   OXT  sing N N 138 
HIS CB  CG   sing N N 139 
HIS CB  HB2  sing N N 140 
HIS CB  HB3  sing N N 141 
HIS CG  ND1  sing Y N 142 
HIS CG  CD2  doub Y N 143 
HIS ND1 CE1  doub Y N 144 
HIS ND1 HD1  sing N N 145 
HIS CD2 NE2  sing Y N 146 
HIS CD2 HD2  sing N N 147 
HIS CE1 NE2  sing Y N 148 
HIS CE1 HE1  sing N N 149 
HIS NE2 HE2  sing N N 150 
HIS OXT HXT  sing N N 151 
HOH O   H1   sing N N 152 
HOH O   H2   sing N N 153 
ILE N   CA   sing N N 154 
ILE N   H    sing N N 155 
ILE N   H2   sing N N 156 
ILE CA  C    sing N N 157 
ILE CA  CB   sing N N 158 
ILE CA  HA   sing N N 159 
ILE C   O    doub N N 160 
ILE C   OXT  sing N N 161 
ILE CB  CG1  sing N N 162 
ILE CB  CG2  sing N N 163 
ILE CB  HB   sing N N 164 
ILE CG1 CD1  sing N N 165 
ILE CG1 HG12 sing N N 166 
ILE CG1 HG13 sing N N 167 
ILE CG2 HG21 sing N N 168 
ILE CG2 HG22 sing N N 169 
ILE CG2 HG23 sing N N 170 
ILE CD1 HD11 sing N N 171 
ILE CD1 HD12 sing N N 172 
ILE CD1 HD13 sing N N 173 
ILE OXT HXT  sing N N 174 
LEU N   CA   sing N N 175 
LEU N   H    sing N N 176 
LEU N   H2   sing N N 177 
LEU CA  C    sing N N 178 
LEU CA  CB   sing N N 179 
LEU CA  HA   sing N N 180 
LEU C   O    doub N N 181 
LEU C   OXT  sing N N 182 
LEU CB  CG   sing N N 183 
LEU CB  HB2  sing N N 184 
LEU CB  HB3  sing N N 185 
LEU CG  CD1  sing N N 186 
LEU CG  CD2  sing N N 187 
LEU CG  HG   sing N N 188 
LEU CD1 HD11 sing N N 189 
LEU CD1 HD12 sing N N 190 
LEU CD1 HD13 sing N N 191 
LEU CD2 HD21 sing N N 192 
LEU CD2 HD22 sing N N 193 
LEU CD2 HD23 sing N N 194 
LEU OXT HXT  sing N N 195 
LYS N   CA   sing N N 196 
LYS N   H    sing N N 197 
LYS N   H2   sing N N 198 
LYS CA  C    sing N N 199 
LYS CA  CB   sing N N 200 
LYS CA  HA   sing N N 201 
LYS C   O    doub N N 202 
LYS C   OXT  sing N N 203 
LYS CB  CG   sing N N 204 
LYS CB  HB2  sing N N 205 
LYS CB  HB3  sing N N 206 
LYS CG  CD   sing N N 207 
LYS CG  HG2  sing N N 208 
LYS CG  HG3  sing N N 209 
LYS CD  CE   sing N N 210 
LYS CD  HD2  sing N N 211 
LYS CD  HD3  sing N N 212 
LYS CE  NZ   sing N N 213 
LYS CE  HE2  sing N N 214 
LYS CE  HE3  sing N N 215 
LYS NZ  HZ1  sing N N 216 
LYS NZ  HZ2  sing N N 217 
LYS NZ  HZ3  sing N N 218 
LYS OXT HXT  sing N N 219 
MET N   CA   sing N N 220 
MET N   H    sing N N 221 
MET N   H2   sing N N 222 
MET CA  C    sing N N 223 
MET CA  CB   sing N N 224 
MET CA  HA   sing N N 225 
MET C   O    doub N N 226 
MET C   OXT  sing N N 227 
MET CB  CG   sing N N 228 
MET CB  HB2  sing N N 229 
MET CB  HB3  sing N N 230 
MET CG  SD   sing N N 231 
MET CG  HG2  sing N N 232 
MET CG  HG3  sing N N 233 
MET SD  CE   sing N N 234 
MET CE  HE1  sing N N 235 
MET CE  HE2  sing N N 236 
MET CE  HE3  sing N N 237 
MET OXT HXT  sing N N 238 
NH2 N   HN1  sing N N 239 
NH2 N   HN2  sing N N 240 
P4G C8  C7   sing N N 241 
P4G C8  H81  sing N N 242 
P4G C8  H82  sing N N 243 
P4G C8  H83  sing N N 244 
P4G C7  O4   sing N N 245 
P4G C7  H71  sing N N 246 
P4G C7  H72  sing N N 247 
P4G O4  C6   sing N N 248 
P4G C6  C5   sing N N 249 
P4G C6  H61  sing N N 250 
P4G C6  H62  sing N N 251 
P4G C5  O3   sing N N 252 
P4G C5  H51  sing N N 253 
P4G C5  H52  sing N N 254 
P4G O3  C4   sing N N 255 
P4G C4  C3   sing N N 256 
P4G C4  H41  sing N N 257 
P4G C4  H42  sing N N 258 
P4G C3  O2   sing N N 259 
P4G C3  H31  sing N N 260 
P4G C3  H32  sing N N 261 
P4G O2  C2   sing N N 262 
P4G C2  C1   sing N N 263 
P4G C2  H21  sing N N 264 
P4G C2  H22  sing N N 265 
P4G C1  H11  sing N N 266 
P4G C1  H12  sing N N 267 
P4G C1  H13  sing N N 268 
SER N   CA   sing N N 269 
SER N   H    sing N N 270 
SER N   H2   sing N N 271 
SER CA  C    sing N N 272 
SER CA  CB   sing N N 273 
SER CA  HA   sing N N 274 
SER C   O    doub N N 275 
SER C   OXT  sing N N 276 
SER CB  OG   sing N N 277 
SER CB  HB2  sing N N 278 
SER CB  HB3  sing N N 279 
SER OG  HG   sing N N 280 
SER OXT HXT  sing N N 281 
SO4 S   O1   doub N N 282 
SO4 S   O2   doub N N 283 
SO4 S   O3   sing N N 284 
SO4 S   O4   sing N N 285 
THR N   CA   sing N N 286 
THR N   H    sing N N 287 
THR N   H2   sing N N 288 
THR CA  C    sing N N 289 
THR CA  CB   sing N N 290 
THR CA  HA   sing N N 291 
THR C   O    doub N N 292 
THR C   OXT  sing N N 293 
THR CB  OG1  sing N N 294 
THR CB  CG2  sing N N 295 
THR CB  HB   sing N N 296 
THR OG1 HG1  sing N N 297 
THR CG2 HG21 sing N N 298 
THR CG2 HG22 sing N N 299 
THR CG2 HG23 sing N N 300 
THR OXT HXT  sing N N 301 
TRP N   CA   sing N N 302 
TRP N   H    sing N N 303 
TRP N   H2   sing N N 304 
TRP CA  C    sing N N 305 
TRP CA  CB   sing N N 306 
TRP CA  HA   sing N N 307 
TRP C   O    doub N N 308 
TRP C   OXT  sing N N 309 
TRP CB  CG   sing N N 310 
TRP CB  HB2  sing N N 311 
TRP CB  HB3  sing N N 312 
TRP CG  CD1  doub Y N 313 
TRP CG  CD2  sing Y N 314 
TRP CD1 NE1  sing Y N 315 
TRP CD1 HD1  sing N N 316 
TRP CD2 CE2  doub Y N 317 
TRP CD2 CE3  sing Y N 318 
TRP NE1 CE2  sing Y N 319 
TRP NE1 HE1  sing N N 320 
TRP CE2 CZ2  sing Y N 321 
TRP CE3 CZ3  doub Y N 322 
TRP CE3 HE3  sing N N 323 
TRP CZ2 CH2  doub Y N 324 
TRP CZ2 HZ2  sing N N 325 
TRP CZ3 CH2  sing Y N 326 
TRP CZ3 HZ3  sing N N 327 
TRP CH2 HH2  sing N N 328 
TRP OXT HXT  sing N N 329 
TYR N   CA   sing N N 330 
TYR N   H    sing N N 331 
TYR N   H2   sing N N 332 
TYR CA  C    sing N N 333 
TYR CA  CB   sing N N 334 
TYR CA  HA   sing N N 335 
TYR C   O    doub N N 336 
TYR C   OXT  sing N N 337 
TYR CB  CG   sing N N 338 
TYR CB  HB2  sing N N 339 
TYR CB  HB3  sing N N 340 
TYR CG  CD1  doub Y N 341 
TYR CG  CD2  sing Y N 342 
TYR CD1 CE1  sing Y N 343 
TYR CD1 HD1  sing N N 344 
TYR CD2 CE2  doub Y N 345 
TYR CD2 HD2  sing N N 346 
TYR CE1 CZ   doub Y N 347 
TYR CE1 HE1  sing N N 348 
TYR CE2 CZ   sing Y N 349 
TYR CE2 HE2  sing N N 350 
TYR CZ  OH   sing N N 351 
TYR OH  HH   sing N N 352 
TYR OXT HXT  sing N N 353 
VAL N   CA   sing N N 354 
VAL N   H    sing N N 355 
VAL N   H2   sing N N 356 
VAL CA  C    sing N N 357 
VAL CA  CB   sing N N 358 
VAL CA  HA   sing N N 359 
VAL C   O    doub N N 360 
VAL C   OXT  sing N N 361 
VAL CB  CG1  sing N N 362 
VAL CB  CG2  sing N N 363 
VAL CB  HB   sing N N 364 
VAL CG1 HG11 sing N N 365 
VAL CG1 HG12 sing N N 366 
VAL CG1 HG13 sing N N 367 
VAL CG2 HG21 sing N N 368 
VAL CG2 HG22 sing N N 369 
VAL CG2 HG23 sing N N 370 
VAL OXT HXT  sing N N 371 
# 
_atom_sites.entry_id                    5CMZ 
_atom_sites.fract_transf_matrix[1][1]   0.01256750 
_atom_sites.fract_transf_matrix[1][2]   0.02274237 
_atom_sites.fract_transf_matrix[1][3]   0.00105650 
_atom_sites.fract_transf_matrix[2][1]   0.00058060 
_atom_sites.fract_transf_matrix[2][2]   0.01551665 
_atom_sites.fract_transf_matrix[2][3]   -0.02086040 
_atom_sites.fract_transf_matrix[3][1]   -0.00367734 
_atom_sites.fract_transf_matrix[3][2]   0.00196883 
_atom_sites.fract_transf_matrix[3][3]   0.00136213 
_atom_sites.fract_transf_vector[1]      -0.476053 
_atom_sites.fract_transf_vector[2]      -0.004952 
_atom_sites.fract_transf_vector[3]      0.005164 
# 
loop_
_atom_type.symbol 
C 
N 
O 
S 
# 
loop_
_atom_site.group_PDB 
_atom_site.id 
_atom_site.type_symbol 
_atom_site.label_atom_id 
_atom_site.label_alt_id 
_atom_site.label_comp_id 
_atom_site.label_asym_id 
_atom_site.label_entity_id 
_atom_site.label_seq_id 
_atom_site.pdbx_PDB_ins_code 
_atom_site.Cartn_x 
_atom_site.Cartn_y 
_atom_site.Cartn_z 
_atom_site.occupancy 
_atom_site.B_iso_or_equiv 
_atom_site.pdbx_formal_charge 
_atom_site.auth_seq_id 
_atom_site.auth_comp_id 
_atom_site.auth_asym_id 
_atom_site.auth_atom_id 
_atom_site.pdbx_PDB_model_num 
ATOM   1    N N   . ILE A 1 3  ? 49.585  -12.717 -26.081 1.00 97.26  ? 3   ILE A N   1 
ATOM   2    C CA  . ILE A 1 3  ? 48.172  -12.874 -26.400 1.00 91.71  ? 3   ILE A CA  1 
ATOM   3    C C   . ILE A 1 3  ? 47.383  -13.299 -25.160 1.00 98.49  ? 3   ILE A C   1 
ATOM   4    O O   . ILE A 1 3  ? 46.153  -13.257 -25.147 1.00 94.38  ? 3   ILE A O   1 
ATOM   5    C CB  . ILE A 1 3  ? 47.961  -13.889 -27.545 1.00 83.67  ? 3   ILE A CB  1 
ATOM   6    C CG1 . ILE A 1 3  ? 46.624  -13.643 -28.250 1.00 87.52  ? 3   ILE A CG1 1 
ATOM   7    C CG2 . ILE A 1 3  ? 48.071  -15.316 -27.028 1.00 82.01  ? 3   ILE A CG2 1 
ATOM   8    C CD1 . ILE A 1 3  ? 46.363  -14.572 -29.416 1.00 83.38  ? 3   ILE A CD1 1 
ATOM   9    N N   . VAL A 1 4  ? 48.101  -13.711 -24.119 1.00 96.87  ? 4   VAL A N   1 
ATOM   10   C CA  . VAL A 1 4  ? 47.478  -14.013 -22.835 1.00 95.75  ? 4   VAL A CA  1 
ATOM   11   C C   . VAL A 1 4  ? 47.163  -12.689 -22.143 1.00 97.16  ? 4   VAL A C   1 
ATOM   12   O O   . VAL A 1 4  ? 46.272  -12.603 -21.296 1.00 92.63  ? 4   VAL A O   1 
ATOM   13   C CB  . VAL A 1 4  ? 48.392  -14.893 -21.951 1.00 91.57  ? 4   VAL A CB  1 
ATOM   14   C CG1 . VAL A 1 4  ? 49.667  -14.149 -21.584 1.00 90.92  ? 4   VAL A CG1 1 
ATOM   15   C CG2 . VAL A 1 4  ? 47.655  -15.354 -20.702 1.00 96.70  ? 4   VAL A CG2 1 
ATOM   16   N N   . GLN A 1 5  ? 47.905  -11.657 -22.532 1.00 95.18  ? 5   GLN A N   1 
ATOM   17   C CA  . GLN A 1 5  ? 47.649  -10.292 -22.096 1.00 92.74  ? 5   GLN A CA  1 
ATOM   18   C C   . GLN A 1 5  ? 46.302  -9.833  -22.642 1.00 95.29  ? 5   GLN A C   1 
ATOM   19   O O   . GLN A 1 5  ? 45.574  -9.080  -21.994 1.00 89.60  ? 5   GLN A O   1 
ATOM   20   C CB  . GLN A 1 5  ? 48.769  -9.381  -22.600 1.00 93.76  ? 5   GLN A CB  1 
ATOM   21   C CG  . GLN A 1 5  ? 48.367  -7.935  -22.832 1.00 100.54 ? 5   GLN A CG  1 
ATOM   22   C CD  . GLN A 1 5  ? 49.246  -7.256  -23.863 1.00 114.15 ? 5   GLN A CD  1 
ATOM   23   O OE1 . GLN A 1 5  ? 48.819  -7.007  -24.990 1.00 113.48 ? 5   GLN A OE1 1 
ATOM   24   N NE2 . GLN A 1 5  ? 50.483  -6.956  -23.484 1.00 117.85 ? 5   GLN A NE2 1 
ATOM   25   N N   . GLN A 1 6  ? 45.975  -10.308 -23.840 1.00 93.70  ? 6   GLN A N   1 
ATOM   26   C CA  . GLN A 1 6  ? 44.717  -9.973  -24.490 1.00 89.85  ? 6   GLN A CA  1 
ATOM   27   C C   . GLN A 1 6  ? 43.536  -10.539 -23.706 1.00 91.19  ? 6   GLN A C   1 
ATOM   28   O O   . GLN A 1 6  ? 42.601  -9.812  -23.370 1.00 86.43  ? 6   GLN A O   1 
ATOM   29   C CB  . GLN A 1 6  ? 44.701  -10.520 -25.919 1.00 88.11  ? 6   GLN A CB  1 
ATOM   30   C CG  . GLN A 1 6  ? 43.709  -9.839  -26.843 1.00 89.39  ? 6   GLN A CG  1 
ATOM   31   C CD  . GLN A 1 6  ? 44.209  -8.502  -27.345 1.00 96.29  ? 6   GLN A CD  1 
ATOM   32   O OE1 . GLN A 1 6  ? 44.314  -7.540  -26.586 1.00 96.48  ? 6   GLN A OE1 1 
ATOM   33   N NE2 . GLN A 1 6  ? 44.530  -8.438  -28.631 1.00 100.50 ? 6   GLN A NE2 1 
ATOM   34   N N   . GLN A 1 7  ? 43.593  -11.834 -23.411 1.00 89.04  ? 7   GLN A N   1 
ATOM   35   C CA  . GLN A 1 7  ? 42.516  -12.516 -22.697 1.00 85.49  ? 7   GLN A CA  1 
ATOM   36   C C   . GLN A 1 7  ? 42.272  -11.933 -21.310 1.00 77.28  ? 7   GLN A C   1 
ATOM   37   O O   . GLN A 1 7  ? 41.139  -11.904 -20.834 1.00 73.05  ? 7   GLN A O   1 
ATOM   38   C CB  . GLN A 1 7  ? 42.809  -14.013 -22.590 1.00 86.43  ? 7   GLN A CB  1 
ATOM   39   C CG  . GLN A 1 7  ? 42.883  -14.719 -23.928 1.00 81.85  ? 7   GLN A CG  1 
ATOM   40   C CD  . GLN A 1 7  ? 43.120  -16.208 -23.791 1.00 92.39  ? 7   GLN A CD  1 
ATOM   41   O OE1 . GLN A 1 7  ? 43.657  -16.672 -22.787 1.00 97.84  ? 7   GLN A OE1 1 
ATOM   42   N NE2 . GLN A 1 7  ? 42.713  -16.965 -24.802 1.00 88.96  ? 7   GLN A NE2 1 
ATOM   43   N N   . ASN A 1 8  ? 43.340  -11.479 -20.662 1.00 81.81  ? 8   ASN A N   1 
ATOM   44   C CA  . ASN A 1 8  ? 43.221  -10.828 -19.363 1.00 80.58  ? 8   ASN A CA  1 
ATOM   45   C C   . ASN A 1 8  ? 42.473  -9.504  -19.488 1.00 77.77  ? 8   ASN A C   1 
ATOM   46   O O   . ASN A 1 8  ? 41.827  -9.052  -18.543 1.00 74.40  ? 8   ASN A O   1 
ATOM   47   C CB  . ASN A 1 8  ? 44.603  -10.612 -18.743 1.00 80.39  ? 8   ASN A CB  1 
ATOM   48   C CG  . ASN A 1 8  ? 44.533  -9.971  -17.371 1.00 89.48  ? 8   ASN A CG  1 
ATOM   49   O OD1 . ASN A 1 8  ? 44.750  -8.768  -17.222 1.00 82.05  ? 8   ASN A OD1 1 
ATOM   50   N ND2 . ASN A 1 8  ? 44.225  -10.772 -16.357 1.00 90.93  ? 8   ASN A ND2 1 
ATOM   51   N N   . ASN A 1 9  ? 42.557  -8.892  -20.665 1.00 73.64  ? 9   ASN A N   1 
ATOM   52   C CA  . ASN A 1 9  ? 41.830  -7.660  -20.944 1.00 73.71  ? 9   ASN A CA  1 
ATOM   53   C C   . ASN A 1 9  ? 40.410  -7.925  -21.438 1.00 74.55  ? 9   ASN A C   1 
ATOM   54   O O   . ASN A 1 9  ? 39.500  -7.144  -21.164 1.00 67.04  ? 9   ASN A O   1 
ATOM   55   C CB  . ASN A 1 9  ? 42.597  -6.788  -21.941 1.00 79.78  ? 9   ASN A CB  1 
ATOM   56   C CG  . ASN A 1 9  ? 43.807  -6.121  -21.319 1.00 87.33  ? 9   ASN A CG  1 
ATOM   57   O OD1 . ASN A 1 9  ? 43.827  -5.839  -20.121 1.00 75.55  ? 9   ASN A OD1 1 
ATOM   58   N ND2 . ASN A 1 9  ? 44.824  -5.863  -22.134 1.00 90.96  ? 9   ASN A ND2 1 
ATOM   59   N N   . LEU A 1 10 ? 40.227  -9.020  -22.169 1.00 70.33  ? 10  LEU A N   1 
ATOM   60   C CA  . LEU A 1 10 ? 38.891  -9.450  -22.569 1.00 63.71  ? 10  LEU A CA  1 
ATOM   61   C C   . LEU A 1 10 ? 38.074  -9.799  -21.329 1.00 66.74  ? 10  LEU A C   1 
ATOM   62   O O   . LEU A 1 10 ? 36.872  -9.547  -21.273 1.00 62.00  ? 10  LEU A O   1 
ATOM   63   C CB  . LEU A 1 10 ? 38.958  -10.660 -23.504 1.00 69.61  ? 10  LEU A CB  1 
ATOM   64   C CG  . LEU A 1 10 ? 38.977  -10.437 -25.020 1.00 73.40  ? 10  LEU A CG  1 
ATOM   65   C CD1 . LEU A 1 10 ? 37.782  -9.611  -25.455 1.00 72.51  ? 10  LEU A CD1 1 
ATOM   66   C CD2 . LEU A 1 10 ? 40.265  -9.783  -25.476 1.00 78.22  ? 10  LEU A CD2 1 
ATOM   67   N N   . LEU A 1 11 ? 38.744  -10.377 -20.335 1.00 61.23  ? 11  LEU A N   1 
ATOM   68   C CA  . LEU A 1 11 ? 38.103  -10.743 -19.078 1.00 63.11  ? 11  LEU A CA  1 
ATOM   69   C C   . LEU A 1 11 ? 37.721  -9.507  -18.269 1.00 64.61  ? 11  LEU A C   1 
ATOM   70   O O   . LEU A 1 11 ? 36.648  -9.460  -17.668 1.00 65.97  ? 11  LEU A O   1 
ATOM   71   C CB  . LEU A 1 11 ? 39.031  -11.638 -18.253 1.00 68.86  ? 11  LEU A CB  1 
ATOM   72   C CG  . LEU A 1 11 ? 38.538  -12.048 -16.866 1.00 63.86  ? 11  LEU A CG  1 
ATOM   73   C CD1 . LEU A 1 11 ? 37.293  -12.909 -16.976 1.00 62.80  ? 11  LEU A CD1 1 
ATOM   74   C CD2 . LEU A 1 11 ? 39.631  -12.773 -16.099 1.00 66.80  ? 11  LEU A CD2 1 
ATOM   75   N N   . ARG A 1 12 ? 38.602  -8.512  -18.260 1.00 65.14  ? 12  ARG A N   1 
ATOM   76   C CA  . ARG A 1 12 ? 38.366  -7.280  -17.511 1.00 61.74  ? 12  ARG A CA  1 
ATOM   77   C C   . ARG A 1 12 ? 37.168  -6.499  -18.044 1.00 62.38  ? 12  ARG A C   1 
ATOM   78   O O   . ARG A 1 12 ? 36.470  -5.828  -17.286 1.00 63.32  ? 12  ARG A O   1 
ATOM   79   C CB  . ARG A 1 12 ? 39.621  -6.401  -17.508 1.00 58.11  ? 12  ARG A CB  1 
ATOM   80   C CG  . ARG A 1 12 ? 40.594  -6.711  -16.377 1.00 68.95  ? 12  ARG A CG  1 
ATOM   81   C CD  . ARG A 1 12 ? 41.874  -5.896  -16.498 1.00 75.14  ? 12  ARG A CD  1 
ATOM   82   N NE  . ARG A 1 12 ? 42.540  -5.724  -15.210 1.00 88.80  ? 12  ARG A NE  1 
ATOM   83   C CZ  . ARG A 1 12 ? 42.448  -4.627  -14.464 1.00 97.82  ? 12  ARG A CZ  1 
ATOM   84   N NH1 . ARG A 1 12 ? 41.721  -3.599  -14.881 1.00 98.22  ? 12  ARG A NH1 1 
ATOM   85   N NH2 . ARG A 1 12 ? 43.086  -4.555  -13.303 1.00 97.06  ? 12  ARG A NH2 1 
ATOM   86   N N   . ALA A 1 13 ? 36.932  -6.589  -19.349 1.00 59.29  ? 13  ALA A N   1 
ATOM   87   C CA  . ALA A 1 13 ? 35.786  -5.931  -19.964 1.00 57.04  ? 13  ALA A CA  1 
ATOM   88   C C   . ALA A 1 13 ? 34.497  -6.657  -19.595 1.00 61.67  ? 13  ALA A C   1 
ATOM   89   O O   . ALA A 1 13 ? 33.455  -6.033  -19.393 1.00 54.98  ? 13  ALA A O   1 
ATOM   90   C CB  . ALA A 1 13 ? 35.953  -5.870  -21.470 1.00 45.41  ? 13  ALA A CB  1 
ATOM   91   N N   . ILE A 1 14 ? 34.579  -7.981  -19.509 1.00 59.00  ? 14  ILE A N   1 
ATOM   92   C CA  . ILE A 1 14 ? 33.435  -8.805  -19.135 1.00 55.59  ? 14  ILE A CA  1 
ATOM   93   C C   . ILE A 1 14 ? 33.071  -8.600  -17.663 1.00 55.97  ? 14  ILE A C   1 
ATOM   94   O O   . ILE A 1 14 ? 31.892  -8.581  -17.304 1.00 57.05  ? 14  ILE A O   1 
ATOM   95   C CB  . ILE A 1 14 ? 33.703  -10.297 -19.436 1.00 62.66  ? 14  ILE A CB  1 
ATOM   96   C CG1 . ILE A 1 14 ? 33.785  -10.516 -20.948 1.00 58.05  ? 14  ILE A CG1 1 
ATOM   97   C CG2 . ILE A 1 14 ? 32.622  -11.183 -18.840 1.00 54.77  ? 14  ILE A CG2 1 
ATOM   98   C CD1 . ILE A 1 14 ? 33.947  -11.961 -21.352 1.00 59.12  ? 14  ILE A CD1 1 
ATOM   99   N N   . GLU A 1 15 ? 34.084  -8.431  -16.818 1.00 62.71  ? 15  GLU A N   1 
ATOM   100  C CA  . GLU A 1 15 ? 33.862  -8.168  -15.400 1.00 61.75  ? 15  GLU A CA  1 
ATOM   101  C C   . GLU A 1 15 ? 33.188  -6.815  -15.186 1.00 61.88  ? 15  GLU A C   1 
ATOM   102  O O   . GLU A 1 15 ? 32.378  -6.653  -14.275 1.00 62.38  ? 15  GLU A O   1 
ATOM   103  C CB  . GLU A 1 15 ? 35.181  -8.229  -14.625 1.00 53.49  ? 15  GLU A CB  1 
ATOM   104  C CG  . GLU A 1 15 ? 35.777  -9.626  -14.512 1.00 68.23  ? 15  GLU A CG  1 
ATOM   105  C CD  . GLU A 1 15 ? 37.114  -9.635  -13.792 1.00 72.71  ? 15  GLU A CD  1 
ATOM   106  O OE1 . GLU A 1 15 ? 37.572  -10.728 -13.402 1.00 73.93  ? 15  GLU A OE1 1 
ATOM   107  O OE2 . GLU A 1 15 ? 37.709  -8.549  -13.621 1.00 70.43  ? 15  GLU A OE2 1 
ATOM   108  N N   . ALA A 1 16 ? 33.527  -5.847  -16.030 1.00 52.03  ? 16  ALA A N   1 
ATOM   109  C CA  . ALA A 1 16 ? 32.943  -4.513  -15.944 1.00 59.94  ? 16  ALA A CA  1 
ATOM   110  C C   . ALA A 1 16 ? 31.479  -4.528  -16.375 1.00 59.86  ? 16  ALA A C   1 
ATOM   111  O O   . ALA A 1 16 ? 30.647  -3.820  -15.808 1.00 52.50  ? 16  ALA A O   1 
ATOM   112  C CB  . ALA A 1 16 ? 33.735  -3.532  -16.789 1.00 53.36  ? 16  ALA A CB  1 
ATOM   113  N N   . GLN A 1 17 ? 31.173  -5.338  -17.385 1.00 57.49  ? 17  GLN A N   1 
ATOM   114  C CA  . GLN A 1 17 ? 29.808  -5.462  -17.883 1.00 56.15  ? 17  GLN A CA  1 
ATOM   115  C C   . GLN A 1 17 ? 28.952  -6.317  -16.955 1.00 54.39  ? 17  GLN A C   1 
ATOM   116  O O   . GLN A 1 17 ? 27.728  -6.213  -16.957 1.00 53.44  ? 17  GLN A O   1 
ATOM   117  C CB  . GLN A 1 17 ? 29.804  -6.041  -19.301 1.00 53.40  ? 17  GLN A CB  1 
ATOM   118  C CG  . GLN A 1 17 ? 30.421  -5.123  -20.350 1.00 53.09  ? 17  GLN A CG  1 
ATOM   119  C CD  . GLN A 1 17 ? 30.388  -5.721  -21.743 1.00 59.30  ? 17  GLN A CD  1 
ATOM   120  O OE1 . GLN A 1 17 ? 30.139  -6.914  -21.914 1.00 61.95  ? 17  GLN A OE1 1 
ATOM   121  N NE2 . GLN A 1 17 ? 30.639  -4.892  -22.750 1.00 53.50  ? 17  GLN A NE2 1 
ATOM   122  N N   . GLN A 1 18 ? 29.603  -7.163  -16.163 1.00 58.27  ? 18  GLN A N   1 
ATOM   123  C CA  . GLN A 1 18 ? 28.900  -7.986  -15.185 1.00 55.47  ? 18  GLN A CA  1 
ATOM   124  C C   . GLN A 1 18 ? 28.358  -7.117  -14.052 1.00 60.10  ? 18  GLN A C   1 
ATOM   125  O O   . GLN A 1 18 ? 27.286  -7.381  -13.508 1.00 59.56  ? 18  GLN A O   1 
ATOM   126  C CB  . GLN A 1 18 ? 29.830  -9.071  -14.632 1.00 58.12  ? 18  GLN A CB  1 
ATOM   127  C CG  . GLN A 1 18 ? 29.207  -9.948  -13.552 1.00 58.66  ? 18  GLN A CG  1 
ATOM   128  C CD  . GLN A 1 18 ? 28.053  -10.793 -14.065 1.00 70.71  ? 18  GLN A CD  1 
ATOM   129  O OE1 . GLN A 1 18 ? 27.944  -11.052 -15.263 1.00 80.32  ? 18  GLN A OE1 1 
ATOM   130  N NE2 . GLN A 1 18 ? 27.187  -11.228 -13.157 1.00 74.29  ? 18  GLN A NE2 1 
ATOM   131  N N   . HIS A 1 19 ? 29.100  -6.067  -13.715 1.00 53.42  ? 19  HIS A N   1 
ATOM   132  C CA  . HIS A 1 19 ? 28.696  -5.153  -12.653 1.00 59.97  ? 19  HIS A CA  1 
ATOM   133  C C   . HIS A 1 19 ? 27.637  -4.174  -13.155 1.00 61.35  ? 19  HIS A C   1 
ATOM   134  O O   . HIS A 1 19 ? 26.770  -3.745  -12.396 1.00 56.25  ? 19  HIS A O   1 
ATOM   135  C CB  . HIS A 1 19 ? 29.910  -4.399  -12.104 1.00 58.75  ? 19  HIS A CB  1 
ATOM   136  C CG  . HIS A 1 19 ? 29.681  -3.771  -10.766 1.00 78.91  ? 19  HIS A CG  1 
ATOM   137  N ND1 . HIS A 1 19 ? 28.577  -4.056  -9.986  1.00 81.25  ? 19  HIS A ND1 1 
ATOM   138  C CD2 . HIS A 1 19 ? 30.412  -2.874  -10.062 1.00 81.54  ? 19  HIS A CD2 1 
ATOM   139  C CE1 . HIS A 1 19 ? 28.641  -3.362  -8.866  1.00 84.35  ? 19  HIS A CE1 1 
ATOM   140  N NE2 . HIS A 1 19 ? 29.744  -2.635  -8.887  1.00 86.43  ? 19  HIS A NE2 1 
ATOM   141  N N   . LEU A 1 20 ? 27.716  -3.823  -14.437 1.00 57.26  ? 20  LEU A N   1 
ATOM   142  C CA  . LEU A 1 20 ? 26.716  -2.958  -15.055 1.00 53.59  ? 20  LEU A CA  1 
ATOM   143  C C   . LEU A 1 20 ? 25.356  -3.645  -15.099 1.00 53.93  ? 20  LEU A C   1 
ATOM   144  O O   . LEU A 1 20 ? 24.325  -3.010  -14.876 1.00 50.95  ? 20  LEU A O   1 
ATOM   145  C CB  . LEU A 1 20 ? 27.145  -2.555  -16.468 1.00 50.55  ? 20  LEU A CB  1 
ATOM   146  C CG  . LEU A 1 20 ? 28.020  -1.310  -16.610 1.00 56.06  ? 20  LEU A CG  1 
ATOM   147  C CD1 . LEU A 1 20 ? 28.476  -1.131  -18.048 1.00 49.86  ? 20  LEU A CD1 1 
ATOM   148  C CD2 . LEU A 1 20 ? 27.262  -0.085  -16.137 1.00 53.10  ? 20  LEU A CD2 1 
ATOM   149  N N   . LEU A 1 21 ? 25.363  -4.944  -15.384 1.00 47.54  ? 21  LEU A N   1 
ATOM   150  C CA  . LEU A 1 21 ? 24.132  -5.727  -15.451 1.00 51.14  ? 21  LEU A CA  1 
ATOM   151  C C   . LEU A 1 21 ? 23.443  -5.834  -14.093 1.00 51.18  ? 21  LEU A C   1 
ATOM   152  O O   . LEU A 1 21 ? 22.222  -5.716  -14.002 1.00 50.22  ? 21  LEU A O   1 
ATOM   153  C CB  . LEU A 1 21 ? 24.412  -7.120  -16.021 1.00 48.39  ? 21  LEU A CB  1 
ATOM   154  C CG  . LEU A 1 21 ? 24.497  -7.213  -17.544 1.00 54.78  ? 21  LEU A CG  1 
ATOM   155  C CD1 . LEU A 1 21 ? 25.111  -8.530  -17.979 1.00 52.86  ? 21  LEU A CD1 1 
ATOM   156  C CD2 . LEU A 1 21 ? 23.117  -7.044  -18.155 1.00 49.78  ? 21  LEU A CD2 1 
ATOM   157  N N   . GLN A 1 22 ? 24.226  -6.053  -13.041 1.00 52.01  ? 22  GLN A N   1 
ATOM   158  C CA  . GLN A 1 22 ? 23.684  -6.137  -11.688 1.00 54.35  ? 22  GLN A CA  1 
ATOM   159  C C   . GLN A 1 22 ? 23.057  -4.816  -11.251 1.00 51.73  ? 22  GLN A C   1 
ATOM   160  O O   . GLN A 1 22 ? 22.103  -4.803  -10.475 1.00 51.67  ? 22  GLN A O   1 
ATOM   161  C CB  . GLN A 1 22 ? 24.766  -6.566  -10.693 1.00 51.90  ? 22  GLN A CB  1 
ATOM   162  C CG  . GLN A 1 22 ? 25.155  -8.036  -10.786 1.00 64.96  ? 22  GLN A CG  1 
ATOM   163  C CD  . GLN A 1 22 ? 26.286  -8.403  -9.843  1.00 81.63  ? 22  GLN A CD  1 
ATOM   164  O OE1 . GLN A 1 22 ? 27.105  -7.561  -9.476  1.00 85.18  ? 22  GLN A OE1 1 
ATOM   165  N NE2 . GLN A 1 22 ? 26.334  -9.669  -9.444  1.00 85.30  ? 22  GLN A NE2 1 
ATOM   166  N N   . LEU A 1 23 ? 23.595  -3.711  -11.756 1.00 51.31  ? 23  LEU A N   1 
ATOM   167  C CA  . LEU A 1 23 ? 23.073  -2.389  -11.423 1.00 49.68  ? 23  LEU A CA  1 
ATOM   168  C C   . LEU A 1 23 ? 21.774  -2.080  -12.167 1.00 48.28  ? 23  LEU A C   1 
ATOM   169  O O   . LEU A 1 23 ? 20.893  -1.409  -11.632 1.00 52.95  ? 23  LEU A O   1 
ATOM   170  C CB  . LEU A 1 23 ? 24.120  -1.307  -11.697 1.00 53.54  ? 23  LEU A CB  1 
ATOM   171  C CG  . LEU A 1 23 ? 25.272  -1.226  -10.697 1.00 55.67  ? 23  LEU A CG  1 
ATOM   172  C CD1 . LEU A 1 23 ? 26.273  -0.157  -11.104 1.00 57.76  ? 23  LEU A CD1 1 
ATOM   173  C CD2 . LEU A 1 23 ? 24.737  -0.950  -9.304  1.00 52.78  ? 23  LEU A CD2 1 
ATOM   174  N N   . THR A 1 24 ? 21.656  -2.573  -13.396 1.00 48.99  ? 24  THR A N   1 
ATOM   175  C CA  . THR A 1 24 ? 20.428  -2.403  -14.169 1.00 48.62  ? 24  THR A CA  1 
ATOM   176  C C   . THR A 1 24 ? 19.300  -3.239  -13.572 1.00 45.33  ? 24  THR A C   1 
ATOM   177  O O   . THR A 1 24 ? 18.154  -2.796  -13.515 1.00 45.66  ? 24  THR A O   1 
ATOM   178  C CB  . THR A 1 24 ? 20.620  -2.777  -15.650 1.00 43.25  ? 24  THR A CB  1 
ATOM   179  O OG1 . THR A 1 24 ? 21.100  -4.123  -15.752 1.00 49.36  ? 24  THR A OG1 1 
ATOM   180  C CG2 . THR A 1 24 ? 21.611  -1.834  -16.315 1.00 41.19  ? 24  THR A CG2 1 
ATOM   181  N N   . VAL A 1 25 ? 19.637  -4.447  -13.132 1.00 44.52  ? 25  VAL A N   1 
ATOM   182  C CA  . VAL A 1 25 ? 18.679  -5.325  -12.464 1.00 41.20  ? 25  VAL A CA  1 
ATOM   183  C C   . VAL A 1 25 ? 18.154  -4.676  -11.185 1.00 43.84  ? 25  VAL A C   1 
ATOM   184  O O   . VAL A 1 25 ? 16.964  -4.762  -10.876 1.00 42.20  ? 25  VAL A O   1 
ATOM   185  C CB  . VAL A 1 25 ? 19.299  -6.703  -12.149 1.00 42.62  ? 25  VAL A CB  1 
ATOM   186  C CG1 . VAL A 1 25 ? 18.383  -7.518  -11.248 1.00 44.39  ? 25  VAL A CG1 1 
ATOM   187  C CG2 . VAL A 1 25 ? 19.586  -7.461  -13.436 1.00 39.28  ? 25  VAL A CG2 1 
ATOM   188  N N   . TRP A 1 26 ? 19.044  -4.013  -10.454 1.00 42.89  ? 26  TRP A N   1 
ATOM   189  C CA  . TRP A 1 26 ? 18.663  -3.293  -9.245  1.00 47.68  ? 26  TRP A CA  1 
ATOM   190  C C   . TRP A 1 26 ? 17.619  -2.225  -9.552  1.00 48.66  ? 26  TRP A C   1 
ATOM   191  O O   . TRP A 1 26 ? 16.614  -2.114  -8.852  1.00 47.53  ? 26  TRP A O   1 
ATOM   192  C CB  . TRP A 1 26 ? 19.889  -2.651  -8.590  1.00 44.40  ? 26  TRP A CB  1 
ATOM   193  C CG  . TRP A 1 26 ? 19.567  -1.864  -7.345  1.00 48.73  ? 26  TRP A CG  1 
ATOM   194  C CD1 . TRP A 1 26 ? 19.510  -2.337  -6.067  1.00 46.73  ? 26  TRP A CD1 1 
ATOM   195  C CD2 . TRP A 1 26 ? 19.263  -0.463  -7.269  1.00 54.75  ? 26  TRP A CD2 1 
ATOM   196  N NE1 . TRP A 1 26 ? 19.187  -1.318  -5.200  1.00 50.58  ? 26  TRP A NE1 1 
ATOM   197  C CE2 . TRP A 1 26 ? 19.029  -0.160  -5.913  1.00 51.69  ? 26  TRP A CE2 1 
ATOM   198  C CE3 . TRP A 1 26 ? 19.164  0.560   -8.215  1.00 48.97  ? 26  TRP A CE3 1 
ATOM   199  C CZ2 . TRP A 1 26 ? 18.703  1.128   -5.482  1.00 50.79  ? 26  TRP A CZ2 1 
ATOM   200  C CZ3 . TRP A 1 26 ? 18.840  1.836   -7.786  1.00 51.31  ? 26  TRP A CZ3 1 
ATOM   201  C CH2 . TRP A 1 26 ? 18.614  2.109   -6.432  1.00 54.74  ? 26  TRP A CH2 1 
ATOM   202  N N   . GLY A 1 27 ? 17.861  -1.450  -10.606 1.00 39.51  ? 27  GLY A N   1 
ATOM   203  C CA  . GLY A 1 27 ? 16.961  -0.378  -10.996 1.00 36.65  ? 27  GLY A CA  1 
ATOM   204  C C   . GLY A 1 27 ? 15.605  -0.868  -11.468 1.00 39.10  ? 27  GLY A C   1 
ATOM   205  O O   . GLY A 1 27 ? 14.578  -0.272  -11.145 1.00 40.54  ? 27  GLY A O   1 
ATOM   206  N N   . ILE A 1 28 ? 15.600  -1.954  -12.237 1.00 42.56  ? 28  ILE A N   1 
ATOM   207  C CA  . ILE A 1 28 ? 14.360  -2.532  -12.744 1.00 40.81  ? 28  ILE A CA  1 
ATOM   208  C C   . ILE A 1 28 ? 13.473  -3.025  -11.598 1.00 41.20  ? 28  ILE A C   1 
ATOM   209  O O   . ILE A 1 28 ? 12.251  -2.870  -11.641 1.00 43.73  ? 28  ILE A O   1 
ATOM   210  C CB  . ILE A 1 28 ? 14.638  -3.671  -13.752 1.00 40.55  ? 28  ILE A CB  1 
ATOM   211  C CG1 . ILE A 1 28 ? 15.353  -3.121  -14.987 1.00 44.52  ? 28  ILE A CG1 1 
ATOM   212  C CG2 . ILE A 1 28 ? 13.350  -4.355  -14.175 1.00 36.81  ? 28  ILE A CG2 1 
ATOM   213  C CD1 . ILE A 1 28 ? 15.714  -4.175  -16.012 1.00 45.99  ? 28  ILE A CD1 1 
ATOM   214  N N   . LYS A 1 29 ? 14.093  -3.605  -10.574 1.00 41.09  ? 29  LYS A N   1 
ATOM   215  C CA  . LYS A 1 29 ? 13.364  -4.064  -9.395  1.00 42.30  ? 29  LYS A CA  1 
ATOM   216  C C   . LYS A 1 29 ? 12.761  -2.894  -8.627  1.00 44.09  ? 29  LYS A C   1 
ATOM   217  O O   . LYS A 1 29 ? 11.640  -2.985  -8.130  1.00 46.48  ? 29  LYS A O   1 
ATOM   218  C CB  . LYS A 1 29 ? 14.275  -4.884  -8.473  1.00 44.47  ? 29  LYS A CB  1 
ATOM   219  C CG  . LYS A 1 29 ? 14.660  -6.262  -9.002  1.00 48.92  ? 29  LYS A CG  1 
ATOM   220  C CD  . LYS A 1 29 ? 15.552  -7.003  -8.010  1.00 54.68  ? 29  LYS A CD  1 
ATOM   221  C CE  . LYS A 1 29 ? 15.843  -8.423  -8.474  1.00 71.76  ? 29  LYS A CE  1 
ATOM   222  N NZ  . LYS A 1 29 ? 16.748  -9.143  -7.534  1.00 81.61  ? 29  LYS A NZ  1 
ATOM   223  N N   . GLN A 1 30 ? 13.509  -1.800  -8.528  1.00 45.13  ? 30  GLN A N   1 
ATOM   224  C CA  . GLN A 1 30 ? 13.032  -0.611  -7.826  1.00 41.22  ? 30  GLN A CA  1 
ATOM   225  C C   . GLN A 1 30 ? 11.829  -0.005  -8.536  1.00 43.81  ? 30  GLN A C   1 
ATOM   226  O O   . GLN A 1 30 ? 10.824  0.311   -7.904  1.00 45.75  ? 30  GLN A O   1 
ATOM   227  C CB  . GLN A 1 30 ? 14.141  0.437   -7.709  1.00 47.24  ? 30  GLN A CB  1 
ATOM   228  C CG  . GLN A 1 30 ? 15.354  -0.008  -6.908  1.00 60.79  ? 30  GLN A CG  1 
ATOM   229  C CD  . GLN A 1 30 ? 15.049  -0.203  -5.440  1.00 71.51  ? 30  GLN A CD  1 
ATOM   230  O OE1 . GLN A 1 30 ? 15.170  -1.307  -4.911  1.00 71.67  ? 30  GLN A OE1 1 
ATOM   231  N NE2 . GLN A 1 30 ? 14.660  0.874   -4.769  1.00 62.17  ? 30  GLN A NE2 1 
ATOM   232  N N   . LEU A 1 31 ? 11.934  0.149   -9.853  1.00 39.55  ? 31  LEU A N   1 
ATOM   233  C CA  . LEU A 1 31 ? 10.851  0.725   -10.648 1.00 40.69  ? 31  LEU A CA  1 
ATOM   234  C C   . LEU A 1 31 ? 9.594   -0.139  -10.637 1.00 45.46  ? 31  LEU A C   1 
ATOM   235  O O   . LEU A 1 31 ? 8.478   0.382   -10.637 1.00 43.17  ? 31  LEU A O   1 
ATOM   236  C CB  . LEU A 1 31 ? 11.310  0.973   -12.086 1.00 46.02  ? 31  LEU A CB  1 
ATOM   237  C CG  . LEU A 1 31 ? 12.451  1.978   -12.250 1.00 42.60  ? 31  LEU A CG  1 
ATOM   238  C CD1 . LEU A 1 31 ? 12.856  2.128   -13.708 1.00 41.39  ? 31  LEU A CD1 1 
ATOM   239  C CD2 . LEU A 1 31 ? 12.060  3.320   -11.656 1.00 44.30  ? 31  LEU A CD2 1 
ATOM   240  N N   . GLN A 1 32 ? 9.778   -1.457  -10.628 1.00 42.06  ? 32  GLN A N   1 
ATOM   241  C CA  . GLN A 1 32 ? 8.651   -2.385  -10.614 1.00 43.48  ? 32  GLN A CA  1 
ATOM   242  C C   . GLN A 1 32 ? 7.862   -2.266  -9.312  1.00 46.76  ? 32  GLN A C   1 
ATOM   243  O O   . GLN A 1 32 ? 6.635   -2.371  -9.305  1.00 49.00  ? 32  GLN A O   1 
ATOM   244  C CB  . GLN A 1 32 ? 9.141   -3.822  -10.822 1.00 44.20  ? 32  GLN A CB  1 
ATOM   245  C CG  . GLN A 1 32 ? 8.038   -4.826  -11.148 1.00 49.01  ? 32  GLN A CG  1 
ATOM   246  C CD  . GLN A 1 32 ? 7.299   -5.316  -9.915  1.00 52.06  ? 32  GLN A CD  1 
ATOM   247  O OE1 . GLN A 1 32 ? 7.876   -5.418  -8.834  1.00 58.71  ? 32  GLN A OE1 1 
ATOM   248  N NE2 . GLN A 1 32 ? 6.016   -5.618  -10.072 1.00 43.18  ? 32  GLN A NE2 1 
ATOM   249  N N   . ALA A 1 33 ? 8.570   -2.040  -8.212  1.00 44.88  ? 33  ALA A N   1 
ATOM   250  C CA  . ALA A 1 33 ? 7.927   -1.886  -6.912  1.00 40.72  ? 33  ALA A CA  1 
ATOM   251  C C   . ALA A 1 33 ? 7.203   -0.549  -6.805  1.00 39.66  ? 33  ALA A C   1 
ATOM   252  O O   . ALA A 1 33 ? 6.177   -0.443  -6.133  1.00 43.12  ? 33  ALA A O   1 
ATOM   253  C CB  . ALA A 1 33 ? 8.944   -2.028  -5.796  1.00 29.46  ? 33  ALA A CB  1 
ATOM   254  N N   . ARG A 1 34 ? 7.738   0.470   -7.469  1.00 39.32  ? 34  ARG A N   1 
ATOM   255  C CA  . ARG A 1 34 ? 7.157   1.806   -7.403  1.00 40.79  ? 34  ARG A CA  1 
ATOM   256  C C   . ARG A 1 34 ? 5.905   1.949   -8.267  1.00 43.00  ? 34  ARG A C   1 
ATOM   257  O O   . ARG A 1 34 ? 4.959   2.632   -7.876  1.00 39.81  ? 34  ARG A O   1 
ATOM   258  C CB  . ARG A 1 34 ? 8.197   2.873   -7.763  1.00 42.39  ? 34  ARG A CB  1 
ATOM   259  C CG  . ARG A 1 34 ? 9.322   3.004   -6.741  1.00 38.88  ? 34  ARG A CG  1 
ATOM   260  C CD  . ARG A 1 34 ? 9.757   4.449   -6.575  1.00 37.64  ? 34  ARG A CD  1 
ATOM   261  N NE  . ARG A 1 34 ? 10.869  4.813   -7.447  1.00 50.18  ? 34  ARG A NE  1 
ATOM   262  C CZ  . ARG A 1 34 ? 11.065  6.032   -7.935  1.00 36.17  ? 34  ARG A CZ  1 
ATOM   263  N NH1 . ARG A 1 34 ? 10.217  7.007   -7.650  1.00 45.99  ? 34  ARG A NH1 1 
ATOM   264  N NH2 . ARG A 1 34 ? 12.106  6.276   -8.716  1.00 48.39  ? 34  ARG A NH2 1 
ATOM   265  N N   . ILE A 1 35 ? 5.893   1.307   -9.431  1.00 41.93  ? 35  ILE A N   1 
ATOM   266  C CA  . ILE A 1 35 ? 4.714   1.333   -10.292 1.00 36.41  ? 35  ILE A CA  1 
ATOM   267  C C   . ILE A 1 35 ? 3.593   0.487   -9.687  1.00 39.44  ? 35  ILE A C   1 
ATOM   268  O O   . ILE A 1 35 ? 2.412   0.802   -9.842  1.00 42.63  ? 35  ILE A O   1 
ATOM   269  C CB  . ILE A 1 35 ? 5.039   0.879   -11.740 1.00 42.23  ? 35  ILE A CB  1 
ATOM   270  C CG1 . ILE A 1 35 ? 3.812   1.020   -12.644 1.00 42.84  ? 35  ILE A CG1 1 
ATOM   271  C CG2 . ILE A 1 35 ? 5.548   -0.555  -11.767 1.00 51.58  ? 35  ILE A CG2 1 
ATOM   272  C CD1 . ILE A 1 35 ? 3.275   2.432   -12.728 1.00 47.35  ? 35  ILE A CD1 1 
ATOM   273  N N   . LEU A 1 36 ? 3.970   -0.574  -8.978  1.00 43.48  ? 36  LEU A N   1 
ATOM   274  C CA  . LEU A 1 36 ? 3.000   -1.451  -8.332  1.00 36.35  ? 36  LEU A CA  1 
ATOM   275  C C   . LEU A 1 36 ? 2.284   -0.724  -7.197  1.00 41.66  ? 36  LEU A C   1 
ATOM   276  O O   . LEU A 1 36 ? 1.080   -0.885  -7.006  1.00 39.31  ? 36  LEU A O   1 
ATOM   277  C CB  . LEU A 1 36 ? 3.690   -2.715  -7.807  1.00 37.74  ? 36  LEU A CB  1 
ATOM   278  C CG  . LEU A 1 36 ? 2.805   -3.777  -7.149  1.00 47.45  ? 36  LEU A CG  1 
ATOM   279  C CD1 . LEU A 1 36 ? 1.639   -4.143  -8.050  1.00 40.88  ? 36  LEU A CD1 1 
ATOM   280  C CD2 . LEU A 1 36 ? 3.622   -5.011  -6.808  1.00 33.73  ? 36  LEU A CD2 1 
ATOM   281  N N   . ALA A 1 37 ? 3.034   0.085   -6.455  1.00 42.20  ? 37  ALA A N   1 
ATOM   282  C CA  . ALA A 1 37 ? 2.468   0.860   -5.355  1.00 40.35  ? 37  ALA A CA  1 
ATOM   283  C C   . ALA A 1 37 ? 1.510   1.930   -5.872  1.00 44.69  ? 37  ALA A C   1 
ATOM   284  O O   . ALA A 1 37 ? 0.516   2.251   -5.220  1.00 43.62  ? 37  ALA A O   1 
ATOM   285  C CB  . ALA A 1 37 ? 3.574   1.487   -4.523  1.00 28.49  ? 37  ALA A CB  1 
ATOM   286  N N   . VAL A 1 38 ? 1.821   2.478   -7.043  1.00 38.50  ? 38  VAL A N   1 
ATOM   287  C CA  . VAL A 1 38 ? 0.958   3.465   -7.684  1.00 41.26  ? 38  VAL A CA  1 
ATOM   288  C C   . VAL A 1 38 ? -0.316  2.810   -8.217  1.00 36.89  ? 38  VAL A C   1 
ATOM   289  O O   . VAL A 1 38 ? -1.413  3.330   -8.017  1.00 39.92  ? 38  VAL A O   1 
ATOM   290  C CB  . VAL A 1 38 ? 1.693   4.211   -8.817  1.00 42.67  ? 38  VAL A CB  1 
ATOM   291  C CG1 . VAL A 1 38 ? 0.714   5.009   -9.663  1.00 26.18  ? 38  VAL A CG1 1 
ATOM   292  C CG2 . VAL A 1 38 ? 2.766   5.124   -8.241  1.00 34.64  ? 38  VAL A CG2 1 
ATOM   293  N N   . GLU A 1 39 ? -0.166  1.670   -8.886  1.00 36.94  ? 39  GLU A N   1 
ATOM   294  C CA  . GLU A 1 39 ? -1.310  0.922   -9.405  1.00 42.45  ? 39  GLU A CA  1 
ATOM   295  C C   . GLU A 1 39 ? -2.273  0.512   -8.293  1.00 41.93  ? 39  GLU A C   1 
ATOM   296  O O   . GLU A 1 39 ? -3.490  0.545   -8.473  1.00 44.95  ? 39  GLU A O   1 
ATOM   297  C CB  . GLU A 1 39 ? -0.840  -0.316  -10.176 1.00 38.07  ? 39  GLU A CB  1 
ATOM   298  C CG  . GLU A 1 39 ? -0.195  -0.012  -11.522 1.00 44.00  ? 39  GLU A CG  1 
ATOM   299  C CD  . GLU A 1 39 ? 0.515   -1.213  -12.117 1.00 40.88  ? 39  GLU A CD  1 
ATOM   300  O OE1 . GLU A 1 39 ? 0.651   -1.273  -13.356 1.00 45.48  ? 39  GLU A OE1 1 
ATOM   301  O OE2 . GLU A 1 39 ? 0.950   -2.093  -11.346 1.00 38.81  ? 39  GLU A OE2 1 
ATOM   302  N N   . ARG A 1 40 ? -1.724  0.121   -7.148  1.00 44.96  ? 40  ARG A N   1 
ATOM   303  C CA  . ARG A 1 40 ? -2.537  -0.270  -6.001  1.00 36.99  ? 40  ARG A CA  1 
ATOM   304  C C   . ARG A 1 40 ? -3.223  0.934   -5.363  1.00 44.81  ? 40  ARG A C   1 
ATOM   305  O O   . ARG A 1 40 ? -4.358  0.833   -4.900  1.00 44.88  ? 40  ARG A O   1 
ATOM   306  C CB  . ARG A 1 40 ? -1.687  -1.020  -4.969  1.00 35.86  ? 40  ARG A CB  1 
ATOM   307  C CG  . ARG A 1 40 ? -1.384  -2.466  -5.349  1.00 41.38  ? 40  ARG A CG  1 
ATOM   308  C CD  . ARG A 1 40 ? -0.248  -3.049  -4.528  1.00 38.10  ? 40  ARG A CD  1 
ATOM   309  N NE  . ARG A 1 40 ? -0.110  -4.489  -4.740  1.00 41.28  ? 40  ARG A NE  1 
ATOM   310  C CZ  . ARG A 1 40 ? 0.897   -5.225  -4.282  1.00 42.18  ? 40  ARG A CZ  1 
ATOM   311  N NH1 . ARG A 1 40 ? 1.873   -4.662  -3.588  1.00 40.22  ? 40  ARG A NH1 1 
ATOM   312  N NH2 . ARG A 1 40 ? 0.931   -6.526  -4.525  1.00 41.01  ? 40  ARG A NH2 1 
ATOM   313  N N   . TYR A 1 41 ? -2.535  2.071   -5.353  1.00 46.11  ? 41  TYR A N   1 
ATOM   314  C CA  . TYR A 1 41 ? -3.092  3.302   -4.797  1.00 40.25  ? 41  TYR A CA  1 
ATOM   315  C C   . TYR A 1 41 ? -4.336  3.739   -5.564  1.00 45.90  ? 41  TYR A C   1 
ATOM   316  O O   . TYR A 1 41 ? -5.375  4.016   -4.967  1.00 43.85  ? 41  TYR A O   1 
ATOM   317  C CB  . TYR A 1 41 ? -2.043  4.420   -4.801  1.00 46.46  ? 41  TYR A CB  1 
ATOM   318  C CG  . TYR A 1 41 ? -2.581  5.763   -4.361  1.00 45.60  ? 41  TYR A CG  1 
ATOM   319  C CD1 . TYR A 1 41 ? -2.687  6.082   -3.015  1.00 48.03  ? 41  TYR A CD1 1 
ATOM   320  C CD2 . TYR A 1 41 ? -2.983  6.712   -5.290  1.00 41.99  ? 41  TYR A CD2 1 
ATOM   321  C CE1 . TYR A 1 41 ? -3.182  7.307   -2.606  1.00 42.98  ? 41  TYR A CE1 1 
ATOM   322  C CE2 . TYR A 1 41 ? -3.479  7.939   -4.892  1.00 48.29  ? 41  TYR A CE2 1 
ATOM   323  C CZ  . TYR A 1 41 ? -3.576  8.231   -3.549  1.00 56.94  ? 41  TYR A CZ  1 
ATOM   324  O OH  . TYR A 1 41 ? -4.070  9.451   -3.151  1.00 52.95  ? 41  TYR A OH  1 
ATOM   325  N N   . LEU A 1 42 ? -4.222  3.793   -6.887  1.00 45.45  ? 42  LEU A N   1 
ATOM   326  C CA  . LEU A 1 42 ? -5.329  4.203   -7.743  1.00 41.34  ? 42  LEU A CA  1 
ATOM   327  C C   . LEU A 1 42 ? -6.512  3.245   -7.629  1.00 41.95  ? 42  LEU A C   1 
ATOM   328  O O   . LEU A 1 42 ? -7.667  3.648   -7.769  1.00 48.53  ? 42  LEU A O   1 
ATOM   329  C CB  . LEU A 1 42 ? -4.862  4.304   -9.195  1.00 35.40  ? 42  LEU A CB  1 
ATOM   330  C CG  . LEU A 1 42 ? -3.703  5.269   -9.449  1.00 40.15  ? 42  LEU A CG  1 
ATOM   331  C CD1 . LEU A 1 42 ? -3.252  5.200   -10.898 1.00 29.94  ? 42  LEU A CD1 1 
ATOM   332  C CD2 . LEU A 1 42 ? -4.101  6.686   -9.074  1.00 31.69  ? 42  LEU A CD2 1 
ATOM   333  N N   . LYS A 1 43 ? -6.215  1.977   -7.367  1.00 48.59  ? 43  LYS A N   1 
ATOM   334  C CA  . LYS A 1 43 ? -7.245  0.955   -7.211  1.00 45.77  ? 43  LYS A CA  1 
ATOM   335  C C   . LYS A 1 43 ? -7.971  1.103   -5.874  1.00 51.21  ? 43  LYS A C   1 
ATOM   336  O O   . LYS A 1 43 ? -9.193  0.951   -5.803  1.00 53.69  ? 43  LYS A O   1 
ATOM   337  C CB  . LYS A 1 43 ? -6.626  -0.440  -7.328  1.00 44.83  ? 43  LYS A CB  1 
ATOM   338  C CG  . LYS A 1 43 ? -7.574  -1.584  -6.997  1.00 51.50  ? 43  LYS A CG  1 
ATOM   339  C CD  . LYS A 1 43 ? -6.857  -2.925  -7.077  1.00 60.48  ? 43  LYS A CD  1 
ATOM   340  C CE  . LYS A 1 43 ? -7.753  -4.065  -6.622  1.00 58.24  ? 43  LYS A CE  1 
ATOM   341  N NZ  . LYS A 1 43 ? -7.057  -5.380  -6.687  1.00 67.89  ? 43  LYS A NZ  1 
ATOM   342  N N   . ASP A 1 44 ? -7.218  1.406   -4.820  1.00 48.90  ? 44  ASP A N   1 
ATOM   343  C CA  . ASP A 1 44 ? -7.795  1.560   -3.488  1.00 48.71  ? 44  ASP A CA  1 
ATOM   344  C C   . ASP A 1 44 ? -8.665  2.808   -3.391  1.00 53.16  ? 44  ASP A C   1 
ATOM   345  O O   . ASP A 1 44 ? -9.547  2.894   -2.538  1.00 55.14  ? 44  ASP A O   1 
ATOM   346  C CB  . ASP A 1 44 ? -6.699  1.600   -2.421  1.00 51.47  ? 44  ASP A CB  1 
ATOM   347  C CG  . ASP A 1 44 ? -5.901  0.313   -2.354  1.00 50.78  ? 44  ASP A CG  1 
ATOM   348  O OD1 . ASP A 1 44 ? -6.341  -0.696  -2.944  1.00 51.45  ? 44  ASP A OD1 1 
ATOM   349  O OD2 . ASP A 1 44 ? -4.833  0.312   -1.705  1.00 44.37  ? 44  ASP A OD2 1 
ATOM   350  N N   . GLN A 1 45 ? -8.414  3.775   -4.265  1.00 55.38  ? 45  GLN A N   1 
ATOM   351  C CA  A GLN A 1 45 ? -9.201  5.002   -4.268  0.58 50.62  ? 45  GLN A CA  1 
ATOM   352  C CA  B GLN A 1 45 ? -9.185  5.013   -4.301  0.42 50.75  ? 45  GLN A CA  1 
ATOM   353  C C   . GLN A 1 45 ? -10.521 4.806   -5.005  1.00 56.26  ? 45  GLN A C   1 
ATOM   354  O O   . GLN A 1 45 ? -10.738 3.785   -5.654  1.00 59.71  ? 45  GLN A O   1 
ATOM   355  C CB  A GLN A 1 45 ? -8.407  6.155   -4.884  0.58 49.81  ? 45  GLN A CB  1 
ATOM   356  C CB  B GLN A 1 45 ? -8.400  6.120   -5.011  0.42 49.77  ? 45  GLN A CB  1 
ATOM   357  C CG  A GLN A 1 45 ? -7.163  6.537   -4.092  0.58 49.27  ? 45  GLN A CG  1 
ATOM   358  C CG  B GLN A 1 45 ? -8.005  7.278   -4.112  0.42 52.71  ? 45  GLN A CG  1 
ATOM   359  C CD  A GLN A 1 45 ? -7.487  7.042   -2.699  0.58 51.22  ? 45  GLN A CD  1 
ATOM   360  C CD  B GLN A 1 45 ? -7.488  8.472   -4.895  0.42 51.93  ? 45  GLN A CD  1 
ATOM   361  O OE1 A GLN A 1 45 ? -8.519  7.675   -2.480  0.58 54.36  ? 45  GLN A OE1 1 
ATOM   362  O OE1 B GLN A 1 45 ? -7.081  8.344   -6.050  0.42 45.13  ? 45  GLN A OE1 1 
ATOM   363  N NE2 A GLN A 1 45 ? -6.601  6.764   -1.749  0.58 55.34  ? 45  GLN A NE2 1 
ATOM   364  N NE2 B GLN A 1 45 ? -7.509  9.644   -4.269  0.42 54.15  ? 45  GLN A NE2 1 
HETATM 365  N N   . NH2 A 1 46 ? -11.329 5.701   -4.896  1.00 57.88  ? 100 NH2 A N   1 
HETATM 366  C C   . ACE B 2 1  ? 3.891   -15.023 -19.107 1.00 86.68  ? 40  ACE B C   1 
HETATM 367  O O   . ACE B 2 1  ? 3.809   -15.847 -18.211 1.00 89.70  ? 40  ACE B O   1 
HETATM 368  C CH3 . ACE B 2 1  ? 4.553   -15.379 -20.417 1.00 80.07  ? 40  ACE B CH3 1 
ATOM   369  N N   . MET B 2 2  ? 5.060   -14.412 -18.934 1.00 85.98  ? 41  MET B N   1 
ATOM   370  C CA  . MET B 2 2  ? 6.105   -14.598 -17.934 1.00 77.12  ? 41  MET B CA  1 
ATOM   371  C C   . MET B 2 2  ? 5.796   -13.809 -16.663 1.00 66.19  ? 41  MET B C   1 
ATOM   372  O O   . MET B 2 2  ? 5.321   -12.675 -16.724 1.00 66.07  ? 41  MET B O   1 
ATOM   373  C CB  . MET B 2 2  ? 7.465   -14.188 -18.504 1.00 72.24  ? 41  MET B CB  1 
ATOM   374  C CG  . MET B 2 2  ? 8.650   -14.579 -17.636 1.00 70.07  ? 41  MET B CG  1 
ATOM   375  S SD  . MET B 2 2  ? 10.225  -14.090 -18.364 1.00 69.52  ? 41  MET B SD  1 
ATOM   376  C CE  . MET B 2 2  ? 11.364  -14.765 -17.161 1.00 65.83  ? 41  MET B CE  1 
ATOM   377  N N   . THR B 2 3  ? 6.067   -14.422 -15.515 1.00 68.93  ? 42  THR B N   1 
ATOM   378  C CA  . THR B 2 3  ? 5.783   -13.822 -14.212 1.00 71.72  ? 42  THR B CA  1 
ATOM   379  C C   . THR B 2 3  ? 7.042   -13.187 -13.612 1.00 71.73  ? 42  THR B C   1 
ATOM   380  O O   . THR B 2 3  ? 8.144   -13.703 -13.788 1.00 70.67  ? 42  THR B O   1 
ATOM   381  C CB  . THR B 2 3  ? 5.171   -14.875 -13.251 1.00 77.54  ? 42  THR B CB  1 
ATOM   382  O OG1 . THR B 2 3  ? 3.785   -15.057 -13.566 1.00 74.43  ? 42  THR B OG1 1 
ATOM   383  C CG2 . THR B 2 3  ? 5.296   -14.452 -11.795 1.00 77.81  ? 42  THR B CG2 1 
ATOM   384  N N   . TRP B 2 4  ? 6.875   -12.060 -12.921 1.00 66.59  ? 43  TRP B N   1 
ATOM   385  C CA  . TRP B 2 4  ? 7.999   -11.342 -12.323 1.00 62.73  ? 43  TRP B CA  1 
ATOM   386  C C   . TRP B 2 4  ? 8.806   -12.171 -11.324 1.00 67.34  ? 43  TRP B C   1 
ATOM   387  O O   . TRP B 2 4  ? 9.995   -11.920 -11.125 1.00 75.56  ? 43  TRP B O   1 
ATOM   388  C CB  . TRP B 2 4  ? 7.525   -10.036 -11.676 1.00 54.53  ? 43  TRP B CB  1 
ATOM   389  C CG  . TRP B 2 4  ? 7.472   -8.891  -12.640 1.00 55.40  ? 43  TRP B CG  1 
ATOM   390  C CD1 . TRP B 2 4  ? 6.366   -8.391  -13.263 1.00 48.08  ? 43  TRP B CD1 1 
ATOM   391  C CD2 . TRP B 2 4  ? 8.582   -8.110  -13.105 1.00 55.05  ? 43  TRP B CD2 1 
ATOM   392  N NE1 . TRP B 2 4  ? 6.718   -7.346  -14.082 1.00 52.84  ? 43  TRP B NE1 1 
ATOM   393  C CE2 . TRP B 2 4  ? 8.071   -7.154  -14.003 1.00 48.54  ? 43  TRP B CE2 1 
ATOM   394  C CE3 . TRP B 2 4  ? 9.954   -8.129  -12.846 1.00 48.82  ? 43  TRP B CE3 1 
ATOM   395  C CZ2 . TRP B 2 4  ? 8.891   -6.222  -14.644 1.00 43.58  ? 43  TRP B CZ2 1 
ATOM   396  C CZ3 . TRP B 2 4  ? 10.765  -7.204  -13.482 1.00 45.18  ? 43  TRP B CZ3 1 
ATOM   397  C CH2 . TRP B 2 4  ? 10.231  -6.265  -14.371 1.00 48.84  ? 43  TRP B CH2 1 
ATOM   398  N N   . GLU B 2 5  ? 8.168   -13.152 -10.694 1.00 70.44  ? 44  GLU B N   1 
ATOM   399  C CA  . GLU B 2 5  ? 8.887   -14.057 -9.801  1.00 74.39  ? 44  GLU B CA  1 
ATOM   400  C C   . GLU B 2 5  ? 9.676   -15.100 -10.587 1.00 68.49  ? 44  GLU B C   1 
ATOM   401  O O   . GLU B 2 5  ? 10.712  -15.580 -10.128 1.00 67.72  ? 44  GLU B O   1 
ATOM   402  C CB  . GLU B 2 5  ? 7.944   -14.726 -8.798  1.00 65.94  ? 44  GLU B CB  1 
ATOM   403  C CG  . GLU B 2 5  ? 7.867   -14.008 -7.456  1.00 87.13  ? 44  GLU B CG  1 
ATOM   404  C CD  . GLU B 2 5  ? 9.204   -13.967 -6.732  1.00 94.41  ? 44  GLU B CD  1 
ATOM   405  O OE1 . GLU B 2 5  ? 10.034  -14.875 -6.947  1.00 101.30 ? 44  GLU B OE1 1 
ATOM   406  O OE2 . GLU B 2 5  ? 9.425   -13.022 -5.946  1.00 91.54  ? 44  GLU B OE2 1 
ATOM   407  N N   . GLU B 2 6  ? 9.181   -15.447 -11.771 1.00 65.01  ? 45  GLU B N   1 
ATOM   408  C CA  . GLU B 2 6  ? 9.933   -16.294 -12.687 1.00 70.89  ? 45  GLU B CA  1 
ATOM   409  C C   . GLU B 2 6  ? 11.126  -15.500 -13.198 1.00 69.98  ? 45  GLU B C   1 
ATOM   410  O O   . GLU B 2 6  ? 12.218  -16.038 -13.377 1.00 68.63  ? 45  GLU B O   1 
ATOM   411  C CB  . GLU B 2 6  ? 9.063   -16.735 -13.865 1.00 77.37  ? 45  GLU B CB  1 
ATOM   412  C CG  . GLU B 2 6  ? 7.795   -17.483 -13.481 1.00 79.50  ? 45  GLU B CG  1 
ATOM   413  C CD  . GLU B 2 6  ? 6.925   -17.801 -14.685 1.00 82.48  ? 45  GLU B CD  1 
ATOM   414  O OE1 . GLU B 2 6  ? 7.266   -17.357 -15.802 1.00 81.55  ? 45  GLU B OE1 1 
ATOM   415  O OE2 . GLU B 2 6  ? 5.901   -18.495 -14.515 1.00 87.31  ? 45  GLU B OE2 1 
ATOM   416  N N   . TRP B 2 7  ? 10.899  -14.211 -13.434 1.00 71.46  ? 46  TRP B N   1 
ATOM   417  C CA  . TRP B 2 7  ? 11.942  -13.301 -13.884 1.00 60.59  ? 46  TRP B CA  1 
ATOM   418  C C   . TRP B 2 7  ? 13.048  -13.214 -12.841 1.00 59.85  ? 46  TRP B C   1 
ATOM   419  O O   . TRP B 2 7  ? 14.230  -13.258 -13.177 1.00 60.49  ? 46  TRP B O   1 
ATOM   420  C CB  . TRP B 2 7  ? 11.348  -11.915 -14.154 1.00 56.89  ? 46  TRP B CB  1 
ATOM   421  C CG  . TRP B 2 7  ? 12.322  -10.922 -14.717 1.00 52.55  ? 46  TRP B CG  1 
ATOM   422  C CD1 . TRP B 2 7  ? 12.654  -10.749 -16.030 1.00 50.70  ? 46  TRP B CD1 1 
ATOM   423  C CD2 . TRP B 2 7  ? 13.081  -9.955  -13.980 1.00 45.25  ? 46  TRP B CD2 1 
ATOM   424  N NE1 . TRP B 2 7  ? 13.576  -9.739  -16.153 1.00 48.79  ? 46  TRP B NE1 1 
ATOM   425  C CE2 . TRP B 2 7  ? 13.856  -9.235  -14.910 1.00 49.22  ? 46  TRP B CE2 1 
ATOM   426  C CE3 . TRP B 2 7  ? 13.184  -9.630  -12.625 1.00 48.82  ? 46  TRP B CE3 1 
ATOM   427  C CZ2 . TRP B 2 7  ? 14.722  -8.209  -14.525 1.00 45.90  ? 46  TRP B CZ2 1 
ATOM   428  C CZ3 . TRP B 2 7  ? 14.041  -8.615  -12.245 1.00 45.76  ? 46  TRP B CZ3 1 
ATOM   429  C CH2 . TRP B 2 7  ? 14.799  -7.916  -13.190 1.00 43.66  ? 46  TRP B CH2 1 
ATOM   430  N N   . ASP B 2 8  ? 12.656  -13.102 -11.575 1.00 55.42  ? 47  ASP B N   1 
ATOM   431  C CA  . ASP B 2 8  ? 13.611  -13.052 -10.473 1.00 60.55  ? 47  ASP B CA  1 
ATOM   432  C C   . ASP B 2 8  ? 14.442  -14.328 -10.390 1.00 65.08  ? 47  ASP B C   1 
ATOM   433  O O   . ASP B 2 8  ? 15.620  -14.289 -10.039 1.00 60.93  ? 47  ASP B O   1 
ATOM   434  C CB  . ASP B 2 8  ? 12.888  -12.813 -9.144  1.00 72.53  ? 47  ASP B CB  1 
ATOM   435  C CG  . ASP B 2 8  ? 12.373  -11.394 -9.003  1.00 76.03  ? 47  ASP B CG  1 
ATOM   436  O OD1 . ASP B 2 8  ? 13.022  -10.468 -9.530  1.00 77.07  ? 47  ASP B OD1 1 
ATOM   437  O OD2 . ASP B 2 8  ? 11.321  -11.205 -8.357  1.00 75.28  ? 47  ASP B OD2 1 
ATOM   438  N N   . LYS B 2 9  ? 13.823  -15.457 -10.719 1.00 67.16  ? 48  LYS B N   1 
ATOM   439  C CA  . LYS B 2 9  ? 14.494  -16.749 -10.635 1.00 64.02  ? 48  LYS B CA  1 
ATOM   440  C C   . LYS B 2 9  ? 15.517  -16.919 -11.754 1.00 66.95  ? 48  LYS B C   1 
ATOM   441  O O   . LYS B 2 9  ? 16.632  -17.381 -11.518 1.00 69.83  ? 48  LYS B O   1 
ATOM   442  C CB  . LYS B 2 9  ? 13.473  -17.888 -10.673 1.00 68.15  ? 48  LYS B CB  1 
ATOM   443  C CG  . LYS B 2 9  ? 14.059  -19.257 -10.365 1.00 76.99  ? 48  LYS B CG  1 
ATOM   444  C CD  . LYS B 2 9  ? 12.992  -20.340 -10.425 1.00 80.68  ? 48  LYS B CD  1 
ATOM   445  C CE  . LYS B 2 9  ? 13.571  -21.707 -10.094 1.00 79.75  ? 48  LYS B CE  1 
ATOM   446  N NZ  . LYS B 2 9  ? 12.551  -22.786 -10.210 1.00 80.00  ? 48  LYS B NZ  1 
ATOM   447  N N   . LYS B 2 10 ? 15.137  -16.536 -12.970 1.00 62.33  ? 49  LYS B N   1 
ATOM   448  C CA  . LYS B 2 10 ? 16.023  -16.673 -14.125 1.00 64.14  ? 49  LYS B CA  1 
ATOM   449  C C   . LYS B 2 10 ? 17.210  -15.717 -14.053 1.00 65.93  ? 49  LYS B C   1 
ATOM   450  O O   . LYS B 2 10 ? 18.327  -16.077 -14.422 1.00 64.90  ? 49  LYS B O   1 
ATOM   451  C CB  . LYS B 2 10 ? 15.253  -16.464 -15.431 1.00 68.78  ? 49  LYS B CB  1 
ATOM   452  C CG  . LYS B 2 10 ? 14.197  -17.523 -15.710 1.00 74.86  ? 49  LYS B CG  1 
ATOM   453  C CD  . LYS B 2 10 ? 13.748  -17.478 -17.165 1.00 77.79  ? 49  LYS B CD  1 
ATOM   454  C CE  . LYS B 2 10 ? 12.658  -18.501 -17.445 1.00 80.57  ? 49  LYS B CE  1 
ATOM   455  N NZ  . LYS B 2 10 ? 12.279  -18.525 -18.886 1.00 86.57  ? 49  LYS B NZ  1 
ATOM   456  N N   . ILE B 2 11 ? 16.956  -14.497 -13.585 1.00 61.73  ? 50  ILE B N   1 
ATOM   457  C CA  . ILE B 2 11 ? 18.010  -13.502 -13.409 1.00 58.03  ? 50  ILE B CA  1 
ATOM   458  C C   . ILE B 2 11 ? 19.072  -13.995 -12.429 1.00 62.71  ? 50  ILE B C   1 
ATOM   459  O O   . ILE B 2 11 ? 20.268  -13.944 -12.717 1.00 71.23  ? 50  ILE B O   1 
ATOM   460  C CB  . ILE B 2 11 ? 17.440  -12.152 -12.915 1.00 58.88  ? 50  ILE B CB  1 
ATOM   461  C CG1 . ILE B 2 11 ? 16.650  -11.455 -14.025 1.00 51.93  ? 50  ILE B CG1 1 
ATOM   462  C CG2 . ILE B 2 11 ? 18.557  -11.244 -12.426 1.00 49.18  ? 50  ILE B CG2 1 
ATOM   463  C CD1 . ILE B 2 11 ? 17.507  -10.956 -15.170 1.00 50.77  ? 50  ILE B CD1 1 
ATOM   464  N N   . GLU B 2 12 ? 18.625  -14.489 -11.278 1.00 66.07  ? 51  GLU B N   1 
ATOM   465  C CA  . GLU B 2 12 ? 19.533  -14.927 -10.221 1.00 65.02  ? 51  GLU B CA  1 
ATOM   466  C C   . GLU B 2 12 ? 20.393  -16.119 -10.637 1.00 66.88  ? 51  GLU B C   1 
ATOM   467  O O   . GLU B 2 12 ? 21.563  -16.206 -10.265 1.00 66.53  ? 51  GLU B O   1 
ATOM   468  C CB  . GLU B 2 12 ? 18.751  -15.259 -8.947  1.00 71.29  ? 51  GLU B CB  1 
ATOM   469  C CG  . GLU B 2 12 ? 19.633  -15.544 -7.738  1.00 83.48  ? 51  GLU B CG  1 
ATOM   470  C CD  . GLU B 2 12 ? 18.839  -15.952 -6.511  1.00 100.82 ? 51  GLU B CD  1 
ATOM   471  O OE1 . GLU B 2 12 ? 17.603  -15.771 -6.515  1.00 100.10 ? 51  GLU B OE1 1 
ATOM   472  O OE2 . GLU B 2 12 ? 19.450  -16.457 -5.546  1.00 113.47 ? 51  GLU B OE2 1 
ATOM   473  N N   . GLU B 2 13 ? 19.813  -17.034 -11.408 1.00 64.85  ? 52  GLU B N   1 
ATOM   474  C CA  . GLU B 2 13 ? 20.545  -18.203 -11.885 1.00 66.34  ? 52  GLU B CA  1 
ATOM   475  C C   . GLU B 2 13 ? 21.617  -17.807 -12.896 1.00 68.39  ? 52  GLU B C   1 
ATOM   476  O O   . GLU B 2 13 ? 22.734  -18.323 -12.865 1.00 70.02  ? 52  GLU B O   1 
ATOM   477  C CB  . GLU B 2 13 ? 19.590  -19.227 -12.503 1.00 69.53  ? 52  GLU B CB  1 
ATOM   478  C CG  . GLU B 2 13 ? 18.636  -19.873 -11.507 1.00 83.18  ? 52  GLU B CG  1 
ATOM   479  C CD  . GLU B 2 13 ? 17.623  -20.784 -12.175 1.00 94.83  ? 52  GLU B CD  1 
ATOM   480  O OE1 . GLU B 2 13 ? 16.648  -21.181 -11.503 1.00 94.60  ? 52  GLU B OE1 1 
ATOM   481  O OE2 . GLU B 2 13 ? 17.801  -21.105 -13.369 1.00 95.47  ? 52  GLU B OE2 1 
ATOM   482  N N   . LEU B 2 14 ? 21.271  -16.886 -13.790 1.00 68.03  ? 53  LEU B N   1 
ATOM   483  C CA  . LEU B 2 14 ? 22.195  -16.427 -14.822 1.00 61.76  ? 53  LEU B CA  1 
ATOM   484  C C   . LEU B 2 14 ? 23.345  -15.608 -14.243 1.00 62.28  ? 53  LEU B C   1 
ATOM   485  O O   . LEU B 2 14 ? 24.461  -15.646 -14.759 1.00 62.26  ? 53  LEU B O   1 
ATOM   486  C CB  . LEU B 2 14 ? 21.452  -15.619 -15.887 1.00 57.86  ? 53  LEU B CB  1 
ATOM   487  C CG  . LEU B 2 14 ? 20.614  -16.416 -16.886 1.00 63.19  ? 53  LEU B CG  1 
ATOM   488  C CD1 . LEU B 2 14 ? 19.809  -15.479 -17.768 1.00 59.31  ? 53  LEU B CD1 1 
ATOM   489  C CD2 . LEU B 2 14 ? 21.508  -17.307 -17.729 1.00 56.18  ? 53  LEU B CD2 1 
ATOM   490  N N   . ILE B 2 15 ? 23.071  -14.870 -13.172 1.00 61.96  ? 54  ILE B N   1 
ATOM   491  C CA  . ILE B 2 15 ? 24.103  -14.082 -12.506 1.00 65.11  ? 54  ILE B CA  1 
ATOM   492  C C   . ILE B 2 15 ? 25.102  -14.988 -11.788 1.00 68.58  ? 54  ILE B C   1 
ATOM   493  O O   . ILE B 2 15 ? 26.314  -14.783 -11.877 1.00 64.75  ? 54  ILE B O   1 
ATOM   494  C CB  . ILE B 2 15 ? 23.494  -13.068 -11.512 1.00 66.28  ? 54  ILE B CB  1 
ATOM   495  C CG1 . ILE B 2 15 ? 22.726  -11.980 -12.266 1.00 67.25  ? 54  ILE B CG1 1 
ATOM   496  C CG2 . ILE B 2 15 ? 24.577  -12.434 -10.654 1.00 62.42  ? 54  ILE B CG2 1 
ATOM   497  C CD1 . ILE B 2 15 ? 22.115  -10.925 -11.365 1.00 59.81  ? 54  ILE B CD1 1 
ATOM   498  N N   . LYS B 2 16 ? 24.586  -15.993 -11.084 1.00 72.65  ? 55  LYS B N   1 
ATOM   499  C CA  . LYS B 2 16 ? 25.423  -16.952 -10.370 1.00 70.49  ? 55  LYS B CA  1 
ATOM   500  C C   . LYS B 2 16 ? 26.314  -17.716 -11.344 1.00 70.46  ? 55  LYS B C   1 
ATOM   501  O O   . LYS B 2 16 ? 27.511  -17.878 -11.108 1.00 72.42  ? 55  LYS B O   1 
ATOM   502  C CB  . LYS B 2 16 ? 24.550  -17.934 -9.584  1.00 66.70  ? 55  LYS B CB  1 
ATOM   503  C CG  . LYS B 2 16 ? 25.312  -18.801 -8.593  1.00 83.08  ? 55  LYS B CG  1 
ATOM   504  C CD  . LYS B 2 16 ? 24.430  -19.918 -8.051  1.00 93.21  ? 55  LYS B CD  1 
ATOM   505  C CE  . LYS B 2 16 ? 25.108  -20.671 -6.914  1.00 86.77  ? 55  LYS B CE  1 
ATOM   506  N NZ  . LYS B 2 16 ? 25.222  -19.843 -5.682  1.00 88.78  ? 55  LYS B NZ  1 
ATOM   507  N N   . LYS B 2 17 ? 25.717  -18.177 -12.439 1.00 65.69  ? 56  LYS B N   1 
ATOM   508  C CA  . LYS B 2 17 ? 26.439  -18.884 -13.492 1.00 61.95  ? 56  LYS B CA  1 
ATOM   509  C C   . LYS B 2 17 ? 27.525  -18.006 -14.105 1.00 72.00  ? 56  LYS B C   1 
ATOM   510  O O   . LYS B 2 17 ? 28.637  -18.468 -14.366 1.00 78.36  ? 56  LYS B O   1 
ATOM   511  C CB  . LYS B 2 17 ? 25.459  -19.348 -14.573 1.00 67.54  ? 56  LYS B CB  1 
ATOM   512  C CG  . LYS B 2 17 ? 26.108  -19.809 -15.870 1.00 76.25  ? 56  LYS B CG  1 
ATOM   513  C CD  . LYS B 2 17 ? 25.053  -20.087 -16.935 1.00 86.24  ? 56  LYS B CD  1 
ATOM   514  C CE  . LYS B 2 17 ? 25.685  -20.400 -18.284 1.00 94.31  ? 56  LYS B CE  1 
ATOM   515  N NZ  . LYS B 2 17 ? 24.662  -20.592 -19.352 1.00 103.68 ? 56  LYS B NZ  1 
ATOM   516  N N   . SER B 2 18 ? 27.200  -16.736 -14.324 1.00 68.82  ? 57  SER B N   1 
ATOM   517  C CA  . SER B 2 18 ? 28.148  -15.786 -14.891 1.00 64.45  ? 57  SER B CA  1 
ATOM   518  C C   . SER B 2 18 ? 29.320  -15.542 -13.943 1.00 67.24  ? 57  SER B C   1 
ATOM   519  O O   . SER B 2 18 ? 30.459  -15.386 -14.381 1.00 71.94  ? 57  SER B O   1 
ATOM   520  C CB  . SER B 2 18 ? 27.449  -14.465 -15.222 1.00 69.07  ? 57  SER B CB  1 
ATOM   521  O OG  . SER B 2 18 ? 28.334  -13.564 -15.861 1.00 73.19  ? 57  SER B OG  1 
ATOM   522  N N   . GLU B 2 19 ? 29.034  -15.519 -12.644 1.00 67.81  ? 58  GLU B N   1 
ATOM   523  C CA  . GLU B 2 19 ? 30.064  -15.303 -11.633 1.00 69.67  ? 58  GLU B CA  1 
ATOM   524  C C   . GLU B 2 19 ? 31.016  -16.492 -11.524 1.00 71.66  ? 58  GLU B C   1 
ATOM   525  O O   . GLU B 2 19 ? 32.219  -16.318 -11.340 1.00 68.47  ? 58  GLU B O   1 
ATOM   526  C CB  . GLU B 2 19 ? 29.431  -15.012 -10.269 1.00 67.43  ? 58  GLU B CB  1 
ATOM   527  C CG  . GLU B 2 19 ? 28.790  -13.637 -10.153 1.00 75.59  ? 58  GLU B CG  1 
ATOM   528  C CD  . GLU B 2 19 ? 28.064  -13.440 -8.834  1.00 90.99  ? 58  GLU B CD  1 
ATOM   529  O OE1 . GLU B 2 19 ? 27.725  -14.451 -8.183  1.00 89.53  ? 58  GLU B OE1 1 
ATOM   530  O OE2 . GLU B 2 19 ? 27.833  -12.273 -8.450  1.00 88.91  ? 58  GLU B OE2 1 
ATOM   531  N N   . GLU B 2 20 ? 30.469  -17.700 -11.635 1.00 73.45  ? 59  GLU B N   1 
ATOM   532  C CA  . GLU B 2 20 ? 31.273  -18.915 -11.543 1.00 74.89  ? 59  GLU B CA  1 
ATOM   533  C C   . GLU B 2 20 ? 32.157  -19.094 -12.775 1.00 82.34  ? 59  GLU B C   1 
ATOM   534  O O   . GLU B 2 20 ? 33.226  -19.697 -12.699 1.00 88.25  ? 59  GLU B O   1 
ATOM   535  C CB  . GLU B 2 20 ? 30.378  -20.141 -11.338 1.00 78.25  ? 59  GLU B CB  1 
ATOM   536  C CG  . GLU B 2 20 ? 29.640  -20.153 -10.004 1.00 87.95  ? 59  GLU B CG  1 
ATOM   537  C CD  . GLU B 2 20 ? 28.706  -21.340 -9.859  1.00 95.08  ? 59  GLU B CD  1 
ATOM   538  O OE1 . GLU B 2 20 ? 28.171  -21.540 -8.748  1.00 96.81  ? 59  GLU B OE1 1 
ATOM   539  O OE2 . GLU B 2 20 ? 28.501  -22.068 -10.853 1.00 93.51  ? 59  GLU B OE2 1 
ATOM   540  N N   . LEU B 2 21 ? 31.704  -18.567 -13.909 1.00 75.80  ? 60  LEU B N   1 
ATOM   541  C CA  . LEU B 2 21 ? 32.482  -18.616 -15.142 1.00 72.42  ? 60  LEU B CA  1 
ATOM   542  C C   . LEU B 2 21 ? 33.636  -17.617 -15.105 1.00 76.22  ? 60  LEU B C   1 
ATOM   543  O O   . LEU B 2 21 ? 34.710  -17.876 -15.644 1.00 76.08  ? 60  LEU B O   1 
ATOM   544  C CB  . LEU B 2 21 ? 31.588  -18.361 -16.358 1.00 65.09  ? 60  LEU B CB  1 
ATOM   545  C CG  . LEU B 2 21 ? 30.699  -19.524 -16.803 1.00 67.85  ? 60  LEU B CG  1 
ATOM   546  C CD1 . LEU B 2 21 ? 29.736  -19.082 -17.889 1.00 63.04  ? 60  LEU B CD1 1 
ATOM   547  C CD2 . LEU B 2 21 ? 31.551  -20.684 -17.286 1.00 69.78  ? 60  LEU B CD2 1 
ATOM   548  N N   . ILE B 2 22 ? 33.408  -16.474 -14.464 1.00 75.09  ? 61  ILE B N   1 
ATOM   549  C CA  . ILE B 2 22 ? 34.445  -15.459 -14.308 1.00 77.04  ? 61  ILE B CA  1 
ATOM   550  C C   . ILE B 2 22 ? 35.558  -15.964 -13.386 1.00 78.52  ? 61  ILE B C   1 
ATOM   551  O O   . ILE B 2 22 ? 36.734  -15.669 -13.595 1.00 81.01  ? 61  ILE B O   1 
ATOM   552  C CB  . ILE B 2 22 ? 33.856  -14.124 -13.790 1.00 70.79  ? 61  ILE B CB  1 
ATOM   553  C CG1 . ILE B 2 22 ? 32.968  -13.487 -14.861 1.00 70.32  ? 61  ILE B CG1 1 
ATOM   554  C CG2 . ILE B 2 22 ? 34.955  -13.154 -13.397 1.00 61.17  ? 61  ILE B CG2 1 
ATOM   555  C CD1 . ILE B 2 22 ? 32.403  -12.137 -14.471 1.00 70.05  ? 61  ILE B CD1 1 
ATOM   556  N N   . LYS B 2 23 ? 35.179  -16.744 -12.379 1.00 81.95  ? 62  LYS B N   1 
ATOM   557  C CA  . LYS B 2 23 ? 36.145  -17.346 -11.466 1.00 82.48  ? 62  LYS B CA  1 
ATOM   558  C C   . LYS B 2 23 ? 36.984  -18.403 -12.174 1.00 87.91  ? 62  LYS B C   1 
ATOM   559  O O   . LYS B 2 23 ? 38.186  -18.520 -11.932 1.00 86.10  ? 62  LYS B O   1 
ATOM   560  C CB  . LYS B 2 23 ? 35.428  -17.962 -10.263 1.00 77.43  ? 62  LYS B CB  1 
ATOM   561  C CG  . LYS B 2 23 ? 35.803  -17.331 -8.932  1.00 86.94  ? 62  LYS B CG  1 
ATOM   562  C CD  . LYS B 2 23 ? 35.638  -15.821 -8.979  1.00 89.55  ? 62  LYS B CD  1 
ATOM   563  C CE  . LYS B 2 23 ? 36.091  -15.169 -7.683  1.00 96.43  ? 62  LYS B CE  1 
ATOM   564  N NZ  . LYS B 2 23 ? 35.992  -13.686 -7.750  1.00 99.65  ? 62  LYS B NZ  1 
ATOM   565  N N   . LYS B 2 24 ? 36.338  -19.170 -13.048 1.00 85.38  ? 63  LYS B N   1 
ATOM   566  C CA  . LYS B 2 24 ? 37.000  -20.216 -13.821 1.00 78.22  ? 63  LYS B CA  1 
ATOM   567  C C   . LYS B 2 24 ? 38.112  -19.619 -14.677 1.00 88.33  ? 63  LYS B C   1 
ATOM   568  O O   . LYS B 2 24 ? 39.262  -20.055 -14.620 1.00 88.68  ? 63  LYS B O   1 
ATOM   569  C CB  . LYS B 2 24 ? 35.980  -20.918 -14.719 1.00 80.22  ? 63  LYS B CB  1 
ATOM   570  C CG  . LYS B 2 24 ? 36.078  -22.435 -14.741 1.00 82.20  ? 63  LYS B CG  1 
ATOM   571  C CD  . LYS B 2 24 ? 35.076  -23.024 -15.727 1.00 82.31  ? 63  LYS B CD  1 
ATOM   572  C CE  . LYS B 2 24 ? 34.972  -24.536 -15.592 1.00 84.09  ? 63  LYS B CE  1 
ATOM   573  N NZ  . LYS B 2 24 ? 34.408  -24.938 -14.274 1.00 81.02  ? 63  LYS B NZ  1 
ATOM   574  N N   . ILE B 2 25 ? 37.751  -18.613 -15.467 1.00 86.68  ? 64  ILE B N   1 
ATOM   575  C CA  . ILE B 2 25 ? 38.687  -17.930 -16.353 1.00 84.69  ? 64  ILE B CA  1 
ATOM   576  C C   . ILE B 2 25 ? 39.830  -17.275 -15.585 1.00 89.60  ? 64  ILE B C   1 
ATOM   577  O O   . ILE B 2 25 ? 40.993  -17.375 -15.978 1.00 89.89  ? 64  ILE B O   1 
ATOM   578  C CB  . ILE B 2 25 ? 37.963  -16.853 -17.183 1.00 79.96  ? 64  ILE B CB  1 
ATOM   579  C CG1 . ILE B 2 25 ? 36.859  -17.487 -18.032 1.00 77.02  ? 64  ILE B CG1 1 
ATOM   580  C CG2 . ILE B 2 25 ? 38.944  -16.092 -18.057 1.00 72.56  ? 64  ILE B CG2 1 
ATOM   581  C CD1 . ILE B 2 25 ? 35.989  -16.482 -18.752 1.00 74.33  ? 64  ILE B CD1 1 
ATOM   582  N N   . GLU B 2 26 ? 39.493  -16.614 -14.483 1.00 90.39  ? 65  GLU B N   1 
ATOM   583  C CA  . GLU B 2 26 ? 40.468  -15.858 -13.706 1.00 92.43  ? 65  GLU B CA  1 
ATOM   584  C C   . GLU B 2 26 ? 41.512  -16.763 -13.053 1.00 98.59  ? 65  GLU B C   1 
ATOM   585  O O   . GLU B 2 26 ? 42.602  -16.311 -12.710 1.00 98.75  ? 65  GLU B O   1 
ATOM   586  C CB  . GLU B 2 26 ? 39.760  -15.002 -12.650 1.00 90.87  ? 65  GLU B CB  1 
ATOM   587  C CG  . GLU B 2 26 ? 40.512  -13.738 -12.257 1.00 98.39  ? 65  GLU B CG  1 
ATOM   588  C CD  . GLU B 2 26 ? 39.632  -12.741 -11.524 1.00 99.82  ? 65  GLU B CD  1 
ATOM   589  O OE1 . GLU B 2 26 ? 38.597  -13.157 -10.965 1.00 92.07  ? 65  GLU B OE1 1 
ATOM   590  O OE2 . GLU B 2 26 ? 39.974  -11.540 -11.513 1.00 97.93  ? 65  GLU B OE2 1 
ATOM   591  N N   . GLU B 2 27 ? 41.178  -18.040 -12.891 1.00 93.59  ? 66  GLU B N   1 
ATOM   592  C CA  . GLU B 2 27 ? 42.097  -19.000 -12.288 1.00 96.35  ? 66  GLU B CA  1 
ATOM   593  C C   . GLU B 2 27 ? 43.002  -19.659 -13.325 1.00 102.04 ? 66  GLU B C   1 
ATOM   594  O O   . GLU B 2 27 ? 44.162  -19.963 -13.044 1.00 106.34 ? 66  GLU B O   1 
ATOM   595  C CB  . GLU B 2 27 ? 41.329  -20.066 -11.504 1.00 92.70  ? 66  GLU B CB  1 
ATOM   596  C CG  . GLU B 2 27 ? 40.792  -19.580 -10.171 1.00 100.63 ? 66  GLU B CG  1 
ATOM   597  C CD  . GLU B 2 27 ? 41.890  -19.078 -9.253  1.00 104.24 ? 66  GLU B CD  1 
ATOM   598  O OE1 . GLU B 2 27 ? 42.637  -19.914 -8.705  1.00 104.78 ? 66  GLU B OE1 1 
ATOM   599  O OE2 . GLU B 2 27 ? 42.008  -17.847 -9.083  1.00 104.92 ? 66  GLU B OE2 1 
ATOM   600  N N   . GLN B 2 28 ? 42.466  -19.877 -14.522 1.00 96.68  ? 67  GLN B N   1 
ATOM   601  C CA  . GLN B 2 28 ? 43.230  -20.488 -15.605 1.00 90.57  ? 67  GLN B CA  1 
ATOM   602  C C   . GLN B 2 28 ? 44.288  -19.531 -16.155 1.00 92.20  ? 67  GLN B C   1 
ATOM   603  O O   . GLN B 2 28 ? 45.195  -19.943 -16.879 1.00 99.40  ? 67  GLN B O   1 
ATOM   604  C CB  . GLN B 2 28 ? 42.294  -20.974 -16.716 1.00 91.56  ? 67  GLN B CB  1 
ATOM   605  C CG  . GLN B 2 28 ? 41.485  -22.211 -16.336 1.00 97.49  ? 67  GLN B CG  1 
ATOM   606  C CD  . GLN B 2 28 ? 40.238  -22.390 -17.185 1.00 107.38 ? 67  GLN B CD  1 
ATOM   607  O OE1 . GLN B 2 28 ? 39.660  -21.420 -17.674 1.00 103.68 ? 67  GLN B OE1 1 
ATOM   608  N NE2 . GLN B 2 28 ? 39.816  -23.637 -17.360 1.00 112.40 ? 67  GLN B NE2 1 
ATOM   609  N N   . ILE B 2 29 ? 44.167  -18.254 -15.805 1.00 94.33  ? 68  ILE B N   1 
ATOM   610  C CA  . ILE B 2 29 ? 45.184  -17.264 -16.138 1.00 96.02  ? 68  ILE B CA  1 
ATOM   611  C C   . ILE B 2 29 ? 46.295  -17.306 -15.094 1.00 102.61 ? 68  ILE B C   1 
ATOM   612  O O   . ILE B 2 29 ? 47.481  -17.241 -15.425 1.00 106.00 ? 68  ILE B O   1 
ATOM   613  C CB  . ILE B 2 29 ? 44.592  -15.838 -16.202 1.00 87.54  ? 68  ILE B CB  1 
ATOM   614  C CG1 . ILE B 2 29 ? 43.547  -15.740 -17.315 1.00 87.45  ? 68  ILE B CG1 1 
ATOM   615  C CG2 . ILE B 2 29 ? 45.686  -14.806 -16.419 1.00 88.71  ? 68  ILE B CG2 1 
ATOM   616  C CD1 . ILE B 2 29 ? 42.989  -14.345 -17.514 1.00 88.58  ? 68  ILE B CD1 1 
ATOM   617  N N   . LYS B 2 30 ? 45.902  -17.431 -13.829 1.00 99.95  ? 69  LYS B N   1 
ATOM   618  C CA  . LYS B 2 30 ? 46.851  -17.472 -12.720 1.00 101.25 ? 69  LYS B CA  1 
ATOM   619  C C   . LYS B 2 30 ? 47.678  -18.755 -12.715 1.00 107.64 ? 69  LYS B C   1 
ATOM   620  O O   . LYS B 2 30 ? 48.750  -18.807 -12.112 1.00 108.61 ? 69  LYS B O   1 
ATOM   621  C CB  . LYS B 2 30 ? 46.118  -17.307 -11.386 1.00 105.57 ? 69  LYS B CB  1 
ATOM   622  C CG  . LYS B 2 30 ? 45.398  -15.976 -11.242 1.00 111.86 ? 69  LYS B CG  1 
ATOM   623  C CD  . LYS B 2 30 ? 44.515  -15.953 -10.005 1.00 113.30 ? 69  LYS B CD  1 
ATOM   624  C CE  . LYS B 2 30 ? 43.659  -14.696 -9.960  1.00 116.54 ? 69  LYS B CE  1 
ATOM   625  N NZ  . LYS B 2 30 ? 42.703  -14.705 -8.815  1.00 113.43 ? 69  LYS B NZ  1 
ATOM   626  N N   . LYS B 2 31 ? 47.179  -19.788 -13.389 1.00 102.84 ? 70  LYS B N   1 
ATOM   627  C CA  . LYS B 2 31 ? 47.922  -21.035 -13.539 1.00 103.55 ? 70  LYS B CA  1 
ATOM   628  C C   . LYS B 2 31 ? 49.103  -20.852 -14.488 1.00 107.76 ? 70  LYS B C   1 
ATOM   629  O O   . LYS B 2 31 ? 49.976  -21.713 -14.584 1.00 108.70 ? 70  LYS B O   1 
ATOM   630  C CB  . LYS B 2 31 ? 47.013  -22.155 -14.052 1.00 104.69 ? 70  LYS B CB  1 
ATOM   631  C CG  . LYS B 2 31 ? 46.260  -22.905 -12.966 1.00 109.37 ? 70  LYS B CG  1 
ATOM   632  C CD  . LYS B 2 31 ? 45.525  -24.109 -13.541 1.00 112.08 ? 70  LYS B CD  1 
ATOM   633  C CE  . LYS B 2 31 ? 46.469  -25.025 -14.307 1.00 110.90 ? 70  LYS B CE  1 
ATOM   634  N NZ  . LYS B 2 31 ? 47.586  -25.528 -13.458 1.00 113.18 ? 70  LYS B NZ  1 
ATOM   635  N N   . GLN B 2 32 ? 49.118  -19.722 -15.189 1.00 105.84 ? 71  GLN B N   1 
ATOM   636  C CA  . GLN B 2 32 ? 50.182  -19.407 -16.130 1.00 101.19 ? 71  GLN B CA  1 
ATOM   637  C C   . GLN B 2 32 ? 50.879  -18.113 -15.725 1.00 105.59 ? 71  GLN B C   1 
ATOM   638  O O   . GLN B 2 32 ? 52.036  -18.125 -15.302 1.00 107.14 ? 71  GLN B O   1 
ATOM   639  C CB  . GLN B 2 32 ? 49.609  -19.266 -17.542 1.00 98.31  ? 71  GLN B CB  1 
ATOM   640  C CG  . GLN B 2 32 ? 48.734  -20.431 -17.979 1.00 92.68  ? 71  GLN B CG  1 
ATOM   641  C CD  . GLN B 2 32 ? 47.945  -20.124 -19.236 1.00 90.85  ? 71  GLN B CD  1 
ATOM   642  O OE1 . GLN B 2 32 ? 47.953  -18.996 -19.727 1.00 99.66  ? 71  GLN B OE1 1 
ATOM   643  N NE2 . GLN B 2 32 ? 47.255  -21.128 -19.763 1.00 94.52  ? 71  GLN B NE2 1 
ATOM   644  N N   . GLU B 2 33 ? 50.162  -17.001 -15.853 1.00 112.38 ? 72  GLU B N   1 
ATOM   645  C CA  . GLU B 2 33 ? 50.702  -15.683 -15.532 1.00 112.76 ? 72  GLU B CA  1 
ATOM   646  C C   . GLU B 2 33 ? 50.798  -15.474 -14.023 1.00 110.85 ? 72  GLU B C   1 
ATOM   647  O O   . GLU B 2 33 ? 50.621  -16.410 -13.243 1.00 110.05 ? 72  GLU B O   1 
ATOM   648  C CB  . GLU B 2 33 ? 49.840  -14.585 -16.169 1.00 107.92 ? 72  GLU B CB  1 
ATOM   649  C CG  . GLU B 2 33 ? 50.439  -13.182 -16.105 1.00 116.40 ? 72  GLU B CG  1 
ATOM   650  C CD  . GLU B 2 33 ? 50.115  -12.455 -14.812 1.00 124.47 ? 72  GLU B CD  1 
ATOM   651  O OE1 . GLU B 2 33 ? 50.844  -11.501 -14.467 1.00 125.70 ? 72  GLU B OE1 1 
ATOM   652  O OE2 . GLU B 2 33 ? 49.128  -12.831 -14.145 1.00 123.94 ? 72  GLU B OE2 1 
ATOM   653  N N   . SER C 1 1  ? -41.670 23.094  30.403  1.00 91.36  ? 1   SER C N   1 
ATOM   654  C CA  . SER C 1 1  ? -41.877 21.651  30.368  1.00 95.34  ? 1   SER C CA  1 
ATOM   655  C C   . SER C 1 1  ? -40.658 20.901  30.895  1.00 102.14 ? 1   SER C C   1 
ATOM   656  O O   . SER C 1 1  ? -39.525 21.180  30.501  1.00 94.43  ? 1   SER C O   1 
ATOM   657  C CB  . SER C 1 1  ? -42.185 21.187  28.942  1.00 86.99  ? 1   SER C CB  1 
ATOM   658  O OG  . SER C 1 1  ? -43.285 21.891  28.395  1.00 93.46  ? 1   SER C OG  1 
ATOM   659  N N   . GLY C 1 2  ? -40.898 19.947  31.788  1.00 103.32 ? 2   GLY C N   1 
ATOM   660  C CA  . GLY C 1 2  ? -39.842 19.075  32.263  1.00 94.03  ? 2   GLY C CA  1 
ATOM   661  C C   . GLY C 1 2  ? -39.712 17.880  31.339  1.00 99.18  ? 2   GLY C C   1 
ATOM   662  O O   . GLY C 1 2  ? -39.008 16.917  31.639  1.00 99.38  ? 2   GLY C O   1 
ATOM   663  N N   . ILE C 1 3  ? -40.401 17.955  30.204  1.00 96.60  ? 3   ILE C N   1 
ATOM   664  C CA  . ILE C 1 3  ? -40.406 16.877  29.226  1.00 92.28  ? 3   ILE C CA  1 
ATOM   665  C C   . ILE C 1 3  ? -39.814 17.348  27.896  1.00 95.50  ? 3   ILE C C   1 
ATOM   666  O O   . ILE C 1 3  ? -39.361 16.538  27.086  1.00 94.03  ? 3   ILE C O   1 
ATOM   667  C CB  . ILE C 1 3  ? -41.834 16.317  29.023  1.00 85.24  ? 3   ILE C CB  1 
ATOM   668  C CG1 . ILE C 1 3  ? -41.795 14.959  28.317  1.00 92.22  ? 3   ILE C CG1 1 
ATOM   669  C CG2 . ILE C 1 3  ? -42.707 17.312  28.270  1.00 83.05  ? 3   ILE C CG2 1 
ATOM   670  C CD1 . ILE C 1 3  ? -43.151 14.311  28.164  1.00 88.82  ? 3   ILE C CD1 1 
ATOM   671  N N   . VAL C 1 4  ? -39.814 18.660  27.676  1.00 95.12  ? 4   VAL C N   1 
ATOM   672  C CA  . VAL C 1 4  ? -39.174 19.227  26.494  1.00 96.08  ? 4   VAL C CA  1 
ATOM   673  C C   . VAL C 1 4  ? -37.681 19.376  26.764  1.00 94.58  ? 4   VAL C C   1 
ATOM   674  O O   . VAL C 1 4  ? -36.877 19.504  25.840  1.00 94.64  ? 4   VAL C O   1 
ATOM   675  C CB  . VAL C 1 4  ? -39.792 20.587  26.090  1.00 93.54  ? 4   VAL C CB  1 
ATOM   676  C CG1 . VAL C 1 4  ? -39.205 21.714  26.926  1.00 86.91  ? 4   VAL C CG1 1 
ATOM   677  C CG2 . VAL C 1 4  ? -39.566 20.853  24.609  1.00 93.63  ? 4   VAL C CG2 1 
ATOM   678  N N   . GLN C 1 5  ? -37.321 19.350  28.045  1.00 92.40  ? 5   GLN C N   1 
ATOM   679  C CA  . GLN C 1 5  ? -35.923 19.320  28.448  1.00 94.81  ? 5   GLN C CA  1 
ATOM   680  C C   . GLN C 1 5  ? -35.462 17.870  28.478  1.00 93.99  ? 5   GLN C C   1 
ATOM   681  O O   . GLN C 1 5  ? -34.265 17.582  28.485  1.00 84.68  ? 5   GLN C O   1 
ATOM   682  C CB  . GLN C 1 5  ? -35.736 19.954  29.827  1.00 89.84  ? 5   GLN C CB  1 
ATOM   683  C CG  . GLN C 1 5  ? -36.388 19.175  30.961  1.00 101.85 ? 5   GLN C CG  1 
ATOM   684  C CD  . GLN C 1 5  ? -35.728 19.436  32.302  1.00 114.44 ? 5   GLN C CD  1 
ATOM   685  O OE1 . GLN C 1 5  ? -34.533 19.724  32.373  1.00 119.17 ? 5   GLN C OE1 1 
ATOM   686  N NE2 . GLN C 1 5  ? -36.505 19.332  33.374  1.00 106.68 ? 5   GLN C NE2 1 
ATOM   687  N N   . GLN C 1 6  ? -36.431 16.960  28.503  1.00 94.60  ? 6   GLN C N   1 
ATOM   688  C CA  . GLN C 1 6  ? -36.148 15.535  28.466  1.00 88.34  ? 6   GLN C CA  1 
ATOM   689  C C   . GLN C 1 6  ? -35.746 15.142  27.051  1.00 87.47  ? 6   GLN C C   1 
ATOM   690  O O   . GLN C 1 6  ? -34.875 14.298  26.853  1.00 78.52  ? 6   GLN C O   1 
ATOM   691  C CB  . GLN C 1 6  ? -37.378 14.738  28.903  1.00 87.02  ? 6   GLN C CB  1 
ATOM   692  C CG  . GLN C 1 6  ? -37.129 13.254  29.091  1.00 87.79  ? 6   GLN C CG  1 
ATOM   693  C CD  . GLN C 1 6  ? -36.378 12.951  30.368  1.00 97.87  ? 6   GLN C CD  1 
ATOM   694  O OE1 . GLN C 1 6  ? -35.149 12.890  30.379  1.00 98.59  ? 6   GLN C OE1 1 
ATOM   695  N NE2 . GLN C 1 6  ? -37.114 12.762  31.456  1.00 103.56 ? 6   GLN C NE2 1 
ATOM   696  N N   . GLN C 1 7  ? -36.387 15.769  26.070  1.00 85.58  ? 7   GLN C N   1 
ATOM   697  C CA  . GLN C 1 7  ? -36.078 15.519  24.668  1.00 84.66  ? 7   GLN C CA  1 
ATOM   698  C C   . GLN C 1 7  ? -34.786 16.212  24.252  1.00 80.97  ? 7   GLN C C   1 
ATOM   699  O O   . GLN C 1 7  ? -34.084 15.745  23.358  1.00 73.65  ? 7   GLN C O   1 
ATOM   700  C CB  . GLN C 1 7  ? -37.230 15.975  23.772  1.00 83.75  ? 7   GLN C CB  1 
ATOM   701  C CG  . GLN C 1 7  ? -38.507 15.183  23.968  1.00 82.56  ? 7   GLN C CG  1 
ATOM   702  C CD  . GLN C 1 7  ? -39.610 15.611  23.024  1.00 92.73  ? 7   GLN C CD  1 
ATOM   703  O OE1 . GLN C 1 7  ? -39.728 16.787  22.681  1.00 98.81  ? 7   GLN C OE1 1 
ATOM   704  N NE2 . GLN C 1 7  ? -40.423 14.654  22.592  1.00 86.91  ? 7   GLN C NE2 1 
ATOM   705  N N   . ASN C 1 8  ? -34.484 17.333  24.899  1.00 83.34  ? 8   ASN C N   1 
ATOM   706  C CA  . ASN C 1 8  ? -33.246 18.051  24.631  1.00 79.21  ? 8   ASN C CA  1 
ATOM   707  C C   . ASN C 1 8  ? -32.047 17.270  25.151  1.00 74.83  ? 8   ASN C C   1 
ATOM   708  O O   . ASN C 1 8  ? -30.975 17.295  24.553  1.00 72.77  ? 8   ASN C O   1 
ATOM   709  C CB  . ASN C 1 8  ? -33.286 19.452  25.246  1.00 79.26  ? 8   ASN C CB  1 
ATOM   710  C CG  . ASN C 1 8  ? -32.031 20.253  24.955  1.00 86.53  ? 8   ASN C CG  1 
ATOM   711  O OD1 . ASN C 1 8  ? -31.185 20.448  25.829  1.00 82.24  ? 8   ASN C OD1 1 
ATOM   712  N ND2 . ASN C 1 8  ? -31.901 20.718  23.718  1.00 82.90  ? 8   ASN C ND2 1 
ATOM   713  N N   . ASN C 1 9  ? -32.239 16.567  26.264  1.00 72.86  ? 9   ASN C N   1 
ATOM   714  C CA  . ASN C 1 9  ? -31.184 15.739  26.834  1.00 76.86  ? 9   ASN C CA  1 
ATOM   715  C C   . ASN C 1 9  ? -31.063 14.394  26.125  1.00 74.18  ? 9   ASN C C   1 
ATOM   716  O O   . ASN C 1 9  ? -30.004 13.767  26.149  1.00 66.85  ? 9   ASN C O   1 
ATOM   717  C CB  . ASN C 1 9  ? -31.402 15.536  28.335  1.00 78.11  ? 9   ASN C CB  1 
ATOM   718  C CG  . ASN C 1 9  ? -31.077 16.777  29.143  1.00 87.76  ? 9   ASN C CG  1 
ATOM   719  O OD1 . ASN C 1 9  ? -30.258 17.600  28.734  1.00 79.86  ? 9   ASN C OD1 1 
ATOM   720  N ND2 . ASN C 1 9  ? -31.716 16.915  30.298  1.00 96.72  ? 9   ASN C ND2 1 
ATOM   721  N N   . LEU C 1 10 ? -32.150 13.955  25.500  1.00 66.77  ? 10  LEU C N   1 
ATOM   722  C CA  . LEU C 1 10 ? -32.117 12.748  24.683  1.00 62.45  ? 10  LEU C CA  1 
ATOM   723  C C   . LEU C 1 10 ? -31.392 13.033  23.373  1.00 67.08  ? 10  LEU C C   1 
ATOM   724  O O   . LEU C 1 10 ? -30.713 12.164  22.828  1.00 65.41  ? 10  LEU C O   1 
ATOM   725  C CB  . LEU C 1 10 ? -33.530 12.232  24.403  1.00 67.89  ? 10  LEU C CB  1 
ATOM   726  C CG  . LEU C 1 10 ? -33.944 10.938  25.110  1.00 71.00  ? 10  LEU C CG  1 
ATOM   727  C CD1 . LEU C 1 10 ? -34.202 11.181  26.581  1.00 71.30  ? 10  LEU C CD1 1 
ATOM   728  C CD2 . LEU C 1 10 ? -35.166 10.326  24.454  1.00 73.16  ? 10  LEU C CD2 1 
ATOM   729  N N   . LEU C 1 11 ? -31.538 14.258  22.875  1.00 66.17  ? 11  LEU C N   1 
ATOM   730  C CA  . LEU C 1 11 ? -30.861 14.678  21.653  1.00 63.07  ? 11  LEU C CA  1 
ATOM   731  C C   . LEU C 1 11 ? -29.362 14.830  21.884  1.00 66.95  ? 11  LEU C C   1 
ATOM   732  O O   . LEU C 1 11 ? -28.558 14.468  21.025  1.00 69.46  ? 11  LEU C O   1 
ATOM   733  C CB  . LEU C 1 11 ? -31.449 15.993  21.136  1.00 68.04  ? 11  LEU C CB  1 
ATOM   734  C CG  . LEU C 1 11 ? -30.763 16.611  19.915  1.00 70.78  ? 11  LEU C CG  1 
ATOM   735  C CD1 . LEU C 1 11 ? -30.918 15.715  18.697  1.00 63.45  ? 11  LEU C CD1 1 
ATOM   736  C CD2 . LEU C 1 11 ? -31.307 18.003  19.637  1.00 66.80  ? 11  LEU C CD2 1 
ATOM   737  N N   . ARG C 1 12 ? -28.994 15.364  23.047  1.00 62.33  ? 12  ARG C N   1 
ATOM   738  C CA  . ARG C 1 12 ? -27.589 15.540  23.403  1.00 66.52  ? 12  ARG C CA  1 
ATOM   739  C C   . ARG C 1 12 ? -26.865 14.199  23.454  1.00 63.42  ? 12  ARG C C   1 
ATOM   740  O O   . ARG C 1 12 ? -25.706 14.094  23.059  1.00 60.04  ? 12  ARG C O   1 
ATOM   741  C CB  . ARG C 1 12 ? -27.457 16.257  24.750  1.00 61.28  ? 12  ARG C CB  1 
ATOM   742  C CG  . ARG C 1 12 ? -27.909 17.710  24.746  1.00 71.16  ? 12  ARG C CG  1 
ATOM   743  C CD  . ARG C 1 12 ? -27.847 18.313  26.144  1.00 82.71  ? 12  ARG C CD  1 
ATOM   744  N NE  . ARG C 1 12 ? -28.588 19.568  26.239  1.00 93.98  ? 12  ARG C NE  1 
ATOM   745  C CZ  . ARG C 1 12 ? -28.067 20.767  25.996  1.00 104.20 ? 12  ARG C CZ  1 
ATOM   746  N NH1 . ARG C 1 12 ? -26.796 20.880  25.638  1.00 108.08 ? 12  ARG C NH1 1 
ATOM   747  N NH2 . ARG C 1 12 ? -28.819 21.853  26.110  1.00 100.58 ? 12  ARG C NH2 1 
ATOM   748  N N   . ALA C 1 13 ? -27.559 13.175  23.941  1.00 58.03  ? 13  ALA C N   1 
ATOM   749  C CA  . ALA C 1 13 ? -26.997 11.831  24.013  1.00 60.56  ? 13  ALA C CA  1 
ATOM   750  C C   . ALA C 1 13 ? -26.807 11.252  22.615  1.00 64.16  ? 13  ALA C C   1 
ATOM   751  O O   . ALA C 1 13 ? -25.791 10.618  22.327  1.00 60.39  ? 13  ALA C O   1 
ATOM   752  C CB  . ALA C 1 13 ? -27.889 10.928  24.848  1.00 52.24  ? 13  ALA C CB  1 
ATOM   753  N N   . ILE C 1 14 ? -27.792 11.476  21.751  1.00 59.31  ? 14  ILE C N   1 
ATOM   754  C CA  . ILE C 1 14 ? -27.734 11.010  20.370  1.00 52.78  ? 14  ILE C CA  1 
ATOM   755  C C   . ILE C 1 14 ? -26.600 11.693  19.602  1.00 53.10  ? 14  ILE C C   1 
ATOM   756  O O   . ILE C 1 14 ? -25.927 11.064  18.782  1.00 55.69  ? 14  ILE C O   1 
ATOM   757  C CB  . ILE C 1 14 ? -29.093 11.212  19.655  1.00 60.05  ? 14  ILE C CB  1 
ATOM   758  C CG1 . ILE C 1 14 ? -30.144 10.273  20.253  1.00 56.99  ? 14  ILE C CG1 1 
ATOM   759  C CG2 . ILE C 1 14 ? -28.976 10.965  18.162  1.00 49.68  ? 14  ILE C CG2 1 
ATOM   760  C CD1 . ILE C 1 14 ? -31.507 10.386  19.609  1.00 61.49  ? 14  ILE C CD1 1 
ATOM   761  N N   . GLU C 1 15 ? -26.378 12.973  19.885  1.00 61.41  ? 15  GLU C N   1 
ATOM   762  C CA  . GLU C 1 15 ? -25.287 13.720  19.265  1.00 60.45  ? 15  GLU C CA  1 
ATOM   763  C C   . GLU C 1 15 ? -23.928 13.196  19.719  1.00 58.10  ? 15  GLU C C   1 
ATOM   764  O O   . GLU C 1 15 ? -22.974 13.168  18.946  1.00 59.37  ? 15  GLU C O   1 
ATOM   765  C CB  . GLU C 1 15 ? -25.410 15.213  19.585  1.00 52.61  ? 15  GLU C CB  1 
ATOM   766  C CG  . GLU C 1 15 ? -26.593 15.902  18.918  1.00 70.29  ? 15  GLU C CG  1 
ATOM   767  C CD  . GLU C 1 15 ? -26.825 17.304  19.446  1.00 72.53  ? 15  GLU C CD  1 
ATOM   768  O OE1 . GLU C 1 15 ? -27.435 18.121  18.723  1.00 72.91  ? 15  GLU C OE1 1 
ATOM   769  O OE2 . GLU C 1 15 ? -26.408 17.590  20.588  1.00 64.94  ? 15  GLU C OE2 1 
ATOM   770  N N   . ALA C 1 16 ? -23.846 12.785  20.980  1.00 52.78  ? 16  ALA C N   1 
ATOM   771  C CA  . ALA C 1 16 ? -22.609 12.248  21.535  1.00 58.06  ? 16  ALA C CA  1 
ATOM   772  C C   . ALA C 1 16 ? -22.271 10.894  20.920  1.00 60.02  ? 16  ALA C C   1 
ATOM   773  O O   . ALA C 1 16 ? -21.106 10.590  20.664  1.00 56.52  ? 16  ALA C O   1 
ATOM   774  C CB  . ALA C 1 16 ? -22.713 12.133  23.044  1.00 47.55  ? 16  ALA C CB  1 
ATOM   775  N N   . GLN C 1 17 ? -23.299 10.082  20.691  1.00 58.48  ? 17  GLN C N   1 
ATOM   776  C CA  . GLN C 1 17 ? -23.118 8.763   20.096  1.00 58.03  ? 17  GLN C CA  1 
ATOM   777  C C   . GLN C 1 17 ? -22.810 8.856   18.605  1.00 55.52  ? 17  GLN C C   1 
ATOM   778  O O   . GLN C 1 17 ? -22.094 8.019   18.061  1.00 55.08  ? 17  GLN C O   1 
ATOM   779  C CB  . GLN C 1 17 ? -24.359 7.893   20.327  1.00 55.28  ? 17  GLN C CB  1 
ATOM   780  C CG  . GLN C 1 17 ? -24.627 7.560   21.789  1.00 53.11  ? 17  GLN C CG  1 
ATOM   781  C CD  . GLN C 1 17 ? -25.806 6.624   21.965  1.00 60.22  ? 17  GLN C CD  1 
ATOM   782  O OE1 . GLN C 1 17 ? -26.580 6.399   21.035  1.00 63.35  ? 17  GLN C OE1 1 
ATOM   783  N NE2 . GLN C 1 17 ? -25.945 6.067   23.161  1.00 57.96  ? 17  GLN C NE2 1 
ATOM   784  N N   . GLN C 1 18 ? -23.361 9.875   17.950  1.00 56.36  ? 18  GLN C N   1 
ATOM   785  C CA  . GLN C 1 18 ? -23.103 10.102  16.532  1.00 52.06  ? 18  GLN C CA  1 
ATOM   786  C C   . GLN C 1 18 ? -21.623 10.381  16.296  1.00 57.86  ? 18  GLN C C   1 
ATOM   787  O O   . GLN C 1 18 ? -21.035 9.903   15.326  1.00 56.40  ? 18  GLN C O   1 
ATOM   788  C CB  . GLN C 1 18 ? -23.954 11.266  16.018  1.00 56.13  ? 18  GLN C CB  1 
ATOM   789  C CG  . GLN C 1 18 ? -23.703 11.640  14.562  1.00 59.59  ? 18  GLN C CG  1 
ATOM   790  C CD  . GLN C 1 18 ? -24.170 10.574  13.588  1.00 69.60  ? 18  GLN C CD  1 
ATOM   791  O OE1 . GLN C 1 18 ? -24.941 9.683   13.944  1.00 76.76  ? 18  GLN C OE1 1 
ATOM   792  N NE2 . GLN C 1 18 ? -23.704 10.662  12.347  1.00 69.10  ? 18  GLN C NE2 1 
ATOM   793  N N   A HIS C 1 19 ? -21.020 11.151  17.199  0.45 54.14  ? 19  HIS C N   1 
ATOM   794  N N   B HIS C 1 19 ? -21.021 11.156  17.195  0.55 54.10  ? 19  HIS C N   1 
ATOM   795  C CA  A HIS C 1 19 ? -19.610 11.496  17.093  0.45 56.35  ? 19  HIS C CA  1 
ATOM   796  C CA  B HIS C 1 19 ? -19.608 11.492  17.089  0.55 56.35  ? 19  HIS C CA  1 
ATOM   797  C C   A HIS C 1 19 ? -18.727 10.317  17.489  0.45 57.57  ? 19  HIS C C   1 
ATOM   798  C C   B HIS C 1 19 ? -18.727 10.314  17.487  0.55 57.64  ? 19  HIS C C   1 
ATOM   799  O O   A HIS C 1 19 ? -17.571 10.231  17.080  0.45 54.92  ? 19  HIS C O   1 
ATOM   800  O O   B HIS C 1 19 ? -17.571 10.225  17.077  0.55 54.96  ? 19  HIS C O   1 
ATOM   801  C CB  A HIS C 1 19 ? -19.293 12.720  17.956  0.45 57.26  ? 19  HIS C CB  1 
ATOM   802  C CB  B HIS C 1 19 ? -19.285 12.721  17.940  0.55 57.21  ? 19  HIS C CB  1 
ATOM   803  C CG  A HIS C 1 19 ? -17.969 13.349  17.649  0.45 59.56  ? 19  HIS C CG  1 
ATOM   804  C CG  B HIS C 1 19 ? -19.874 13.991  17.411  0.55 61.73  ? 19  HIS C CG  1 
ATOM   805  N ND1 A HIS C 1 19 ? -17.432 13.374  16.381  0.45 58.40  ? 19  HIS C ND1 1 
ATOM   806  N ND1 B HIS C 1 19 ? -20.294 14.129  16.105  0.55 60.82  ? 19  HIS C ND1 1 
ATOM   807  C CD2 A HIS C 1 19 ? -17.077 13.988  18.446  0.45 58.23  ? 19  HIS C CD2 1 
ATOM   808  C CD2 B HIS C 1 19 ? -20.115 15.181  18.011  0.55 58.43  ? 19  HIS C CD2 1 
ATOM   809  C CE1 A HIS C 1 19 ? -16.264 13.992  16.408  0.45 57.63  ? 19  HIS C CE1 1 
ATOM   810  C CE1 B HIS C 1 19 ? -20.767 15.348  15.923  0.55 56.09  ? 19  HIS C CE1 1 
ATOM   811  N NE2 A HIS C 1 19 ? -16.027 14.374  17.651  0.45 57.34  ? 19  HIS C NE2 1 
ATOM   812  N NE2 B HIS C 1 19 ? -20.671 16.007  17.064  0.55 60.08  ? 19  HIS C NE2 1 
ATOM   813  N N   . LEU C 1 20 ? -19.279 9.409   18.290  1.00 59.46  ? 20  LEU C N   1 
ATOM   814  C CA  . LEU C 1 20 ? -18.564 8.202   18.683  1.00 55.50  ? 20  LEU C CA  1 
ATOM   815  C C   . LEU C 1 20 ? -18.497 7.240   17.503  1.00 56.75  ? 20  LEU C C   1 
ATOM   816  O O   . LEU C 1 20 ? -17.522 6.508   17.341  1.00 51.43  ? 20  LEU C O   1 
ATOM   817  C CB  . LEU C 1 20 ? -19.247 7.528   19.876  1.00 52.40  ? 20  LEU C CB  1 
ATOM   818  C CG  . LEU C 1 20 ? -18.774 7.940   21.270  1.00 58.01  ? 20  LEU C CG  1 
ATOM   819  C CD1 . LEU C 1 20 ? -19.641 7.303   22.342  1.00 56.63  ? 20  LEU C CD1 1 
ATOM   820  C CD2 . LEU C 1 20 ? -17.322 7.548   21.461  1.00 57.89  ? 20  LEU C CD2 1 
ATOM   821  N N   . LEU C 1 21 ? -19.539 7.256   16.677  1.00 50.90  ? 21  LEU C N   1 
ATOM   822  C CA  . LEU C 1 21 ? -19.602 6.403   15.496  1.00 53.72  ? 21  LEU C CA  1 
ATOM   823  C C   . LEU C 1 21 ? -18.642 6.872   14.404  1.00 49.99  ? 21  LEU C C   1 
ATOM   824  O O   . LEU C 1 21 ? -18.006 6.055   13.741  1.00 49.81  ? 21  LEU C O   1 
ATOM   825  C CB  . LEU C 1 21 ? -21.033 6.337   14.959  1.00 50.49  ? 21  LEU C CB  1 
ATOM   826  C CG  . LEU C 1 21 ? -21.987 5.410   15.711  1.00 59.24  ? 21  LEU C CG  1 
ATOM   827  C CD1 . LEU C 1 21 ? -23.428 5.664   15.306  1.00 59.46  ? 21  LEU C CD1 1 
ATOM   828  C CD2 . LEU C 1 21 ? -21.613 3.963   15.455  1.00 54.84  ? 21  LEU C CD2 1 
ATOM   829  N N   . GLN C 1 22 ? -18.536 8.184   14.225  1.00 53.12  ? 22  GLN C N   1 
ATOM   830  C CA  . GLN C 1 22 ? -17.623 8.751   13.236  1.00 53.23  ? 22  GLN C CA  1 
ATOM   831  C C   . GLN C 1 22 ? -16.166 8.477   13.595  1.00 49.31  ? 22  GLN C C   1 
ATOM   832  O O   . GLN C 1 22 ? -15.297 8.469   12.725  1.00 52.33  ? 22  GLN C O   1 
ATOM   833  C CB  . GLN C 1 22 ? -17.862 10.256  13.080  1.00 50.87  ? 22  GLN C CB  1 
ATOM   834  C CG  . GLN C 1 22 ? -19.168 10.610  12.380  1.00 63.07  ? 22  GLN C CG  1 
ATOM   835  C CD  . GLN C 1 22 ? -19.451 12.102  12.384  1.00 73.71  ? 22  GLN C CD  1 
ATOM   836  O OE1 . GLN C 1 22 ? -18.827 12.863  13.123  1.00 76.00  ? 22  GLN C OE1 1 
ATOM   837  N NE2 . GLN C 1 22 ? -20.399 12.524  11.557  1.00 76.32  ? 22  GLN C NE2 1 
ATOM   838  N N   . LEU C 1 23 ? -15.904 8.248   14.878  1.00 49.33  ? 23  LEU C N   1 
ATOM   839  C CA  . LEU C 1 23 ? -14.554 7.938   15.336  1.00 48.30  ? 23  LEU C CA  1 
ATOM   840  C C   . LEU C 1 23 ? -14.219 6.458   15.165  1.00 44.37  ? 23  LEU C C   1 
ATOM   841  O O   . LEU C 1 23 ? -13.084 6.107   14.847  1.00 48.07  ? 23  LEU C O   1 
ATOM   842  C CB  . LEU C 1 23 ? -14.362 8.367   16.792  1.00 52.05  ? 23  LEU C CB  1 
ATOM   843  C CG  . LEU C 1 23 ? -14.185 9.867   17.030  1.00 54.83  ? 23  LEU C CG  1 
ATOM   844  C CD1 . LEU C 1 23 ? -14.069 10.167  18.515  1.00 52.75  ? 23  LEU C CD1 1 
ATOM   845  C CD2 . LEU C 1 23 ? -12.963 10.375  16.286  1.00 50.94  ? 23  LEU C CD2 1 
ATOM   846  N N   . THR C 1 24 ? -15.209 5.593   15.370  1.00 41.25  ? 24  THR C N   1 
ATOM   847  C CA  . THR C 1 24 ? -15.012 4.159   15.181  1.00 44.37  ? 24  THR C CA  1 
ATOM   848  C C   . THR C 1 24 ? -14.854 3.822   13.701  1.00 46.47  ? 24  THR C C   1 
ATOM   849  O O   . THR C 1 24 ? -14.075 2.940   13.338  1.00 44.93  ? 24  THR C O   1 
ATOM   850  C CB  . THR C 1 24 ? -16.168 3.332   15.775  1.00 44.78  ? 24  THR C CB  1 
ATOM   851  O OG1 . THR C 1 24 ? -17.407 3.740   15.183  1.00 47.18  ? 24  THR C OG1 1 
ATOM   852  C CG2 . THR C 1 24 ? -16.237 3.517   17.283  1.00 34.40  ? 24  THR C CG2 1 
ATOM   853  N N   . VAL C 1 25 ? -15.599 4.528   12.856  1.00 43.23  ? 25  VAL C N   1 
ATOM   854  C CA  . VAL C 1 25 ? -15.481 4.373   11.409  1.00 42.51  ? 25  VAL C CA  1 
ATOM   855  C C   . VAL C 1 25 ? -14.086 4.787   10.942  1.00 44.24  ? 25  VAL C C   1 
ATOM   856  O O   . VAL C 1 25 ? -13.500 4.154   10.062  1.00 43.21  ? 25  VAL C O   1 
ATOM   857  C CB  . VAL C 1 25 ? -16.568 5.178   10.663  1.00 42.68  ? 25  VAL C CB  1 
ATOM   858  C CG1 . VAL C 1 25 ? -16.281 5.233   9.171   1.00 45.03  ? 25  VAL C CG1 1 
ATOM   859  C CG2 . VAL C 1 25 ? -17.939 4.570   10.913  1.00 34.91  ? 25  VAL C CG2 1 
ATOM   860  N N   . TRP C 1 26 ? -13.552 5.839   11.553  1.00 42.79  ? 26  TRP C N   1 
ATOM   861  C CA  . TRP C 1 26 ? -12.203 6.303   11.252  1.00 41.36  ? 26  TRP C CA  1 
ATOM   862  C C   . TRP C 1 26 ? -11.180 5.214   11.553  1.00 46.42  ? 26  TRP C C   1 
ATOM   863  O O   . TRP C 1 26 ? -10.306 4.934   10.735  1.00 52.17  ? 26  TRP C O   1 
ATOM   864  C CB  . TRP C 1 26 ? -11.873 7.564   12.056  1.00 43.97  ? 26  TRP C CB  1 
ATOM   865  C CG  . TRP C 1 26 ? -10.495 8.110   11.788  1.00 46.82  ? 26  TRP C CG  1 
ATOM   866  C CD1 . TRP C 1 26 ? -10.140 9.004   10.818  1.00 45.63  ? 26  TRP C CD1 1 
ATOM   867  C CD2 . TRP C 1 26 ? -9.292  7.797   12.502  1.00 50.73  ? 26  TRP C CD2 1 
ATOM   868  N NE1 . TRP C 1 26 ? -8.792  9.263   10.884  1.00 53.31  ? 26  TRP C NE1 1 
ATOM   869  C CE2 . TRP C 1 26 ? -8.247  8.535   11.910  1.00 51.20  ? 26  TRP C CE2 1 
ATOM   870  C CE3 . TRP C 1 26 ? -8.994  6.963   13.584  1.00 49.53  ? 26  TRP C CE3 1 
ATOM   871  C CZ2 . TRP C 1 26 ? -6.930  8.464   12.364  1.00 51.37  ? 26  TRP C CZ2 1 
ATOM   872  C CZ3 . TRP C 1 26 ? -7.687  6.894   14.033  1.00 52.44  ? 26  TRP C CZ3 1 
ATOM   873  C CH2 . TRP C 1 26 ? -6.672  7.640   13.425  1.00 54.12  ? 26  TRP C CH2 1 
ATOM   874  N N   . GLY C 1 27 ? -11.301 4.600   12.727  1.00 41.68  ? 27  GLY C N   1 
ATOM   875  C CA  . GLY C 1 27 ? -10.389 3.547   13.140  1.00 36.54  ? 27  GLY C CA  1 
ATOM   876  C C   . GLY C 1 27 ? -10.458 2.318   12.253  1.00 40.35  ? 27  GLY C C   1 
ATOM   877  O O   . GLY C 1 27 ? -9.427  1.750   11.895  1.00 42.72  ? 27  GLY C O   1 
ATOM   878  N N   . ILE C 1 28 ? -11.673 1.908   11.899  1.00 41.16  ? 28  ILE C N   1 
ATOM   879  C CA  . ILE C 1 28 ? -11.872 0.741   11.044  1.00 36.98  ? 28  ILE C CA  1 
ATOM   880  C C   . ILE C 1 28 ? -11.222 0.933   9.671   1.00 44.26  ? 28  ILE C C   1 
ATOM   881  O O   . ILE C 1 28 ? -10.599 0.010   9.140   1.00 43.61  ? 28  ILE C O   1 
ATOM   882  C CB  . ILE C 1 28 ? -13.373 0.397   10.892  1.00 43.92  ? 28  ILE C CB  1 
ATOM   883  C CG1 . ILE C 1 28 ? -13.950 -0.065  12.231  1.00 44.75  ? 28  ILE C CG1 1 
ATOM   884  C CG2 . ILE C 1 28 ? -13.582 -0.687  9.846   1.00 36.27  ? 28  ILE C CG2 1 
ATOM   885  C CD1 . ILE C 1 28 ? -15.422 -0.428  12.179  1.00 42.55  ? 28  ILE C CD1 1 
ATOM   886  N N   . LYS C 1 29 ? -11.356 2.133   9.109   1.00 45.79  ? 29  LYS C N   1 
ATOM   887  C CA  . LYS C 1 29 ? -10.760 2.443   7.811   1.00 44.33  ? 29  LYS C CA  1 
ATOM   888  C C   . LYS C 1 29 ? -9.234  2.411   7.862   1.00 43.74  ? 29  LYS C C   1 
ATOM   889  O O   . LYS C 1 29 ? -8.590  1.935   6.929   1.00 44.14  ? 29  LYS C O   1 
ATOM   890  C CB  . LYS C 1 29 ? -11.238 3.809   7.300   1.00 41.47  ? 29  LYS C CB  1 
ATOM   891  C CG  . LYS C 1 29 ? -12.704 3.858   6.877   1.00 47.38  ? 29  LYS C CG  1 
ATOM   892  C CD  . LYS C 1 29 ? -13.079 5.233   6.335   1.00 53.11  ? 29  LYS C CD  1 
ATOM   893  C CE  . LYS C 1 29 ? -14.521 5.267   5.854   1.00 76.20  ? 29  LYS C CE  1 
ATOM   894  N NZ  . LYS C 1 29 ? -14.913 6.621   5.367   1.00 88.12  ? 29  LYS C NZ  1 
ATOM   895  N N   . GLN C 1 30 ? -8.663  2.924   8.947   1.00 38.69  ? 30  GLN C N   1 
ATOM   896  C CA  . GLN C 1 30 ? -7.212  2.933   9.112   1.00 41.31  ? 30  GLN C CA  1 
ATOM   897  C C   . GLN C 1 30 ? -6.676  1.512   9.237   1.00 43.83  ? 30  GLN C C   1 
ATOM   898  O O   . GLN C 1 30 ? -5.638  1.181   8.667   1.00 45.70  ? 30  GLN C O   1 
ATOM   899  C CB  . GLN C 1 30 ? -6.807  3.749   10.343  1.00 50.23  ? 30  GLN C CB  1 
ATOM   900  C CG  . GLN C 1 30 ? -7.209  5.217   10.294  1.00 58.18  ? 30  GLN C CG  1 
ATOM   901  C CD  . GLN C 1 30 ? -6.405  6.014   9.290   1.00 64.89  ? 30  GLN C CD  1 
ATOM   902  O OE1 . GLN C 1 30 ? -6.944  6.523   8.308   1.00 75.71  ? 30  GLN C OE1 1 
ATOM   903  N NE2 . GLN C 1 30 ? -5.109  6.137   9.537   1.00 56.43  ? 30  GLN C NE2 1 
ATOM   904  N N   . LEU C 1 31 ? -7.391  0.673   9.981   1.00 43.21  ? 31  LEU C N   1 
ATOM   905  C CA  . LEU C 1 31 ? -6.968  -0.710  10.191  1.00 44.11  ? 31  LEU C CA  1 
ATOM   906  C C   . LEU C 1 31 ? -7.070  -1.552  8.921   1.00 45.94  ? 31  LEU C C   1 
ATOM   907  O O   . LEU C 1 31 ? -6.230  -2.416  8.679   1.00 45.34  ? 31  LEU C O   1 
ATOM   908  C CB  . LEU C 1 31 ? -7.759  -1.358  11.331  1.00 41.39  ? 31  LEU C CB  1 
ATOM   909  C CG  . LEU C 1 31 ? -7.594  -0.722  12.712  1.00 43.28  ? 31  LEU C CG  1 
ATOM   910  C CD1 . LEU C 1 31 ? -8.351  -1.504  13.775  1.00 41.38  ? 31  LEU C CD1 1 
ATOM   911  C CD2 . LEU C 1 31 ? -6.125  -0.595  13.079  1.00 41.69  ? 31  LEU C CD2 1 
ATOM   912  N N   . GLN C 1 32 ? -8.095  -1.299  8.114   1.00 45.06  ? 32  GLN C N   1 
ATOM   913  C CA  . GLN C 1 32 ? -8.282  -2.035  6.867   1.00 41.49  ? 32  GLN C CA  1 
ATOM   914  C C   . GLN C 1 32 ? -7.137  -1.759  5.892   1.00 46.77  ? 32  GLN C C   1 
ATOM   915  O O   . GLN C 1 32 ? -6.690  -2.654  5.176   1.00 52.15  ? 32  GLN C O   1 
ATOM   916  C CB  . GLN C 1 32 ? -9.629  -1.680  6.231   1.00 43.83  ? 32  GLN C CB  1 
ATOM   917  C CG  . GLN C 1 32 ? -10.069 -2.619  5.111   1.00 49.85  ? 32  GLN C CG  1 
ATOM   918  C CD  . GLN C 1 32 ? -9.414  -2.307  3.776   1.00 51.17  ? 32  GLN C CD  1 
ATOM   919  O OE1 . GLN C 1 32 ? -9.125  -1.152  3.469   1.00 58.95  ? 32  GLN C OE1 1 
ATOM   920  N NE2 . GLN C 1 32 ? -9.173  -3.340  2.976   1.00 40.72  ? 32  GLN C NE2 1 
ATOM   921  N N   . ALA C 1 33 ? -6.664  -0.518  5.878   1.00 43.14  ? 33  ALA C N   1 
ATOM   922  C CA  . ALA C 1 33 ? -5.561  -0.131  5.005   1.00 42.40  ? 33  ALA C CA  1 
ATOM   923  C C   . ALA C 1 33 ? -4.237  -0.743  5.460   1.00 39.86  ? 33  ALA C C   1 
ATOM   924  O O   . ALA C 1 33 ? -3.400  -1.109  4.635   1.00 40.04  ? 33  ALA C O   1 
ATOM   925  C CB  . ALA C 1 33 ? -5.449  1.383   4.932   1.00 30.36  ? 33  ALA C CB  1 
ATOM   926  N N   . ARG C 1 34 ? -4.052  -0.855  6.772   1.00 36.91  ? 34  ARG C N   1 
ATOM   927  C CA  . ARG C 1 34 ? -2.813  -1.400  7.321   1.00 41.71  ? 34  ARG C CA  1 
ATOM   928  C C   . ARG C 1 34 ? -2.709  -2.917  7.159   1.00 43.93  ? 34  ARG C C   1 
ATOM   929  O O   . ARG C 1 34 ? -1.621  -3.448  6.934   1.00 39.21  ? 34  ARG C O   1 
ATOM   930  C CB  . ARG C 1 34 ? -2.643  -0.989  8.788   1.00 43.92  ? 34  ARG C CB  1 
ATOM   931  C CG  . ARG C 1 34 ? -2.356  0.497   8.975   1.00 38.05  ? 34  ARG C CG  1 
ATOM   932  C CD  . ARG C 1 34 ? -1.478  0.749   10.186  1.00 36.09  ? 34  ARG C CD  1 
ATOM   933  N NE  . ARG C 1 34 ? -2.238  1.015   11.402  1.00 48.21  ? 34  ARG C NE  1 
ATOM   934  C CZ  . ARG C 1 34 ? -1.805  0.726   12.623  1.00 36.30  ? 34  ARG C CZ  1 
ATOM   935  N NH1 . ARG C 1 34 ? -0.627  0.146   12.789  1.00 42.16  ? 34  ARG C NH1 1 
ATOM   936  N NH2 . ARG C 1 34 ? -2.554  1.004   13.679  1.00 46.83  ? 34  ARG C NH2 1 
ATOM   937  N N   . ILE C 1 35 ? -3.841  -3.608  7.268   1.00 41.24  ? 35  ILE C N   1 
ATOM   938  C CA  . ILE C 1 35 ? -3.882  -5.046  7.030   1.00 35.55  ? 35  ILE C CA  1 
ATOM   939  C C   . ILE C 1 35 ? -3.624  -5.336  5.555   1.00 41.49  ? 35  ILE C C   1 
ATOM   940  O O   . ILE C 1 35 ? -2.880  -6.258  5.213   1.00 42.68  ? 35  ILE C O   1 
ATOM   941  C CB  . ILE C 1 35 ? -5.238  -5.648  7.439   1.00 41.62  ? 35  ILE C CB  1 
ATOM   942  C CG1 . ILE C 1 35 ? -5.453  -5.488  8.941   1.00 47.55  ? 35  ILE C CG1 1 
ATOM   943  C CG2 . ILE C 1 35 ? -5.310  -7.117  7.068   1.00 40.44  ? 35  ILE C CG2 1 
ATOM   944  C CD1 . ILE C 1 35 ? -6.873  -5.736  9.383   1.00 56.04  ? 35  ILE C CD1 1 
ATOM   945  N N   . LEU C 1 36 ? -4.240  -4.539  4.687   1.00 42.71  ? 36  LEU C N   1 
ATOM   946  C CA  . LEU C 1 36 ? -4.072  -4.681  3.244   1.00 39.17  ? 36  LEU C CA  1 
ATOM   947  C C   . LEU C 1 36 ? -2.612  -4.512  2.836   1.00 43.01  ? 36  LEU C C   1 
ATOM   948  O O   . LEU C 1 36 ? -2.113  -5.237  1.979   1.00 40.07  ? 36  LEU C O   1 
ATOM   949  C CB  . LEU C 1 36 ? -4.955  -3.671  2.507   1.00 40.71  ? 36  LEU C CB  1 
ATOM   950  C CG  . LEU C 1 36 ? -4.946  -3.708  0.977   1.00 47.96  ? 36  LEU C CG  1 
ATOM   951  C CD1 . LEU C 1 36 ? -5.248  -5.107  0.468   1.00 40.10  ? 36  LEU C CD1 1 
ATOM   952  C CD2 . LEU C 1 36 ? -5.947  -2.710  0.420   1.00 37.81  ? 36  LEU C CD2 1 
ATOM   953  N N   . ALA C 1 37 ? -1.929  -3.557  3.463   1.00 42.52  ? 37  ALA C N   1 
ATOM   954  C CA  . ALA C 1 37 ? -0.524  -3.295  3.166   1.00 42.71  ? 37  ALA C CA  1 
ATOM   955  C C   . ALA C 1 37 ? 0.369   -4.448  3.619   1.00 43.87  ? 37  ALA C C   1 
ATOM   956  O O   . ALA C 1 37 ? 1.375   -4.754  2.974   1.00 42.86  ? 37  ALA C O   1 
ATOM   957  C CB  . ALA C 1 37 ? -0.078  -1.989  3.806   1.00 31.73  ? 37  ALA C CB  1 
ATOM   958  N N   . VAL C 1 38 ? 0.004   -5.080  4.732   1.00 40.14  ? 38  VAL C N   1 
ATOM   959  C CA  . VAL C 1 38 ? 0.739   -6.236  5.233   1.00 39.66  ? 38  VAL C CA  1 
ATOM   960  C C   . VAL C 1 38 ? 0.519   -7.450  4.331   1.00 39.17  ? 38  VAL C C   1 
ATOM   961  O O   . VAL C 1 38 ? 1.467   -8.158  3.991   1.00 43.00  ? 38  VAL C O   1 
ATOM   962  C CB  . VAL C 1 38 ? 0.342   -6.574  6.686   1.00 42.81  ? 38  VAL C CB  1 
ATOM   963  C CG1 . VAL C 1 38 ? 0.889   -7.933  7.095   1.00 29.46  ? 38  VAL C CG1 1 
ATOM   964  C CG2 . VAL C 1 38 ? 0.840   -5.497  7.634   1.00 36.28  ? 38  VAL C CG2 1 
ATOM   965  N N   . GLU C 1 39 ? -0.733  -7.677  3.941   1.00 35.47  ? 39  GLU C N   1 
ATOM   966  C CA  . GLU C 1 39 ? -1.076  -8.771  3.035   1.00 41.19  ? 39  GLU C CA  1 
ATOM   967  C C   . GLU C 1 39 ? -0.340  -8.648  1.703   1.00 43.53  ? 39  GLU C C   1 
ATOM   968  O O   . GLU C 1 39 ? 0.174   -9.633  1.176   1.00 46.09  ? 39  GLU C O   1 
ATOM   969  C CB  . GLU C 1 39 ? -2.588  -8.811  2.795   1.00 35.81  ? 39  GLU C CB  1 
ATOM   970  C CG  . GLU C 1 39 ? -3.403  -9.220  4.013   1.00 44.10  ? 39  GLU C CG  1 
ATOM   971  C CD  . GLU C 1 39 ? -4.893  -9.020  3.815   1.00 49.33  ? 39  GLU C CD  1 
ATOM   972  O OE1 . GLU C 1 39 ? -5.683  -9.720  4.480   1.00 50.43  ? 39  GLU C OE1 1 
ATOM   973  O OE2 . GLU C 1 39 ? -5.276  -8.154  3.001   1.00 42.47  ? 39  GLU C OE2 1 
ATOM   974  N N   . ARG C 1 40 ? -0.293  -7.433  1.165   1.00 42.50  ? 40  ARG C N   1 
ATOM   975  C CA  . ARG C 1 40 ? 0.398   -7.177  -0.093  1.00 36.46  ? 40  ARG C CA  1 
ATOM   976  C C   . ARG C 1 40 ? 1.907   -7.369  0.044   1.00 45.82  ? 40  ARG C C   1 
ATOM   977  O O   . ARG C 1 40 ? 2.559   -7.847  -0.881  1.00 47.28  ? 40  ARG C O   1 
ATOM   978  C CB  . ARG C 1 40 ? 0.074   -5.770  -0.609  1.00 37.28  ? 40  ARG C CB  1 
ATOM   979  C CG  . ARG C 1 40 ? -1.325  -5.638  -1.201  1.00 38.91  ? 40  ARG C CG  1 
ATOM   980  C CD  . ARG C 1 40 ? -1.730  -4.188  -1.389  1.00 35.31  ? 40  ARG C CD  1 
ATOM   981  N NE  . ARG C 1 40 ? -2.955  -4.059  -2.175  1.00 41.62  ? 40  ARG C NE  1 
ATOM   982  C CZ  . ARG C 1 40 ? -3.642  -2.930  -2.314  1.00 43.19  ? 40  ARG C CZ  1 
ATOM   983  N NH1 . ARG C 1 40 ? -3.233  -1.824  -1.710  1.00 36.85  ? 40  ARG C NH1 1 
ATOM   984  N NH2 . ARG C 1 40 ? -4.743  -2.906  -3.050  1.00 38.96  ? 40  ARG C NH2 1 
ATOM   985  N N   . TYR C 1 41 ? 2.452   -7.008  1.202   1.00 45.22  ? 41  TYR C N   1 
ATOM   986  C CA  . TYR C 1 41 ? 3.878   -7.179  1.463   1.00 38.86  ? 41  TYR C CA  1 
ATOM   987  C C   . TYR C 1 41 ? 4.273   -8.652  1.431   1.00 43.99  ? 41  TYR C C   1 
ATOM   988  O O   . TYR C 1 41 ? 5.225   -9.029  0.751   1.00 44.78  ? 41  TYR C O   1 
ATOM   989  C CB  . TYR C 1 41 ? 4.260   -6.554  2.810   1.00 45.56  ? 41  TYR C CB  1 
ATOM   990  C CG  . TYR C 1 41 ? 5.685   -6.839  3.240   1.00 43.17  ? 41  TYR C CG  1 
ATOM   991  C CD1 . TYR C 1 41 ? 6.737   -6.063  2.781   1.00 45.10  ? 41  TYR C CD1 1 
ATOM   992  C CD2 . TYR C 1 41 ? 5.973   -7.882  4.108   1.00 41.38  ? 41  TYR C CD2 1 
ATOM   993  C CE1 . TYR C 1 41 ? 8.040   -6.320  3.168   1.00 38.51  ? 41  TYR C CE1 1 
ATOM   994  C CE2 . TYR C 1 41 ? 7.272   -8.148  4.501   1.00 46.66  ? 41  TYR C CE2 1 
ATOM   995  C CZ  . TYR C 1 41 ? 8.301   -7.363  4.028   1.00 58.85  ? 41  TYR C CZ  1 
ATOM   996  O OH  . TYR C 1 41 ? 9.593   -7.625  4.420   1.00 56.11  ? 41  TYR C OH  1 
ATOM   997  N N   . LEU C 1 42 ? 3.536   -9.477  2.168   1.00 44.17  ? 42  LEU C N   1 
ATOM   998  C CA  . LEU C 1 42 ? 3.815   -10.908 2.238   1.00 41.30  ? 42  LEU C CA  1 
ATOM   999  C C   . LEU C 1 42 ? 3.667   -11.575 0.872   1.00 44.35  ? 42  LEU C C   1 
ATOM   1000 O O   . LEU C 1 42 ? 4.387   -12.519 0.549   1.00 48.07  ? 42  LEU C O   1 
ATOM   1001 C CB  . LEU C 1 42 ? 2.893   -11.577 3.256   1.00 36.15  ? 42  LEU C CB  1 
ATOM   1002 C CG  . LEU C 1 42 ? 2.982   -11.032 4.682   1.00 41.33  ? 42  LEU C CG  1 
ATOM   1003 C CD1 . LEU C 1 42 ? 1.957   -11.701 5.584   1.00 30.03  ? 42  LEU C CD1 1 
ATOM   1004 C CD2 . LEU C 1 42 ? 4.386   -11.220 5.228   1.00 34.67  ? 42  LEU C CD2 1 
ATOM   1005 N N   . LYS C 1 43 ? 2.733   -11.071 0.073   1.00 48.12  ? 43  LYS C N   1 
ATOM   1006 C CA  . LYS C 1 43 ? 2.501   -11.587 -1.270  1.00 42.46  ? 43  LYS C CA  1 
ATOM   1007 C C   . LYS C 1 43 ? 3.676   -11.272 -2.192  1.00 50.66  ? 43  LYS C C   1 
ATOM   1008 O O   . LYS C 1 43 ? 4.056   -12.093 -3.029  1.00 53.40  ? 43  LYS C O   1 
ATOM   1009 C CB  . LYS C 1 43 ? 1.206   -11.000 -1.840  1.00 46.05  ? 43  LYS C CB  1 
ATOM   1010 C CG  . LYS C 1 43 ? 0.928   -11.363 -3.292  1.00 52.20  ? 43  LYS C CG  1 
ATOM   1011 C CD  . LYS C 1 43 ? -0.375  -10.734 -3.766  1.00 64.42  ? 43  LYS C CD  1 
ATOM   1012 C CE  . LYS C 1 43 ? -0.630  -11.013 -5.239  1.00 63.69  ? 43  LYS C CE  1 
ATOM   1013 N NZ  . LYS C 1 43 ? -1.924  -10.438 -5.702  1.00 64.61  ? 43  LYS C NZ  1 
ATOM   1014 N N   . ASP C 1 44 ? 4.257   -10.088 -2.027  1.00 48.82  ? 44  ASP C N   1 
ATOM   1015 C CA  . ASP C 1 44 ? 5.359   -9.655  -2.877  1.00 50.82  ? 44  ASP C CA  1 
ATOM   1016 C C   . ASP C 1 44 ? 6.668   -10.376 -2.554  1.00 50.81  ? 44  ASP C C   1 
ATOM   1017 O O   . ASP C 1 44 ? 7.545   -10.488 -3.407  1.00 55.77  ? 44  ASP C O   1 
ATOM   1018 C CB  . ASP C 1 44 ? 5.547   -8.137  -2.788  1.00 48.57  ? 44  ASP C CB  1 
ATOM   1019 C CG  . ASP C 1 44 ? 4.330   -7.368  -3.270  1.00 50.71  ? 44  ASP C CG  1 
ATOM   1020 O OD1 . ASP C 1 44 ? 3.471   -7.971  -3.946  1.00 49.74  ? 44  ASP C OD1 1 
ATOM   1021 O OD2 . ASP C 1 44 ? 4.235   -6.158  -2.976  1.00 46.59  ? 44  ASP C OD2 1 
ATOM   1022 N N   . GLN C 1 45 ? 6.796   -10.862 -1.323  1.00 52.44  ? 45  GLN C N   1 
ATOM   1023 C CA  . GLN C 1 45 ? 7.991   -11.593 -0.913  1.00 53.08  ? 45  GLN C CA  1 
ATOM   1024 C C   . GLN C 1 45 ? 7.969   -13.027 -1.428  1.00 53.25  ? 45  GLN C C   1 
ATOM   1025 O O   . GLN C 1 45 ? 6.927   -13.535 -1.839  1.00 52.76  ? 45  GLN C O   1 
ATOM   1026 C CB  . GLN C 1 45 ? 8.135   -11.594 0.610   1.00 50.06  ? 45  GLN C CB  1 
ATOM   1027 C CG  . GLN C 1 45 ? 8.188   -10.208 1.231   1.00 51.26  ? 45  GLN C CG  1 
ATOM   1028 C CD  . GLN C 1 45 ? 9.324   -9.365  0.689   1.00 66.98  ? 45  GLN C CD  1 
ATOM   1029 O OE1 . GLN C 1 45 ? 10.444  -9.846  0.520   1.00 68.00  ? 45  GLN C OE1 1 
ATOM   1030 N NE2 . GLN C 1 45 ? 9.039   -8.098  0.408   1.00 70.96  ? 45  GLN C NE2 1 
HETATM 1031 N N   . NH2 C 1 46 ? 9.127   -13.676 -1.402  1.00 60.74  ? 100 NH2 C N   1 
HETATM 1032 C C   . ACE D 2 1  ? -20.981 -9.478  -0.195  1.00 85.88  ? 40  ACE D C   1 
HETATM 1033 O O   . ACE D 2 1  ? -20.411 -9.353  -1.265  1.00 91.83  ? 40  ACE D O   1 
HETATM 1034 C CH3 . ACE D 2 1  ? -20.462 -10.450 0.837   1.00 89.31  ? 40  ACE D CH3 1 
ATOM   1035 N N   . MET D 2 2  ? -20.075 -8.880  0.525   1.00 88.34  ? 41  MET D N   1 
ATOM   1036 C CA  . MET D 2 2  ? -20.095 -7.423  0.571   1.00 76.09  ? 41  MET D CA  1 
ATOM   1037 C C   . MET D 2 2  ? -18.695 -6.859  0.334   1.00 67.50  ? 41  MET D C   1 
ATOM   1038 O O   . MET D 2 2  ? -17.701 -7.435  0.774   1.00 68.15  ? 41  MET D O   1 
ATOM   1039 C CB  . MET D 2 2  ? -20.643 -6.943  1.916   1.00 71.03  ? 41  MET D CB  1 
ATOM   1040 C CG  . MET D 2 2  ? -20.918 -5.452  1.989   1.00 77.08  ? 41  MET D CG  1 
ATOM   1041 S SD  . MET D 2 2  ? -21.511 -4.948  3.615   1.00 72.85  ? 41  MET D SD  1 
ATOM   1042 C CE  . MET D 2 2  ? -21.794 -3.203  3.338   1.00 60.30  ? 41  MET D CE  1 
ATOM   1043 N N   . THR D 2 3  ? -18.625 -5.732  -0.370  1.00 72.08  ? 42  THR D N   1 
ATOM   1044 C CA  . THR D 2 3  ? -17.352 -5.108  -0.715  1.00 66.90  ? 42  THR D CA  1 
ATOM   1045 C C   . THR D 2 3  ? -17.070 -3.905  0.186   1.00 69.68  ? 42  THR D C   1 
ATOM   1046 O O   . THR D 2 3  ? -17.995 -3.218  0.620   1.00 68.58  ? 42  THR D O   1 
ATOM   1047 C CB  . THR D 2 3  ? -17.345 -4.666  -2.195  1.00 70.43  ? 42  THR D CB  1 
ATOM   1048 O OG1 . THR D 2 3  ? -17.678 -5.782  -3.030  1.00 87.70  ? 42  THR D OG1 1 
ATOM   1049 C CG2 . THR D 2 3  ? -15.981 -4.127  -2.606  1.00 74.93  ? 42  THR D CG2 1 
ATOM   1050 N N   . TRP D 2 4  ? -15.793 -3.658  0.469   1.00 63.79  ? 43  TRP D N   1 
ATOM   1051 C CA  . TRP D 2 4  ? -15.391 -2.506  1.270   1.00 57.13  ? 43  TRP D CA  1 
ATOM   1052 C C   . TRP D 2 4  ? -15.713 -1.181  0.584   1.00 61.55  ? 43  TRP D C   1 
ATOM   1053 O O   . TRP D 2 4  ? -15.738 -0.134  1.228   1.00 70.75  ? 43  TRP D O   1 
ATOM   1054 C CB  . TRP D 2 4  ? -13.899 -2.577  1.611   1.00 54.65  ? 43  TRP D CB  1 
ATOM   1055 C CG  . TRP D 2 4  ? -13.609 -3.432  2.806   1.00 52.20  ? 43  TRP D CG  1 
ATOM   1056 C CD1 . TRP D 2 4  ? -13.178 -4.725  2.805   1.00 47.91  ? 43  TRP D CD1 1 
ATOM   1057 C CD2 . TRP D 2 4  ? -13.742 -3.054  4.182   1.00 54.18  ? 43  TRP D CD2 1 
ATOM   1058 N NE1 . TRP D 2 4  ? -13.030 -5.175  4.095   1.00 57.99  ? 43  TRP D NE1 1 
ATOM   1059 C CE2 . TRP D 2 4  ? -13.371 -4.167  4.959   1.00 52.86  ? 43  TRP D CE2 1 
ATOM   1060 C CE3 . TRP D 2 4  ? -14.137 -1.881  4.831   1.00 52.16  ? 43  TRP D CE3 1 
ATOM   1061 C CZ2 . TRP D 2 4  ? -13.383 -4.141  6.355   1.00 44.63  ? 43  TRP D CZ2 1 
ATOM   1062 C CZ3 . TRP D 2 4  ? -14.149 -1.857  6.214   1.00 48.83  ? 43  TRP D CZ3 1 
ATOM   1063 C CH2 . TRP D 2 4  ? -13.775 -2.979  6.961   1.00 49.18  ? 43  TRP D CH2 1 
ATOM   1064 N N   . GLU D 2 5  ? -15.952 -1.226  -0.723  1.00 70.74  ? 44  GLU D N   1 
ATOM   1065 C CA  . GLU D 2 5  ? -16.374 -0.036  -1.453  1.00 75.62  ? 44  GLU D CA  1 
ATOM   1066 C C   . GLU D 2 5  ? -17.877 0.162   -1.282  1.00 70.01  ? 44  GLU D C   1 
ATOM   1067 O O   . GLU D 2 5  ? -18.367 1.291   -1.253  1.00 67.32  ? 44  GLU D O   1 
ATOM   1068 C CB  . GLU D 2 5  ? -16.015 -0.148  -2.936  1.00 74.15  ? 44  GLU D CB  1 
ATOM   1069 C CG  . GLU D 2 5  ? -15.425 1.126   -3.524  1.00 85.29  ? 44  GLU D CG  1 
ATOM   1070 C CD  . GLU D 2 5  ? -15.217 1.041   -5.024  1.00 110.79 ? 44  GLU D CD  1 
ATOM   1071 O OE1 . GLU D 2 5  ? -16.101 0.492   -5.716  1.00 109.80 ? 44  GLU D OE1 1 
ATOM   1072 O OE2 . GLU D 2 5  ? -14.171 1.520   -5.510  1.00 103.42 ? 44  GLU D OE2 1 
ATOM   1073 N N   . GLU D 2 6  ? -18.602 -0.947  -1.168  1.00 62.79  ? 45  GLU D N   1 
ATOM   1074 C CA  . GLU D 2 6  ? -20.030 -0.908  -0.879  1.00 70.36  ? 45  GLU D CA  1 
ATOM   1075 C C   . GLU D 2 6  ? -20.236 -0.510  0.577   1.00 68.03  ? 45  GLU D C   1 
ATOM   1076 O O   . GLU D 2 6  ? -21.235 0.117   0.927   1.00 72.59  ? 45  GLU D O   1 
ATOM   1077 C CB  . GLU D 2 6  ? -20.667 -2.275  -1.138  1.00 76.48  ? 45  GLU D CB  1 
ATOM   1078 C CG  . GLU D 2 6  ? -20.490 -2.797  -2.556  1.00 82.36  ? 45  GLU D CG  1 
ATOM   1079 C CD  . GLU D 2 6  ? -20.929 -4.242  -2.702  1.00 88.13  ? 45  GLU D CD  1 
ATOM   1080 O OE1 . GLU D 2 6  ? -21.222 -4.885  -1.672  1.00 87.72  ? 45  GLU D OE1 1 
ATOM   1081 O OE2 . GLU D 2 6  ? -20.978 -4.736  -3.848  1.00 95.59  ? 45  GLU D OE2 1 
ATOM   1082 N N   . TRP D 2 7  ? -19.280 -0.885  1.418   1.00 68.44  ? 46  TRP D N   1 
ATOM   1083 C CA  . TRP D 2 7  ? -19.324 -0.563  2.837   1.00 58.57  ? 46  TRP D CA  1 
ATOM   1084 C C   . TRP D 2 7  ? -19.162 0.937   3.048   1.00 62.48  ? 46  TRP D C   1 
ATOM   1085 O O   . TRP D 2 7  ? -19.852 1.532   3.876   1.00 59.94  ? 46  TRP D O   1 
ATOM   1086 C CB  . TRP D 2 7  ? -18.228 -1.330  3.583   1.00 55.56  ? 46  TRP D CB  1 
ATOM   1087 C CG  . TRP D 2 7  ? -18.277 -1.180  5.076   1.00 52.53  ? 46  TRP D CG  1 
ATOM   1088 C CD1 . TRP D 2 7  ? -19.044 -1.896  5.949   1.00 51.33  ? 46  TRP D CD1 1 
ATOM   1089 C CD2 . TRP D 2 7  ? -17.514 -0.262  5.870   1.00 44.93  ? 46  TRP D CD2 1 
ATOM   1090 N NE1 . TRP D 2 7  ? -18.809 -1.475  7.235   1.00 47.43  ? 46  TRP D NE1 1 
ATOM   1091 C CE2 . TRP D 2 7  ? -17.875 -0.475  7.214   1.00 46.11  ? 46  TRP D CE2 1 
ATOM   1092 C CE3 . TRP D 2 7  ? -16.564 0.718   5.574   1.00 48.90  ? 46  TRP D CE3 1 
ATOM   1093 C CZ2 . TRP D 2 7  ? -17.315 0.263   8.261   1.00 44.31  ? 46  TRP D CZ2 1 
ATOM   1094 C CZ3 . TRP D 2 7  ? -16.013 1.447   6.612   1.00 45.47  ? 46  TRP D CZ3 1 
ATOM   1095 C CH2 . TRP D 2 7  ? -16.388 1.216   7.939   1.00 48.42  ? 46  TRP D CH2 1 
ATOM   1096 N N   . ASP D 2 8  ? -18.253 1.544   2.289   1.00 57.55  ? 47  ASP D N   1 
ATOM   1097 C CA  . ASP D 2 8  ? -18.011 2.980   2.373   1.00 61.61  ? 47  ASP D CA  1 
ATOM   1098 C C   . ASP D 2 8  ? -19.250 3.791   2.004   1.00 65.76  ? 47  ASP D C   1 
ATOM   1099 O O   . ASP D 2 8  ? -19.535 4.815   2.621   1.00 61.26  ? 47  ASP D O   1 
ATOM   1100 C CB  . ASP D 2 8  ? -16.841 3.382   1.470   1.00 68.82  ? 47  ASP D CB  1 
ATOM   1101 C CG  . ASP D 2 8  ? -15.507 2.860   1.968   1.00 76.57  ? 47  ASP D CG  1 
ATOM   1102 O OD1 . ASP D 2 8  ? -15.377 2.623   3.187   1.00 77.98  ? 47  ASP D OD1 1 
ATOM   1103 O OD2 . ASP D 2 8  ? -14.587 2.694   1.141   1.00 76.43  ? 47  ASP D OD2 1 
ATOM   1104 N N   . LYS D 2 9  ? -19.984 3.326   0.999   1.00 70.13  ? 48  LYS D N   1 
ATOM   1105 C CA  . LYS D 2 9  ? -21.166 4.038   0.527   1.00 69.14  ? 48  LYS D CA  1 
ATOM   1106 C C   . LYS D 2 9  ? -22.288 4.029   1.559   1.00 67.42  ? 48  LYS D C   1 
ATOM   1107 O O   . LYS D 2 9  ? -22.880 5.068   1.844   1.00 67.17  ? 48  LYS D O   1 
ATOM   1108 C CB  . LYS D 2 9  ? -21.653 3.456   -0.801  1.00 67.10  ? 48  LYS D CB  1 
ATOM   1109 C CG  . LYS D 2 9  ? -20.667 3.636   -1.947  1.00 81.74  ? 48  LYS D CG  1 
ATOM   1110 C CD  . LYS D 2 9  ? -21.185 3.016   -3.236  1.00 90.76  ? 48  LYS D CD  1 
ATOM   1111 C CE  . LYS D 2 9  ? -20.193 3.204   -4.375  1.00 96.22  ? 48  LYS D CE  1 
ATOM   1112 N NZ  . LYS D 2 9  ? -20.660 2.570   -5.641  1.00 108.14 ? 48  LYS D NZ  1 
ATOM   1113 N N   . LYS D 2 10 ? -22.571 2.858   2.124   1.00 60.12  ? 49  LYS D N   1 
ATOM   1114 C CA  . LYS D 2 10 ? -23.632 2.724   3.118   1.00 62.98  ? 49  LYS D CA  1 
ATOM   1115 C C   . LYS D 2 10 ? -23.352 3.559   4.367   1.00 63.14  ? 49  LYS D C   1 
ATOM   1116 O O   . LYS D 2 10 ? -24.257 4.183   4.916   1.00 62.32  ? 49  LYS D O   1 
ATOM   1117 C CB  . LYS D 2 10 ? -23.835 1.257   3.502   1.00 66.41  ? 49  LYS D CB  1 
ATOM   1118 C CG  . LYS D 2 10 ? -24.256 0.356   2.352   1.00 71.47  ? 49  LYS D CG  1 
ATOM   1119 C CD  . LYS D 2 10 ? -24.625 -1.033  2.856   1.00 69.76  ? 49  LYS D CD  1 
ATOM   1120 C CE  . LYS D 2 10 ? -24.965 -1.976  1.712   1.00 74.13  ? 49  LYS D CE  1 
ATOM   1121 N NZ  . LYS D 2 10 ? -25.330 -3.332  2.207   1.00 79.62  ? 49  LYS D NZ  1 
ATOM   1122 N N   . ILE D 2 11 ? -22.095 3.566   4.805   1.00 60.66  ? 50  ILE D N   1 
ATOM   1123 C CA  . ILE D 2 11 ? -21.691 4.336   5.977   1.00 56.56  ? 50  ILE D CA  1 
ATOM   1124 C C   . ILE D 2 11 ? -21.931 5.832   5.777   1.00 62.93  ? 50  ILE D C   1 
ATOM   1125 O O   . ILE D 2 11 ? -22.576 6.479   6.601   1.00 72.67  ? 50  ILE D O   1 
ATOM   1126 C CB  . ILE D 2 11 ? -20.208 4.097   6.334   1.00 59.73  ? 50  ILE D CB  1 
ATOM   1127 C CG1 . ILE D 2 11 ? -20.002 2.669   6.840   1.00 52.57  ? 50  ILE D CG1 1 
ATOM   1128 C CG2 . ILE D 2 11 ? -19.745 5.090   7.387   1.00 49.65  ? 50  ILE D CG2 1 
ATOM   1129 C CD1 . ILE D 2 11 ? -20.682 2.386   8.164   1.00 56.49  ? 50  ILE D CD1 1 
ATOM   1130 N N   . GLU D 2 12 ? -21.417 6.374   4.677   1.00 65.01  ? 51  GLU D N   1 
ATOM   1131 C CA  . GLU D 2 12 ? -21.562 7.798   4.390   1.00 70.75  ? 51  GLU D CA  1 
ATOM   1132 C C   . GLU D 2 12 ? -23.011 8.229   4.185   1.00 68.18  ? 51  GLU D C   1 
ATOM   1133 O O   . GLU D 2 12 ? -23.393 9.329   4.577   1.00 69.53  ? 51  GLU D O   1 
ATOM   1134 C CB  . GLU D 2 12 ? -20.704 8.205   3.189   1.00 66.75  ? 51  GLU D CB  1 
ATOM   1135 C CG  . GLU D 2 12 ? -19.307 8.655   3.575   1.00 79.68  ? 51  GLU D CG  1 
ATOM   1136 C CD  . GLU D 2 12 ? -19.324 9.822   4.545   1.00 92.24  ? 51  GLU D CD  1 
ATOM   1137 O OE1 . GLU D 2 12 ? -18.562 9.789   5.534   1.00 87.09  ? 51  GLU D OE1 1 
ATOM   1138 O OE2 . GLU D 2 12 ? -20.101 10.773  4.317   1.00 94.64  ? 51  GLU D OE2 1 
ATOM   1139 N N   . GLU D 2 13 ? -23.814 7.362   3.576   1.00 63.47  ? 52  GLU D N   1 
ATOM   1140 C CA  . GLU D 2 13 ? -25.234 7.641   3.394   1.00 67.29  ? 52  GLU D CA  1 
ATOM   1141 C C   . GLU D 2 13 ? -25.947 7.718   4.740   1.00 68.93  ? 52  GLU D C   1 
ATOM   1142 O O   . GLU D 2 13 ? -26.752 8.618   4.976   1.00 69.08  ? 52  GLU D O   1 
ATOM   1143 C CB  . GLU D 2 13 ? -25.885 6.567   2.517   1.00 70.29  ? 52  GLU D CB  1 
ATOM   1144 C CG  . GLU D 2 13 ? -25.485 6.625   1.050   1.00 78.23  ? 52  GLU D CG  1 
ATOM   1145 C CD  . GLU D 2 13 ? -25.957 5.412   0.269   1.00 89.43  ? 52  GLU D CD  1 
ATOM   1146 O OE1 . GLU D 2 13 ? -25.526 5.246   -0.891  1.00 83.62  ? 52  GLU D OE1 1 
ATOM   1147 O OE2 . GLU D 2 13 ? -26.758 4.623   0.815   1.00 92.61  ? 52  GLU D OE2 1 
ATOM   1148 N N   . LEU D 2 14 ? -25.638 6.772   5.621   1.00 68.95  ? 53  LEU D N   1 
ATOM   1149 C CA  . LEU D 2 14 ? -26.268 6.706   6.935   1.00 64.46  ? 53  LEU D CA  1 
ATOM   1150 C C   . LEU D 2 14 ? -25.840 7.853   7.849   1.00 63.29  ? 53  LEU D C   1 
ATOM   1151 O O   . LEU D 2 14 ? -26.614 8.298   8.696   1.00 65.09  ? 53  LEU D O   1 
ATOM   1152 C CB  . LEU D 2 14 ? -25.973 5.362   7.603   1.00 59.94  ? 53  LEU D CB  1 
ATOM   1153 C CG  . LEU D 2 14 ? -26.698 4.141   7.040   1.00 60.77  ? 53  LEU D CG  1 
ATOM   1154 C CD1 . LEU D 2 14 ? -26.138 2.870   7.651   1.00 55.36  ? 53  LEU D CD1 1 
ATOM   1155 C CD2 . LEU D 2 14 ? -28.191 4.244   7.297   1.00 55.48  ? 53  LEU D CD2 1 
ATOM   1156 N N   . ILE D 2 15 ? -24.611 8.329   7.678   1.00 63.33  ? 54  ILE D N   1 
ATOM   1157 C CA  . ILE D 2 15 ? -24.115 9.443   8.481   1.00 66.32  ? 54  ILE D CA  1 
ATOM   1158 C C   . ILE D 2 15 ? -24.765 10.761  8.054   1.00 67.01  ? 54  ILE D C   1 
ATOM   1159 O O   . ILE D 2 15 ? -25.133 11.578  8.898   1.00 69.96  ? 54  ILE D O   1 
ATOM   1160 C CB  . ILE D 2 15 ? -22.574 9.551   8.429   1.00 69.64  ? 54  ILE D CB  1 
ATOM   1161 C CG1 . ILE D 2 15 ? -21.937 8.329   9.091   1.00 65.86  ? 54  ILE D CG1 1 
ATOM   1162 C CG2 . ILE D 2 15 ? -22.096 10.817  9.122   1.00 65.78  ? 54  ILE D CG2 1 
ATOM   1163 C CD1 . ILE D 2 15 ? -20.424 8.368   9.127   1.00 61.97  ? 54  ILE D CD1 1 
ATOM   1164 N N   . LYS D 2 16 ? -24.913 10.955  6.745   1.00 67.16  ? 55  LYS D N   1 
ATOM   1165 C CA  . LYS D 2 16 ? -25.602 12.128  6.214   1.00 72.70  ? 55  LYS D CA  1 
ATOM   1166 C C   . LYS D 2 16 ? -27.038 12.186  6.719   1.00 70.56  ? 55  LYS D C   1 
ATOM   1167 O O   . LYS D 2 16 ? -27.496 13.222  7.197   1.00 70.51  ? 55  LYS D O   1 
ATOM   1168 C CB  . LYS D 2 16 ? -25.596 12.108  4.683   1.00 66.42  ? 55  LYS D CB  1 
ATOM   1169 C CG  . LYS D 2 16 ? -24.228 12.321  4.059   1.00 79.55  ? 55  LYS D CG  1 
ATOM   1170 C CD  . LYS D 2 16 ? -24.247 11.986  2.574   1.00 84.70  ? 55  LYS D CD  1 
ATOM   1171 C CE  . LYS D 2 16 ? -22.846 11.999  1.986   1.00 85.69  ? 55  LYS D CE  1 
ATOM   1172 N NZ  . LYS D 2 16 ? -22.814 11.442  0.605   1.00 84.68  ? 55  LYS D NZ  1 
ATOM   1173 N N   . LYS D 2 17 ? -27.738 11.062  6.604   1.00 63.86  ? 56  LYS D N   1 
ATOM   1174 C CA  . LYS D 2 17 ? -29.112 10.942  7.080   1.00 66.84  ? 56  LYS D CA  1 
ATOM   1175 C C   . LYS D 2 17 ? -29.209 11.217  8.578   1.00 70.88  ? 56  LYS D C   1 
ATOM   1176 O O   . LYS D 2 17 ? -30.117 11.914  9.031   1.00 75.24  ? 56  LYS D O   1 
ATOM   1177 C CB  . LYS D 2 17 ? -29.653 9.546   6.766   1.00 68.51  ? 56  LYS D CB  1 
ATOM   1178 C CG  . LYS D 2 17 ? -30.920 9.171   7.519   1.00 67.44  ? 56  LYS D CG  1 
ATOM   1179 C CD  . LYS D 2 17 ? -31.251 7.701   7.314   1.00 78.28  ? 56  LYS D CD  1 
ATOM   1180 C CE  . LYS D 2 17 ? -32.367 7.243   8.240   1.00 87.57  ? 56  LYS D CE  1 
ATOM   1181 N NZ  . LYS D 2 17 ? -32.596 5.772   8.147   1.00 93.88  ? 56  LYS D NZ  1 
ATOM   1182 N N   . SER D 2 18 ? -28.265 10.672  9.338   1.00 66.48  ? 57  SER D N   1 
ATOM   1183 C CA  . SER D 2 18 ? -28.242 10.862  10.782  1.00 61.08  ? 57  SER D CA  1 
ATOM   1184 C C   . SER D 2 18 ? -28.010 12.327  11.146  1.00 63.98  ? 57  SER D C   1 
ATOM   1185 O O   . SER D 2 18 ? -28.614 12.842  12.084  1.00 69.39  ? 57  SER D O   1 
ATOM   1186 C CB  . SER D 2 18 ? -27.171 9.976   11.422  1.00 66.78  ? 57  SER D CB  1 
ATOM   1187 O OG  . SER D 2 18 ? -27.253 10.015  12.835  1.00 72.03  ? 57  SER D OG  1 
ATOM   1188 N N   . GLU D 2 19 ? -27.137 12.993  10.393  1.00 69.00  ? 58  GLU D N   1 
ATOM   1189 C CA  . GLU D 2 19 ? -26.847 14.407  10.622  1.00 69.58  ? 58  GLU D CA  1 
ATOM   1190 C C   . GLU D 2 19 ? -28.056 15.291  10.328  1.00 71.28  ? 58  GLU D C   1 
ATOM   1191 O O   . GLU D 2 19 ? -28.305 16.267  11.033  1.00 73.02  ? 58  GLU D O   1 
ATOM   1192 C CB  . GLU D 2 19 ? -25.653 14.857  9.773   1.00 68.15  ? 58  GLU D CB  1 
ATOM   1193 C CG  . GLU D 2 19 ? -24.302 14.359  10.265  1.00 79.10  ? 58  GLU D CG  1 
ATOM   1194 C CD  . GLU D 2 19 ? -23.168 14.727  9.326   1.00 91.33  ? 58  GLU D CD  1 
ATOM   1195 O OE1 . GLU D 2 19 ? -23.448 15.117  8.173   1.00 89.90  ? 58  GLU D OE1 1 
ATOM   1196 O OE2 . GLU D 2 19 ? -21.994 14.628  9.742   1.00 86.70  ? 58  GLU D OE2 1 
ATOM   1197 N N   . GLU D 2 20 ? -28.804 14.944  9.284   1.00 73.44  ? 59  GLU D N   1 
ATOM   1198 C CA  . GLU D 2 20 ? -29.978 15.716  8.887   1.00 80.17  ? 59  GLU D CA  1 
ATOM   1199 C C   . GLU D 2 20 ? -31.111 15.587  9.902   1.00 80.80  ? 59  GLU D C   1 
ATOM   1200 O O   . GLU D 2 20 ? -31.753 16.576  10.254  1.00 76.39  ? 59  GLU D O   1 
ATOM   1201 C CB  . GLU D 2 20 ? -30.459 15.284  7.497   1.00 79.59  ? 59  GLU D CB  1 
ATOM   1202 C CG  . GLU D 2 20 ? -29.494 15.622  6.368   1.00 85.39  ? 59  GLU D CG  1 
ATOM   1203 C CD  . GLU D 2 20 ? -29.928 15.043  5.034   1.00 96.35  ? 59  GLU D CD  1 
ATOM   1204 O OE1 . GLU D 2 20 ? -29.356 15.440  3.998   1.00 104.88 ? 59  GLU D OE1 1 
ATOM   1205 O OE2 . GLU D 2 20 ? -30.838 14.188  5.023   1.00 93.56  ? 59  GLU D OE2 1 
ATOM   1206 N N   . LEU D 2 21 ? -31.351 14.363  10.366  1.00 77.83  ? 60  LEU D N   1 
ATOM   1207 C CA  . LEU D 2 21 ? -32.391 14.101  11.357  1.00 71.27  ? 60  LEU D CA  1 
ATOM   1208 C C   . LEU D 2 21 ? -32.108 14.832  12.667  1.00 73.52  ? 60  LEU D C   1 
ATOM   1209 O O   . LEU D 2 21 ? -33.021 15.353  13.306  1.00 77.11  ? 60  LEU D O   1 
ATOM   1210 C CB  . LEU D 2 21 ? -32.529 12.597  11.605  1.00 62.39  ? 60  LEU D CB  1 
ATOM   1211 C CG  . LEU D 2 21 ? -33.117 11.768  10.462  1.00 67.54  ? 60  LEU D CG  1 
ATOM   1212 C CD1 . LEU D 2 21 ? -33.009 10.284  10.766  1.00 66.73  ? 60  LEU D CD1 1 
ATOM   1213 C CD2 . LEU D 2 21 ? -34.565 12.155  10.213  1.00 70.15  ? 60  LEU D CD2 1 
ATOM   1214 N N   . ILE D 2 22 ? -30.838 14.872  13.057  1.00 74.07  ? 61  ILE D N   1 
ATOM   1215 C CA  . ILE D 2 22 ? -30.419 15.590  14.256  1.00 77.66  ? 61  ILE D CA  1 
ATOM   1216 C C   . ILE D 2 22 ? -30.693 17.088  14.113  1.00 78.82  ? 61  ILE D C   1 
ATOM   1217 O O   . ILE D 2 22 ? -31.095 17.749  15.070  1.00 81.98  ? 61  ILE D O   1 
ATOM   1218 C CB  . ILE D 2 22 ? -28.923 15.341  14.568  1.00 74.37  ? 61  ILE D CB  1 
ATOM   1219 C CG1 . ILE D 2 22 ? -28.713 13.902  15.046  1.00 69.92  ? 61  ILE D CG1 1 
ATOM   1220 C CG2 . ILE D 2 22 ? -28.411 16.307  15.622  1.00 66.68  ? 61  ILE D CG2 1 
ATOM   1221 C CD1 . ILE D 2 22 ? -27.265 13.546  15.300  1.00 67.60  ? 61  ILE D CD1 1 
ATOM   1222 N N   . LYS D 2 23 ? -30.495 17.612  12.908  1.00 83.05  ? 62  LYS D N   1 
ATOM   1223 C CA  . LYS D 2 23 ? -30.722 19.030  12.648  1.00 85.53  ? 62  LYS D CA  1 
ATOM   1224 C C   . LYS D 2 23 ? -32.206 19.342  12.456  1.00 86.17  ? 62  LYS D C   1 
ATOM   1225 O O   . LYS D 2 23 ? -32.625 20.489  12.594  1.00 89.98  ? 62  LYS D O   1 
ATOM   1226 C CB  . LYS D 2 23 ? -29.901 19.496  11.444  1.00 81.12  ? 62  LYS D CB  1 
ATOM   1227 C CG  . LYS D 2 23 ? -28.981 20.669  11.750  1.00 86.22  ? 62  LYS D CG  1 
ATOM   1228 C CD  . LYS D 2 23 ? -27.704 20.607  10.925  1.00 92.69  ? 62  LYS D CD  1 
ATOM   1229 C CE  . LYS D 2 23 ? -26.892 19.365  11.266  1.00 95.98  ? 62  LYS D CE  1 
ATOM   1230 N NZ  . LYS D 2 23 ? -25.614 19.299  10.503  1.00 96.03  ? 62  LYS D NZ  1 
ATOM   1231 N N   . LYS D 2 24 ? -32.993 18.318  12.135  1.00 80.44  ? 63  LYS D N   1 
ATOM   1232 C CA  . LYS D 2 24 ? -34.445 18.443  12.107  1.00 76.39  ? 63  LYS D CA  1 
ATOM   1233 C C   . LYS D 2 24 ? -34.928 18.673  13.533  1.00 86.39  ? 63  LYS D C   1 
ATOM   1234 O O   . LYS D 2 24 ? -35.678 19.607  13.812  1.00 85.77  ? 63  LYS D O   1 
ATOM   1235 C CB  . LYS D 2 24 ? -35.077 17.161  11.560  1.00 79.07  ? 63  LYS D CB  1 
ATOM   1236 C CG  . LYS D 2 24 ? -35.709 17.285  10.182  1.00 81.49  ? 63  LYS D CG  1 
ATOM   1237 C CD  . LYS D 2 24 ? -36.259 15.940  9.720   1.00 86.04  ? 63  LYS D CD  1 
ATOM   1238 C CE  . LYS D 2 24 ? -37.100 16.073  8.460   1.00 82.01  ? 63  LYS D CE  1 
ATOM   1239 N NZ  . LYS D 2 24 ? -36.347 16.709  7.345   1.00 85.70  ? 63  LYS D NZ  1 
ATOM   1240 N N   . ILE D 2 25 ? -34.473 17.801  14.426  1.00 86.01  ? 64  ILE D N   1 
ATOM   1241 C CA  . ILE D 2 25 ? -34.810 17.854  15.842  1.00 81.89  ? 64  ILE D CA  1 
ATOM   1242 C C   . ILE D 2 25 ? -34.367 19.162  16.493  1.00 85.32  ? 64  ILE D C   1 
ATOM   1243 O O   . ILE D 2 25 ? -35.127 19.784  17.236  1.00 87.75  ? 64  ILE D O   1 
ATOM   1244 C CB  . ILE D 2 25 ? -34.157 16.675  16.588  1.00 75.96  ? 64  ILE D CB  1 
ATOM   1245 C CG1 . ILE D 2 25 ? -34.677 15.345  16.035  1.00 73.88  ? 64  ILE D CG1 1 
ATOM   1246 C CG2 . ILE D 2 25 ? -34.403 16.776  18.083  1.00 72.01  ? 64  ILE D CG2 1 
ATOM   1247 C CD1 . ILE D 2 25 ? -33.760 14.172  16.304  1.00 73.36  ? 64  ILE D CD1 1 
ATOM   1248 N N   . GLU D 2 26 ? -33.138 19.577  16.201  1.00 81.29  ? 65  GLU D N   1 
ATOM   1249 C CA  . GLU D 2 26 ? -32.557 20.770  16.813  1.00 90.76  ? 65  GLU D CA  1 
ATOM   1250 C C   . GLU D 2 26 ? -33.325 22.046  16.471  1.00 98.01  ? 65  GLU D C   1 
ATOM   1251 O O   . GLU D 2 26 ? -33.266 23.029  17.209  1.00 100.33 ? 65  GLU D O   1 
ATOM   1252 C CB  . GLU D 2 26 ? -31.082 20.910  16.418  1.00 92.31  ? 65  GLU D CB  1 
ATOM   1253 C CG  . GLU D 2 26 ? -30.122 20.927  17.599  1.00 94.44  ? 65  GLU D CG  1 
ATOM   1254 C CD  . GLU D 2 26 ? -28.668 21.014  17.175  1.00 97.87  ? 65  GLU D CD  1 
ATOM   1255 O OE1 . GLU D 2 26 ? -28.398 20.973  15.957  1.00 94.14  ? 65  GLU D OE1 1 
ATOM   1256 O OE2 . GLU D 2 26 ? -27.795 21.122  18.061  1.00 99.02  ? 65  GLU D OE2 1 
ATOM   1257 N N   . GLU D 2 27 ? -34.041 22.029  15.350  1.00 92.69  ? 66  GLU D N   1 
ATOM   1258 C CA  . GLU D 2 27 ? -34.853 23.171  14.945  1.00 96.64  ? 66  GLU D CA  1 
ATOM   1259 C C   . GLU D 2 27 ? -36.182 23.193  15.694  1.00 98.89  ? 66  GLU D C   1 
ATOM   1260 O O   . GLU D 2 27 ? -36.578 24.222  16.241  1.00 100.31 ? 66  GLU D O   1 
ATOM   1261 C CB  . GLU D 2 27 ? -35.105 23.145  13.436  1.00 94.79  ? 66  GLU D CB  1 
ATOM   1262 C CG  . GLU D 2 27 ? -33.872 23.417  12.589  1.00 101.09 ? 66  GLU D CG  1 
ATOM   1263 C CD  . GLU D 2 27 ? -34.128 23.212  11.109  1.00 108.82 ? 66  GLU D CD  1 
ATOM   1264 O OE1 . GLU D 2 27 ? -35.264 22.840  10.747  1.00 112.25 ? 66  GLU D OE1 1 
ATOM   1265 O OE2 . GLU D 2 27 ? -33.194 23.422  10.306  1.00 109.47 ? 66  GLU D OE2 1 
ATOM   1266 N N   . GLN D 2 28 ? -36.862 22.049  15.713  1.00 92.95  ? 67  GLN D N   1 
ATOM   1267 C CA  . GLN D 2 28 ? -38.160 21.913  16.370  1.00 85.67  ? 67  GLN D CA  1 
ATOM   1268 C C   . GLN D 2 28 ? -38.103 22.298  17.848  1.00 93.13  ? 67  GLN D C   1 
ATOM   1269 O O   . GLN D 2 28 ? -39.028 22.920  18.370  1.00 99.47  ? 67  GLN D O   1 
ATOM   1270 C CB  . GLN D 2 28 ? -38.681 20.480  16.214  1.00 87.62  ? 67  GLN D CB  1 
ATOM   1271 C CG  . GLN D 2 28 ? -38.960 20.064  14.775  1.00 93.73  ? 67  GLN D CG  1 
ATOM   1272 C CD  . GLN D 2 28 ? -39.067 18.558  14.612  1.00 104.54 ? 67  GLN D CD  1 
ATOM   1273 O OE1 . GLN D 2 28 ? -38.340 17.801  15.252  1.00 100.46 ? 67  GLN D OE1 1 
ATOM   1274 N NE2 . GLN D 2 28 ? -39.979 18.117  13.753  1.00 107.79 ? 67  GLN D NE2 1 
ATOM   1275 N N   . ILE D 2 29 ? -37.015 21.927  18.514  1.00 95.39  ? 68  ILE D N   1 
ATOM   1276 C CA  . ILE D 2 29 ? -36.816 22.274  19.916  1.00 92.66  ? 68  ILE D CA  1 
ATOM   1277 C C   . ILE D 2 29 ? -36.654 23.786  20.073  1.00 99.07  ? 68  ILE D C   1 
ATOM   1278 O O   . ILE D 2 29 ? -37.167 24.381  21.021  1.00 106.15 ? 68  ILE D O   1 
ATOM   1279 C CB  . ILE D 2 29 ? -35.591 21.548  20.512  1.00 88.75  ? 68  ILE D CB  1 
ATOM   1280 C CG1 . ILE D 2 29 ? -35.772 20.032  20.416  1.00 88.25  ? 68  ILE D CG1 1 
ATOM   1281 C CG2 . ILE D 2 29 ? -35.368 21.956  21.959  1.00 88.74  ? 68  ILE D CG2 1 
ATOM   1282 C CD1 . ILE D 2 29 ? -34.615 19.243  20.988  1.00 90.30  ? 68  ILE D CD1 1 
ATOM   1283 N N   . LYS D 2 30 ? -35.946 24.402  19.132  1.00 101.33 ? 69  LYS D N   1 
ATOM   1284 C CA  . LYS D 2 30 ? -35.775 25.850  19.131  1.00 101.88 ? 69  LYS D CA  1 
ATOM   1285 C C   . LYS D 2 30 ? -37.011 26.545  18.574  1.00 105.16 ? 69  LYS D C   1 
ATOM   1286 O O   . LYS D 2 30 ? -37.315 27.679  18.944  1.00 103.48 ? 69  LYS D O   1 
ATOM   1287 C CB  . LYS D 2 30 ? -34.533 26.253  18.332  1.00 104.04 ? 69  LYS D CB  1 
ATOM   1288 C CG  . LYS D 2 30 ? -33.225 25.788  18.949  1.00 117.65 ? 69  LYS D CG  1 
ATOM   1289 C CD  . LYS D 2 30 ? -32.026 26.362  18.210  1.00 134.27 ? 69  LYS D CD  1 
ATOM   1290 C CE  . LYS D 2 30 ? -30.721 25.937  18.866  1.00 145.08 ? 69  LYS D CE  1 
ATOM   1291 N NZ  . LYS D 2 30 ? -29.535 26.550  18.205  1.00 153.14 ? 69  LYS D NZ  1 
ATOM   1292 N N   . LYS D 2 31 ? -37.724 25.859  17.684  1.00 104.08 ? 70  LYS D N   1 
ATOM   1293 C CA  . LYS D 2 31 ? -38.977 26.376  17.145  1.00 97.81  ? 70  LYS D CA  1 
ATOM   1294 C C   . LYS D 2 31 ? -40.035 26.392  18.242  1.00 106.77 ? 70  LYS D C   1 
ATOM   1295 O O   . LYS D 2 31 ? -41.046 27.088  18.139  1.00 108.94 ? 70  LYS D O   1 
ATOM   1296 C CB  . LYS D 2 31 ? -39.449 25.536  15.954  1.00 99.57  ? 70  LYS D CB  1 
ATOM   1297 C CG  . LYS D 2 31 ? -40.669 26.096  15.234  1.00 103.15 ? 70  LYS D CG  1 
ATOM   1298 C CD  . LYS D 2 31 ? -41.086 25.219  14.065  1.00 104.04 ? 70  LYS D CD  1 
ATOM   1299 C CE  . LYS D 2 31 ? -42.390 25.704  13.449  1.00 109.03 ? 70  LYS D CE  1 
ATOM   1300 N NZ  . LYS D 2 31 ? -42.320 27.134  13.039  1.00 115.89 ? 70  LYS D NZ  1 
ATOM   1301 N N   . GLN D 2 32 ? -39.784 25.640  19.309  1.00 106.49 ? 71  GLN D N   1 
ATOM   1302 C CA  . GLN D 2 32 ? -40.665 25.632  20.471  1.00 101.26 ? 71  GLN D CA  1 
ATOM   1303 C C   . GLN D 2 32 ? -40.528 26.925  21.274  1.00 103.98 ? 71  GLN D C   1 
ATOM   1304 O O   . GLN D 2 32 ? -40.433 26.894  22.500  1.00 100.73 ? 71  GLN D O   1 
ATOM   1305 C CB  . GLN D 2 32 ? -40.362 24.428  21.367  1.00 101.36 ? 71  GLN D CB  1 
ATOM   1306 C CG  . GLN D 2 32 ? -41.571 23.567  21.697  1.00 97.82  ? 71  GLN D CG  1 
ATOM   1307 C CD  . GLN D 2 32 ? -42.073 22.781  20.502  1.00 93.74  ? 71  GLN D CD  1 
ATOM   1308 O OE1 . GLN D 2 32 ? -42.858 23.283  19.698  1.00 97.69  ? 71  GLN D OE1 1 
ATOM   1309 N NE2 . GLN D 2 32 ? -41.621 21.539  20.380  1.00 98.45  ? 71  GLN D NE2 1 
ATOM   1310 N N   . GLU D 2 33 ? -40.512 28.056  20.575  1.00 110.07 ? 72  GLU D N   1 
ATOM   1311 C CA  . GLU D 2 33 ? -40.479 29.361  21.219  1.00 112.09 ? 72  GLU D CA  1 
ATOM   1312 C C   . GLU D 2 33 ? -41.878 29.964  21.157  1.00 117.07 ? 72  GLU D C   1 
ATOM   1313 O O   . GLU D 2 33 ? -42.068 31.170  21.307  1.00 117.35 ? 72  GLU D O   1 
ATOM   1314 C CB  . GLU D 2 33 ? -39.441 30.270  20.557  1.00 108.15 ? 72  GLU D CB  1 
ATOM   1315 C CG  . GLU D 2 33 ? -39.041 31.479  21.397  1.00 112.07 ? 72  GLU D CG  1 
ATOM   1316 C CD  . GLU D 2 33 ? -39.199 31.233  22.886  1.00 118.76 ? 72  GLU D CD  1 
ATOM   1317 O OE1 . GLU D 2 33 ? -40.125 31.818  23.489  1.00 118.96 ? 72  GLU D OE1 1 
ATOM   1318 O OE2 . GLU D 2 33 ? -38.403 30.458  23.456  1.00 122.32 ? 72  GLU D OE2 1 
ATOM   1319 N N   . GLU D 2 34 ? -42.824 29.074  20.875  1.00 116.09 ? 73  GLU D N   1 
ATOM   1320 C CA  . GLU D 2 34 ? -44.230 29.373  20.936  1.00 116.82 ? 73  GLU D CA  1 
ATOM   1321 C C   . GLU D 2 34 ? -44.579 29.439  22.407  1.00 119.00 ? 73  GLU D C   1 
ATOM   1322 O O   . GLU D 2 34 ? -45.662 29.043  22.825  1.00 118.06 ? 73  GLU D O   1 
ATOM   1323 C CB  . GLU D 2 34 ? -45.042 28.286  20.237  1.00 113.82 ? 73  GLU D CB  1 
ATOM   1324 C CG  . GLU D 2 34 ? -44.552 26.871  20.483  1.00 118.78 ? 73  GLU D CG  1 
ATOM   1325 C CD  . GLU D 2 34 ? -45.426 26.073  21.439  1.00 126.08 ? 73  GLU D CD  1 
ATOM   1326 O OE1 . GLU D 2 34 ? -46.662 26.249  21.436  1.00 127.66 ? 73  GLU D OE1 1 
ATOM   1327 O OE2 . GLU D 2 34 ? -44.872 25.257  22.203  1.00 118.54 ? 73  GLU D OE2 1 
ATOM   1328 N N   . SER D 2 35 ? -43.639 29.954  23.187  1.00 113.30 ? 74  SER D N   1 
ATOM   1329 C CA  . SER D 2 35 ? -43.800 30.027  24.620  1.00 107.65 ? 74  SER D CA  1 
ATOM   1330 C C   . SER D 2 35 ? -42.610 30.717  25.269  1.00 108.43 ? 74  SER D C   1 
ATOM   1331 O O   . SER D 2 35 ? -42.140 30.294  26.319  1.00 103.82 ? 74  SER D O   1 
ATOM   1332 C CB  . SER D 2 35 ? -44.007 28.629  25.192  1.00 20.00  ? 74  SER D CB  1 
ATOM   1333 O OG  . SER D 2 35 ? -42.790 28.040  25.582  1.00 20.00  ? 74  SER D OG  1 
HETATM 1334 S S   . SO4 E 3 .  ? -3.115  -6.447  -5.260  1.00 79.66  ? 201 SO4 A S   1 
HETATM 1335 O O1  . SO4 E 3 .  ? -2.656  -7.795  -5.657  1.00 72.02  ? 201 SO4 A O1  1 
HETATM 1336 O O2  . SO4 E 3 .  ? -2.149  -5.860  -4.311  1.00 79.45  ? 201 SO4 A O2  1 
HETATM 1337 O O3  . SO4 E 3 .  ? -4.441  -6.534  -4.609  1.00 62.49  ? 201 SO4 A O3  1 
HETATM 1338 O O4  . SO4 E 3 .  ? -3.196  -5.592  -6.463  1.00 76.92  ? 201 SO4 A O4  1 
HETATM 1339 C C1  . EDO F 4 .  ? -1.715  2.669   -1.106  1.00 50.93  ? 202 EDO A C1  1 
HETATM 1340 O O1  . EDO F 4 .  ? -3.110  2.346   -1.118  1.00 57.16  ? 202 EDO A O1  1 
HETATM 1341 C C2  . EDO F 4 .  ? -0.951  1.630   -1.916  1.00 53.62  ? 202 EDO A C2  1 
HETATM 1342 O O2  . EDO F 4 .  ? 0.416   2.031   -2.043  1.00 52.54  ? 202 EDO A O2  1 
HETATM 1343 C C8  . P4G G 5 .  ? -0.408  10.287  -0.914  1.00 57.18  ? 203 P4G A C8  1 
HETATM 1344 C C7  . P4G G 5 .  ? 0.616   10.186  -2.023  1.00 61.87  ? 203 P4G A C7  1 
HETATM 1345 O O4  . P4G G 5 .  ? 0.322   9.065   -2.855  1.00 69.75  ? 203 P4G A O4  1 
HETATM 1346 C C6  . P4G G 5 .  ? 1.226   7.987   -2.631  1.00 63.31  ? 203 P4G A C6  1 
HETATM 1347 C C5  . P4G G 5 .  ? 1.221   7.052   -3.836  1.00 61.63  ? 203 P4G A C5  1 
HETATM 1348 O O3  . P4G G 5 .  ? 2.405   6.256   -3.833  1.00 72.64  ? 203 P4G A O3  1 
HETATM 1349 C C4  . P4G G 5 .  ? 3.574   7.036   -4.088  1.00 61.68  ? 203 P4G A C4  1 
HETATM 1350 C C3  . P4G G 5 .  ? 4.587   6.830   -2.968  1.00 73.79  ? 203 P4G A C3  1 
HETATM 1351 O O2  . P4G G 5 .  ? 5.700   7.700   -3.159  1.00 79.39  ? 203 P4G A O2  1 
HETATM 1352 C C2  . P4G G 5 .  ? 6.514   7.791   -1.991  1.00 79.52  ? 203 P4G A C2  1 
HETATM 1353 C C1  . P4G G 5 .  ? 5.745   8.492   -0.890  1.00 85.29  ? 203 P4G A C1  1 
HETATM 1354 O O   . HOH H 6 .  ? -5.789  -4.895  -3.917  1.00 67.41  ? 301 HOH A O   1 
HETATM 1355 O O   . HOH H 6 .  ? 13.988  2.854   -5.619  1.00 55.89  ? 302 HOH A O   1 
HETATM 1356 O O   . HOH H 6 .  ? 45.058  -6.873  -16.030 1.00 76.43  ? 303 HOH A O   1 
HETATM 1357 O O   . HOH H 6 .  ? -1.320  -6.765  -7.226  1.00 63.38  ? 304 HOH A O   1 
HETATM 1358 O O   . HOH H 6 .  ? 28.347  -8.382  -21.663 0.33 59.59  ? 305 HOH A O   1 
HETATM 1359 O O   . HOH H 6 .  ? 42.043  -15.715 -26.735 0.33 78.69  ? 306 HOH A O   1 
HETATM 1360 O O   . HOH H 6 .  ? -0.652  -0.092  -15.122 1.00 42.51  ? 307 HOH A O   1 
HETATM 1361 O O   . HOH H 6 .  ? 19.305  -9.842  -7.761  1.00 72.52  ? 308 HOH A O   1 
HETATM 1362 O O   . HOH H 6 .  ? 10.460  -5.383  -7.833  1.00 46.50  ? 309 HOH A O   1 
HETATM 1363 O O   . HOH H 6 .  ? 2.269   0.149   -1.505  1.00 44.79  ? 310 HOH A O   1 
HETATM 1364 O O   . HOH H 6 .  ? 5.234   -2.084  -4.089  1.00 45.32  ? 311 HOH A O   1 
HETATM 1365 O O   . HOH H 6 .  ? 2.774   -2.057  -3.130  1.00 43.91  ? 312 HOH A O   1 
HETATM 1366 O O   . HOH H 6 .  ? 6.733   -6.659  -6.477  1.00 45.31  ? 313 HOH A O   1 
HETATM 1367 O O   . HOH H 6 .  ? 21.170  -6.318  -8.084  1.00 64.97  ? 314 HOH A O   1 
HETATM 1368 O O   . HOH H 6 .  ? -5.401  1.044   1.161   1.00 42.00  ? 315 HOH A O   1 
HETATM 1369 O O   . HOH H 6 .  ? 3.657   -7.594  -10.346 1.00 49.77  ? 316 HOH A O   1 
HETATM 1370 O O   . HOH H 6 .  ? -5.171  9.566   -0.256  1.00 66.89  ? 317 HOH A O   1 
HETATM 1371 O O   . HOH H 6 .  ? -1.199  -2.301  -16.698 1.00 58.04  ? 318 HOH A O   1 
HETATM 1372 O O   . HOH H 6 .  ? 6.883   -0.261  -2.236  1.00 57.18  ? 319 HOH A O   1 
HETATM 1373 O O   . HOH I 6 .  ? 4.870   -6.161  -14.837 1.00 54.43  ? 101 HOH B O   1 
HETATM 1374 O O   . HOH I 6 .  ? 14.331  -17.248 -20.813 1.00 67.74  ? 102 HOH B O   1 
HETATM 1375 O O   . HOH J 6 .  ? 3.617   -8.811  -5.884  1.00 60.19  ? 201 HOH C O   1 
HETATM 1376 O O   . HOH J 6 .  ? 5.249   -4.926  -1.352  1.00 59.43  ? 202 HOH C O   1 
HETATM 1377 O O   . HOH J 6 .  ? -3.904  5.070   11.149  1.00 60.67  ? 203 HOH C O   1 
HETATM 1378 O O   . HOH J 6 .  ? -5.439  -12.057 5.513   1.00 40.88  ? 204 HOH C O   1 
HETATM 1379 O O   . HOH J 6 .  ? 2.745   -3.105  1.334   1.00 44.89  ? 205 HOH C O   1 
HETATM 1380 O O   . HOH J 6 .  ? -9.619  1.538   4.124   1.00 51.36  ? 206 HOH C O   1 
HETATM 1381 O O   . HOH J 6 .  ? -9.747  -4.650  0.443   1.00 43.91  ? 207 HOH C O   1 
HETATM 1382 O O   . HOH J 6 .  ? -1.508  -1.043  0.517   1.00 41.61  ? 208 HOH C O   1 
HETATM 1383 O O   . HOH J 6 .  ? -7.930  0.184   1.095   1.00 51.87  ? 209 HOH C O   1 
HETATM 1384 O O   . HOH J 6 .  ? -14.582 8.465   7.731   1.00 65.10  ? 210 HOH C O   1 
HETATM 1385 O O   . HOH J 6 .  ? 6.634   -4.637  -4.371  1.00 46.44  ? 211 HOH C O   1 
HETATM 1386 O O   . HOH J 6 .  ? 5.799   -8.215  -6.852  1.00 60.11  ? 212 HOH C O   1 
HETATM 1387 O O   . HOH J 6 .  ? -7.560  -13.280 4.500   1.00 61.42  ? 213 HOH C O   1 
HETATM 1388 O O   . HOH J 6 .  ? 4.651   -3.376  -0.052  1.00 51.48  ? 214 HOH C O   1 
HETATM 1389 O O   . HOH J 6 .  ? -0.490  4.818   12.003  1.00 59.40  ? 215 HOH C O   1 
HETATM 1390 O O   . HOH K 6 .  ? -11.968 -7.265  4.101   1.00 55.84  ? 101 HOH D O   1 
# 
